data_3D84
# 
_entry.id   3D84 
# 
_audit_conform.dict_name       mmcif_pdbx.dic 
_audit_conform.dict_version    5.377 
_audit_conform.dict_location   http://mmcif.pdb.org/dictionaries/ascii/mmcif_pdbx.dic 
# 
loop_
_database_2.database_id 
_database_2.database_code 
_database_2.pdbx_database_accession 
_database_2.pdbx_DOI 
PDB   3D84         pdb_00003d84 10.2210/pdb3d84/pdb 
RCSB  RCSB047711   ?            ?                   
WWPDB D_1000047711 ?            ?                   
# 
loop_
_pdbx_database_related.db_name 
_pdbx_database_related.db_id 
_pdbx_database_related.details 
_pdbx_database_related.content_type 
PDB 2FZJ 'mouse DHFR' unspecified 
PDB 3D7X .            unspecified 
PDB 3D7Y .            unspecified 
PDB 3D80 .            unspecified 
# 
_pdbx_database_status.status_code                     REL 
_pdbx_database_status.entry_id                        3D84 
_pdbx_database_status.recvd_initial_deposition_date   2008-05-22 
_pdbx_database_status.deposit_site                    RCSB 
_pdbx_database_status.process_site                    RCSB 
_pdbx_database_status.status_code_sf                  REL 
_pdbx_database_status.status_code_mr                  ? 
_pdbx_database_status.SG_entry                        ? 
_pdbx_database_status.status_code_cs                  ? 
_pdbx_database_status.methods_development_category    ? 
_pdbx_database_status.pdb_format_compatible           Y 
_pdbx_database_status.status_code_nmr_data            ? 
# 
_audit_author.name           'Cody, V.' 
_audit_author.pdbx_ordinal   1 
# 
_citation.id                        primary 
_citation.title                     
;Structural analysis of a holoenzyme complex of mouse dihydrofolate reductase with NADPH and a ternary complex with the potent and selective inhibitor 2,4-diamino-6-(2'-hydroxydibenz[b,f]azepin-5-yl)methylpteridine.
;
_citation.journal_abbrev            'Acta Crystallogr.,Sect.D' 
_citation.journal_volume            64 
_citation.page_first                977 
_citation.page_last                 984 
_citation.year                      2008 
_citation.journal_id_ASTM           ABCRE6 
_citation.country                   DK 
_citation.journal_id_ISSN           0907-4449 
_citation.journal_id_CSD            0766 
_citation.book_publisher            ? 
_citation.pdbx_database_id_PubMed   18703847 
_citation.pdbx_database_id_DOI      10.1107/S0907444908022348 
# 
loop_
_citation_author.citation_id 
_citation_author.name 
_citation_author.ordinal 
_citation_author.identifier_ORCID 
primary 'Cody, V.'     1 ? 
primary 'Pace, J.'     2 ? 
primary 'Rosowsky, A.' 3 ? 
# 
_cell.entry_id           3D84 
_cell.length_a           41.226 
_cell.length_b           61.172 
_cell.length_c           43.150 
_cell.angle_alpha        90.00 
_cell.angle_beta         118.26 
_cell.angle_gamma        90.00 
_cell.Z_PDB              2 
_cell.pdbx_unique_axis   ? 
_cell.length_a_esd       ? 
_cell.length_b_esd       ? 
_cell.length_c_esd       ? 
_cell.angle_alpha_esd    ? 
_cell.angle_beta_esd     ? 
_cell.angle_gamma_esd    ? 
# 
_symmetry.entry_id                         3D84 
_symmetry.space_group_name_H-M             'P 1 21 1' 
_symmetry.pdbx_full_space_group_name_H-M   ? 
_symmetry.cell_setting                     ? 
_symmetry.Int_Tables_number                4 
_symmetry.space_group_name_Hall            ? 
# 
loop_
_entity.id 
_entity.type 
_entity.src_method 
_entity.pdbx_description 
_entity.formula_weight 
_entity.pdbx_number_of_molecules 
_entity.pdbx_ec 
_entity.pdbx_mutation 
_entity.pdbx_fragment 
_entity.details 
1 polymer     man 'Dihydrofolate reductase'                                   21503.844 1  1.5.1.3 ? ? ? 
2 non-polymer syn 'NADPH DIHYDRO-NICOTINAMIDE-ADENINE-DINUCLEOTIDE PHOSPHATE' 745.421   1  ?       ? ? ? 
3 non-polymer syn GLYCEROL                                                    92.094    2  ?       ? ? ? 
4 water       nat water                                                       18.015    83 ?       ? ? ? 
# 
_entity_poly.entity_id                      1 
_entity_poly.type                           'polypeptide(L)' 
_entity_poly.nstd_linkage                   no 
_entity_poly.nstd_monomer                   no 
_entity_poly.pdbx_seq_one_letter_code       
;VRPLNCIVAVSQNMGIGKNGDLPWPPLRNEFKYFQRMTTTSSVEGKQNLVIMGRKTWFSIPEKNRPLKDRINIVLSRELK
EPPRGAHFLAKSLDDALRLIEQPELASKVDMVWIVGGSSVYQEAMNQPGHLRLFVTRIMQEFESDTFFPEIDLGKYKLLP
EYPGVLSEVQEEKGIKYKFEVYEKKD
;
_entity_poly.pdbx_seq_one_letter_code_can   
;VRPLNCIVAVSQNMGIGKNGDLPWPPLRNEFKYFQRMTTTSSVEGKQNLVIMGRKTWFSIPEKNRPLKDRINIVLSRELK
EPPRGAHFLAKSLDDALRLIEQPELASKVDMVWIVGGSSVYQEAMNQPGHLRLFVTRIMQEFESDTFFPEIDLGKYKLLP
EYPGVLSEVQEEKGIKYKFEVYEKKD
;
_entity_poly.pdbx_strand_id                 X 
_entity_poly.pdbx_target_identifier         ? 
# 
loop_
_entity_poly_seq.entity_id 
_entity_poly_seq.num 
_entity_poly_seq.mon_id 
_entity_poly_seq.hetero 
1 1   VAL n 
1 2   ARG n 
1 3   PRO n 
1 4   LEU n 
1 5   ASN n 
1 6   CYS n 
1 7   ILE n 
1 8   VAL n 
1 9   ALA n 
1 10  VAL n 
1 11  SER n 
1 12  GLN n 
1 13  ASN n 
1 14  MET n 
1 15  GLY n 
1 16  ILE n 
1 17  GLY n 
1 18  LYS n 
1 19  ASN n 
1 20  GLY n 
1 21  ASP n 
1 22  LEU n 
1 23  PRO n 
1 24  TRP n 
1 25  PRO n 
1 26  PRO n 
1 27  LEU n 
1 28  ARG n 
1 29  ASN n 
1 30  GLU n 
1 31  PHE n 
1 32  LYS n 
1 33  TYR n 
1 34  PHE n 
1 35  GLN n 
1 36  ARG n 
1 37  MET n 
1 38  THR n 
1 39  THR n 
1 40  THR n 
1 41  SER n 
1 42  SER n 
1 43  VAL n 
1 44  GLU n 
1 45  GLY n 
1 46  LYS n 
1 47  GLN n 
1 48  ASN n 
1 49  LEU n 
1 50  VAL n 
1 51  ILE n 
1 52  MET n 
1 53  GLY n 
1 54  ARG n 
1 55  LYS n 
1 56  THR n 
1 57  TRP n 
1 58  PHE n 
1 59  SER n 
1 60  ILE n 
1 61  PRO n 
1 62  GLU n 
1 63  LYS n 
1 64  ASN n 
1 65  ARG n 
1 66  PRO n 
1 67  LEU n 
1 68  LYS n 
1 69  ASP n 
1 70  ARG n 
1 71  ILE n 
1 72  ASN n 
1 73  ILE n 
1 74  VAL n 
1 75  LEU n 
1 76  SER n 
1 77  ARG n 
1 78  GLU n 
1 79  LEU n 
1 80  LYS n 
1 81  GLU n 
1 82  PRO n 
1 83  PRO n 
1 84  ARG n 
1 85  GLY n 
1 86  ALA n 
1 87  HIS n 
1 88  PHE n 
1 89  LEU n 
1 90  ALA n 
1 91  LYS n 
1 92  SER n 
1 93  LEU n 
1 94  ASP n 
1 95  ASP n 
1 96  ALA n 
1 97  LEU n 
1 98  ARG n 
1 99  LEU n 
1 100 ILE n 
1 101 GLU n 
1 102 GLN n 
1 103 PRO n 
1 104 GLU n 
1 105 LEU n 
1 106 ALA n 
1 107 SER n 
1 108 LYS n 
1 109 VAL n 
1 110 ASP n 
1 111 MET n 
1 112 VAL n 
1 113 TRP n 
1 114 ILE n 
1 115 VAL n 
1 116 GLY n 
1 117 GLY n 
1 118 SER n 
1 119 SER n 
1 120 VAL n 
1 121 TYR n 
1 122 GLN n 
1 123 GLU n 
1 124 ALA n 
1 125 MET n 
1 126 ASN n 
1 127 GLN n 
1 128 PRO n 
1 129 GLY n 
1 130 HIS n 
1 131 LEU n 
1 132 ARG n 
1 133 LEU n 
1 134 PHE n 
1 135 VAL n 
1 136 THR n 
1 137 ARG n 
1 138 ILE n 
1 139 MET n 
1 140 GLN n 
1 141 GLU n 
1 142 PHE n 
1 143 GLU n 
1 144 SER n 
1 145 ASP n 
1 146 THR n 
1 147 PHE n 
1 148 PHE n 
1 149 PRO n 
1 150 GLU n 
1 151 ILE n 
1 152 ASP n 
1 153 LEU n 
1 154 GLY n 
1 155 LYS n 
1 156 TYR n 
1 157 LYS n 
1 158 LEU n 
1 159 LEU n 
1 160 PRO n 
1 161 GLU n 
1 162 TYR n 
1 163 PRO n 
1 164 GLY n 
1 165 VAL n 
1 166 LEU n 
1 167 SER n 
1 168 GLU n 
1 169 VAL n 
1 170 GLN n 
1 171 GLU n 
1 172 GLU n 
1 173 LYS n 
1 174 GLY n 
1 175 ILE n 
1 176 LYS n 
1 177 TYR n 
1 178 LYS n 
1 179 PHE n 
1 180 GLU n 
1 181 VAL n 
1 182 TYR n 
1 183 GLU n 
1 184 LYS n 
1 185 LYS n 
1 186 ASP n 
# 
_entity_src_gen.entity_id                          1 
_entity_src_gen.pdbx_src_id                        1 
_entity_src_gen.pdbx_alt_source_flag               sample 
_entity_src_gen.pdbx_seq_type                      ? 
_entity_src_gen.pdbx_beg_seq_num                   ? 
_entity_src_gen.pdbx_end_seq_num                   ? 
_entity_src_gen.gene_src_common_name               mouse 
_entity_src_gen.gene_src_genus                     ? 
_entity_src_gen.pdbx_gene_src_gene                 Dhfr 
_entity_src_gen.gene_src_species                   ? 
_entity_src_gen.gene_src_strain                    jm105 
_entity_src_gen.gene_src_tissue                    ? 
_entity_src_gen.gene_src_tissue_fraction           ? 
_entity_src_gen.gene_src_details                   ? 
_entity_src_gen.pdbx_gene_src_fragment             ? 
_entity_src_gen.pdbx_gene_src_scientific_name      'Mus musculus' 
_entity_src_gen.pdbx_gene_src_ncbi_taxonomy_id     10090 
_entity_src_gen.pdbx_gene_src_variant              ? 
_entity_src_gen.pdbx_gene_src_cell_line            ? 
_entity_src_gen.pdbx_gene_src_atcc                 ? 
_entity_src_gen.pdbx_gene_src_organ                ? 
_entity_src_gen.pdbx_gene_src_organelle            ? 
_entity_src_gen.pdbx_gene_src_cell                 ? 
_entity_src_gen.pdbx_gene_src_cellular_location    ? 
_entity_src_gen.host_org_common_name               ? 
_entity_src_gen.pdbx_host_org_scientific_name      'Escherichia coli' 
_entity_src_gen.pdbx_host_org_ncbi_taxonomy_id     562 
_entity_src_gen.host_org_genus                     ? 
_entity_src_gen.pdbx_host_org_gene                 ? 
_entity_src_gen.pdbx_host_org_organ                ? 
_entity_src_gen.host_org_species                   ? 
_entity_src_gen.pdbx_host_org_tissue               ? 
_entity_src_gen.pdbx_host_org_tissue_fraction      ? 
_entity_src_gen.pdbx_host_org_strain               ? 
_entity_src_gen.pdbx_host_org_variant              ? 
_entity_src_gen.pdbx_host_org_cell_line            ? 
_entity_src_gen.pdbx_host_org_atcc                 ? 
_entity_src_gen.pdbx_host_org_culture_collection   ? 
_entity_src_gen.pdbx_host_org_cell                 ? 
_entity_src_gen.pdbx_host_org_organelle            ? 
_entity_src_gen.pdbx_host_org_cellular_location    ? 
_entity_src_gen.pdbx_host_org_vector_type          plasmid 
_entity_src_gen.pdbx_host_org_vector               ? 
_entity_src_gen.host_org_details                   ? 
_entity_src_gen.expression_system_id               ? 
_entity_src_gen.plasmid_name                       pPH70d 
_entity_src_gen.plasmid_details                    ? 
_entity_src_gen.pdbx_description                   ? 
# 
_struct_ref.id                         1 
_struct_ref.db_name                    UNP 
_struct_ref.db_code                    DYR_MOUSE 
_struct_ref.pdbx_db_accession          P00375 
_struct_ref.entity_id                  1 
_struct_ref.pdbx_seq_one_letter_code   
;VRPLNCIVAVSQNMGIGKNGDLPWPPLRNEFKYFQRMTTTSSVEGKQNLVIMGRKTWFSIPEKNRPLKDRINIVLSRELK
EPPRGAHFLAKSLDDALRLIEQPELASKVDMVWIVGGSSVYQEAMNQPGHLRLFVTRIMQEFESDTFFPEIDLGKYKLLP
EYPGVLSEVQEEKGIKYKFEVYEKKD
;
_struct_ref.pdbx_align_begin           2 
_struct_ref.pdbx_db_isoform            ? 
# 
_struct_ref_seq.align_id                      1 
_struct_ref_seq.ref_id                        1 
_struct_ref_seq.pdbx_PDB_id_code              3D84 
_struct_ref_seq.pdbx_strand_id                X 
_struct_ref_seq.seq_align_beg                 1 
_struct_ref_seq.pdbx_seq_align_beg_ins_code   ? 
_struct_ref_seq.seq_align_end                 186 
_struct_ref_seq.pdbx_seq_align_end_ins_code   ? 
_struct_ref_seq.pdbx_db_accession             P00375 
_struct_ref_seq.db_align_beg                  2 
_struct_ref_seq.pdbx_db_align_beg_ins_code    ? 
_struct_ref_seq.db_align_end                  187 
_struct_ref_seq.pdbx_db_align_end_ins_code    ? 
_struct_ref_seq.pdbx_auth_seq_align_beg       1 
_struct_ref_seq.pdbx_auth_seq_align_end       186 
# 
loop_
_chem_comp.id 
_chem_comp.type 
_chem_comp.mon_nstd_flag 
_chem_comp.name 
_chem_comp.pdbx_synonyms 
_chem_comp.formula 
_chem_comp.formula_weight 
ALA 'L-peptide linking' y ALANINE                                                     ?                               'C3 H7 N O2' 
89.093  
ARG 'L-peptide linking' y ARGININE                                                    ?                               
'C6 H15 N4 O2 1'    175.209 
ASN 'L-peptide linking' y ASPARAGINE                                                  ?                               
'C4 H8 N2 O3'       132.118 
ASP 'L-peptide linking' y 'ASPARTIC ACID'                                             ?                               'C4 H7 N O4' 
133.103 
CYS 'L-peptide linking' y CYSTEINE                                                    ?                               
'C3 H7 N O2 S'      121.158 
GLN 'L-peptide linking' y GLUTAMINE                                                   ?                               
'C5 H10 N2 O3'      146.144 
GLU 'L-peptide linking' y 'GLUTAMIC ACID'                                             ?                               'C5 H9 N O4' 
147.129 
GLY 'peptide linking'   y GLYCINE                                                     ?                               'C2 H5 N O2' 
75.067  
GOL non-polymer         . GLYCEROL                                                    'GLYCERIN; PROPANE-1,2,3-TRIOL' 'C3 H8 O3' 
92.094  
HIS 'L-peptide linking' y HISTIDINE                                                   ?                               
'C6 H10 N3 O2 1'    156.162 
HOH non-polymer         . WATER                                                       ?                               'H2 O' 
18.015  
ILE 'L-peptide linking' y ISOLEUCINE                                                  ?                               
'C6 H13 N O2'       131.173 
LEU 'L-peptide linking' y LEUCINE                                                     ?                               
'C6 H13 N O2'       131.173 
LYS 'L-peptide linking' y LYSINE                                                      ?                               
'C6 H15 N2 O2 1'    147.195 
MET 'L-peptide linking' y METHIONINE                                                  ?                               
'C5 H11 N O2 S'     149.211 
NDP non-polymer         . 'NADPH DIHYDRO-NICOTINAMIDE-ADENINE-DINUCLEOTIDE PHOSPHATE' ?                               
'C21 H30 N7 O17 P3' 745.421 
PHE 'L-peptide linking' y PHENYLALANINE                                               ?                               
'C9 H11 N O2'       165.189 
PRO 'L-peptide linking' y PROLINE                                                     ?                               'C5 H9 N O2' 
115.130 
SER 'L-peptide linking' y SERINE                                                      ?                               'C3 H7 N O3' 
105.093 
THR 'L-peptide linking' y THREONINE                                                   ?                               'C4 H9 N O3' 
119.119 
TRP 'L-peptide linking' y TRYPTOPHAN                                                  ?                               
'C11 H12 N2 O2'     204.225 
TYR 'L-peptide linking' y TYROSINE                                                    ?                               
'C9 H11 N O3'       181.189 
VAL 'L-peptide linking' y VALINE                                                      ?                               
'C5 H11 N O2'       117.146 
# 
_exptl.entry_id          3D84 
_exptl.method            'X-RAY DIFFRACTION' 
_exptl.crystals_number   1 
# 
_exptl_crystal.id                    1 
_exptl_crystal.density_meas          ? 
_exptl_crystal.density_Matthews      2.23 
_exptl_crystal.density_percent_sol   44.81 
_exptl_crystal.description           ? 
_exptl_crystal.F_000                 ? 
_exptl_crystal.preparation           ? 
# 
_exptl_crystal_grow.crystal_id      1 
_exptl_crystal_grow.method          'VAPOR DIFFUSION, HANGING DROP' 
_exptl_crystal_grow.temp            298 
_exptl_crystal_grow.temp_details    ? 
_exptl_crystal_grow.pH              7.4 
_exptl_crystal_grow.pdbx_details    
'10 mM Hepes, pH 7.4, 17 mM Na acetate, pH 6.5, 85 mM Tris HCl, 25% PEG 4K, VAPOR DIFFUSION, HANGING DROP, temperature 298K' 
_exptl_crystal_grow.pdbx_pH_range   . 
# 
_diffrn.id                     1 
_diffrn.ambient_temp           ? 
_diffrn.ambient_temp_details   ? 
_diffrn.crystal_id             1 
# 
_diffrn_detector.diffrn_id              1 
_diffrn_detector.detector               'IMAGE PLATE' 
_diffrn_detector.type                   'RIGAKU RAXIS IV' 
_diffrn_detector.pdbx_collection_date   2004-12-03 
_diffrn_detector.details                mirrors 
# 
_diffrn_radiation.diffrn_id                        1 
_diffrn_radiation.wavelength_id                    1 
_diffrn_radiation.pdbx_monochromatic_or_laue_m_l   M 
_diffrn_radiation.monochromator                    graphite 
_diffrn_radiation.pdbx_diffrn_protocol             'SINGLE WAVELENGTH' 
_diffrn_radiation.pdbx_scattering_type             x-ray 
# 
_diffrn_radiation_wavelength.id           1 
_diffrn_radiation_wavelength.wavelength   1.5418 
_diffrn_radiation_wavelength.wt           1.0 
# 
_diffrn_source.diffrn_id                   1 
_diffrn_source.source                      'ROTATING ANODE' 
_diffrn_source.type                        'RIGAKU RU200' 
_diffrn_source.pdbx_synchrotron_site       ? 
_diffrn_source.pdbx_synchrotron_beamline   ? 
_diffrn_source.pdbx_wavelength             ? 
_diffrn_source.pdbx_wavelength_list        1.5418 
# 
_reflns.entry_id                     3D84 
_reflns.observed_criterion_sigma_F   1.0 
_reflns.observed_criterion_sigma_I   1.0 
_reflns.d_resolution_high            1.90 
_reflns.d_resolution_low             38.01 
_reflns.number_all                   14934 
_reflns.number_obs                   13551 
_reflns.percent_possible_obs         90.7 
_reflns.pdbx_Rmerge_I_obs            0.034 
_reflns.pdbx_Rsym_value              0.05 
_reflns.pdbx_netI_over_sigmaI        0.033 
_reflns.B_iso_Wilson_estimate        38.0 
_reflns.pdbx_redundancy              9.5 
_reflns.R_free_details               ? 
_reflns.limit_h_max                  ? 
_reflns.limit_h_min                  ? 
_reflns.limit_k_max                  ? 
_reflns.limit_k_min                  ? 
_reflns.limit_l_max                  ? 
_reflns.limit_l_min                  ? 
_reflns.observed_criterion_F_max     ? 
_reflns.observed_criterion_F_min     ? 
_reflns.pdbx_chi_squared             ? 
_reflns.pdbx_scaling_rejects         ? 
_reflns.pdbx_ordinal                 1 
_reflns.pdbx_diffrn_id               1 
# 
_reflns_shell.d_res_high             1.90 
_reflns_shell.d_res_low              1.97 
_reflns_shell.percent_possible_all   50.5 
_reflns_shell.Rmerge_I_obs           0.076 
_reflns_shell.pdbx_Rsym_value        0.495 
_reflns_shell.meanI_over_sigI_obs    0.9 
_reflns_shell.pdbx_redundancy        14 
_reflns_shell.percent_possible_obs   ? 
_reflns_shell.number_unique_all      750 
_reflns_shell.number_measured_all    ? 
_reflns_shell.number_measured_obs    ? 
_reflns_shell.number_unique_obs      ? 
_reflns_shell.pdbx_chi_squared       ? 
_reflns_shell.pdbx_ordinal           1 
_reflns_shell.pdbx_diffrn_id         1 
# 
_refine.entry_id                                 3D84 
_refine.ls_number_reflns_obs                     12865 
_refine.ls_number_reflns_all                     13551 
_refine.pdbx_ls_sigma_I                          1. 
_refine.pdbx_ls_sigma_F                          1. 
_refine.pdbx_data_cutoff_high_absF               ? 
_refine.pdbx_data_cutoff_low_absF                ? 
_refine.pdbx_data_cutoff_high_rms_absF           ? 
_refine.ls_d_res_low                             23.83 
_refine.ls_d_res_high                            1.90 
_refine.ls_percent_reflns_obs                    90.73 
_refine.ls_R_factor_obs                          0.18902 
_refine.ls_R_factor_all                          0.21 
_refine.ls_R_factor_R_work                       0.18684 
_refine.ls_R_factor_R_free                       0.2289 
_refine.ls_R_factor_R_free_error                 ? 
_refine.ls_R_factor_R_free_error_details         ? 
_refine.ls_percent_reflns_R_free                 5.0 
_refine.ls_number_reflns_R_free                  684 
_refine.ls_number_parameters                     ? 
_refine.ls_number_restraints                     ? 
_refine.occupancy_min                            ? 
_refine.occupancy_max                            ? 
_refine.correlation_coeff_Fo_to_Fc               .946 
_refine.correlation_coeff_Fo_to_Fc_free          .924 
_refine.B_iso_mean                               19.160 
_refine.aniso_B[1][1]                            .01 
_refine.aniso_B[2][2]                            -.01 
_refine.aniso_B[3][3]                            .00 
_refine.aniso_B[1][2]                            .00 
_refine.aniso_B[1][3]                            .00 
_refine.aniso_B[2][3]                            .00 
_refine.solvent_model_details                    MASK 
_refine.solvent_model_param_ksol                 ? 
_refine.solvent_model_param_bsol                 ? 
_refine.pdbx_solvent_vdw_probe_radii             1.20 
_refine.pdbx_solvent_ion_probe_radii             .80 
_refine.pdbx_solvent_shrinkage_radii             .80 
_refine.pdbx_ls_cross_valid_method               THROUGHOUT 
_refine.details                                  'HYDROGENS HAVE BEEN ADDED IN THE RIDING POSITIONS' 
_refine.pdbx_starting_model                      2fzj 
_refine.pdbx_method_to_determine_struct          'MOLECULAR REPLACEMENT' 
_refine.pdbx_isotropic_thermal_model             ? 
_refine.pdbx_stereochemistry_target_values       'MAXIMUM LIKELIHOOD' 
_refine.pdbx_stereochem_target_val_spec_case     ? 
_refine.pdbx_R_Free_selection_details            RANDOM 
_refine.pdbx_overall_ESU_R                       .193 
_refine.pdbx_overall_ESU_R_Free                  .165 
_refine.overall_SU_ML                            .103 
_refine.overall_SU_B                             3.432 
_refine.ls_redundancy_reflns_obs                 ? 
_refine.B_iso_min                                ? 
_refine.B_iso_max                                ? 
_refine.overall_SU_R_Cruickshank_DPI             ? 
_refine.overall_SU_R_free                        ? 
_refine.ls_wR_factor_R_free                      ? 
_refine.ls_wR_factor_R_work                      ? 
_refine.overall_FOM_free_R_set                   ? 
_refine.overall_FOM_work_R_set                   ? 
_refine.pdbx_overall_phase_error                 ? 
_refine.pdbx_refine_id                           'X-RAY DIFFRACTION' 
_refine.pdbx_diffrn_id                           1 
_refine.pdbx_TLS_residual_ADP_flag               ? 
_refine.pdbx_overall_SU_R_free_Cruickshank_DPI   ? 
_refine.pdbx_overall_SU_R_Blow_DPI               ? 
_refine.pdbx_overall_SU_R_free_Blow_DPI          ? 
# 
_refine_analyze.entry_id                        3D84 
_refine_analyze.Luzzati_coordinate_error_obs    ? 
_refine_analyze.Luzzati_sigma_a_obs             ? 
_refine_analyze.Luzzati_d_res_low_obs           ? 
_refine_analyze.Luzzati_coordinate_error_free   ? 
_refine_analyze.Luzzati_sigma_a_free            0.018 
_refine_analyze.Luzzati_d_res_low_free          ? 
_refine_analyze.number_disordered_residues      ? 
_refine_analyze.occupancy_sum_non_hydrogen      ? 
_refine_analyze.occupancy_sum_hydrogen          ? 
_refine_analyze.pdbx_Luzzati_d_res_high_obs     ? 
_refine_analyze.pdbx_refine_id                  'X-RAY DIFFRACTION' 
# 
_refine_hist.pdbx_refine_id                   'X-RAY DIFFRACTION' 
_refine_hist.cycle_id                         LAST 
_refine_hist.pdbx_number_atoms_protein        1513 
_refine_hist.pdbx_number_atoms_nucleic_acid   0 
_refine_hist.pdbx_number_atoms_ligand         60 
_refine_hist.number_atoms_solvent             83 
_refine_hist.number_atoms_total               1656 
_refine_hist.d_res_high                       1.90 
_refine_hist.d_res_low                        23.83 
# 
loop_
_refine_ls_restr.type 
_refine_ls_restr.dev_ideal 
_refine_ls_restr.dev_ideal_target 
_refine_ls_restr.weight 
_refine_ls_restr.number 
_refine_ls_restr.pdbx_refine_id 
_refine_ls_restr.pdbx_restraint_function 
r_bond_refined_d         .018   .022   ? 1620 'X-RAY DIFFRACTION' ? 
r_bond_other_d           .002   .020   ? 16   'X-RAY DIFFRACTION' ? 
r_angle_refined_deg      2.063  2.028  ? 2194 'X-RAY DIFFRACTION' ? 
r_angle_other_deg        1.150  3.000  ? 32   'X-RAY DIFFRACTION' ? 
r_dihedral_angle_1_deg   8.483  5.000  ? 187  'X-RAY DIFFRACTION' ? 
r_dihedral_angle_2_deg   38.374 24.247 ? 73   'X-RAY DIFFRACTION' ? 
r_dihedral_angle_3_deg   18.719 15.000 ? 293  'X-RAY DIFFRACTION' ? 
r_dihedral_angle_4_deg   18.953 15.000 ? 11   'X-RAY DIFFRACTION' ? 
r_chiral_restr           .139   .200   ? 235  'X-RAY DIFFRACTION' ? 
r_gen_planes_refined     .007   .020   ? 1203 'X-RAY DIFFRACTION' ? 
r_nbd_refined            .218   .200   ? 694  'X-RAY DIFFRACTION' ? 
r_nbd_other              .270   .200   ? 21   'X-RAY DIFFRACTION' ? 
r_nbtor_refined          .304   .200   ? 1061 'X-RAY DIFFRACTION' ? 
r_nbtor_other            .144   .200   ? 3    'X-RAY DIFFRACTION' ? 
r_xyhbond_nbd_refined    .155   .200   ? 91   'X-RAY DIFFRACTION' ? 
r_symmetry_vdw_refined   .167   .200   ? 33   'X-RAY DIFFRACTION' ? 
r_symmetry_hbond_refined .115   .200   ? 11   'X-RAY DIFFRACTION' ? 
r_mcbond_it              1.096  1.500  ? 969  'X-RAY DIFFRACTION' ? 
r_mcangle_it             1.814  2.000  ? 1526 'X-RAY DIFFRACTION' ? 
r_scbond_it              2.767  3.000  ? 757  'X-RAY DIFFRACTION' ? 
r_scangle_it             4.110  4.500  ? 668  'X-RAY DIFFRACTION' ? 
# 
_refine_ls_shell.pdbx_total_number_of_bins_used   20 
_refine_ls_shell.d_res_high                       1.90 
_refine_ls_shell.d_res_low                        1.950 
_refine_ls_shell.number_reflns_R_work             502 
_refine_ls_shell.R_factor_R_work                  0.253 
_refine_ls_shell.percent_reflns_obs               48.94 
_refine_ls_shell.R_factor_R_free                  0.408 
_refine_ls_shell.R_factor_R_free_error            ? 
_refine_ls_shell.percent_reflns_R_free            ? 
_refine_ls_shell.number_reflns_R_free             28 
_refine_ls_shell.number_reflns_all                ? 
_refine_ls_shell.R_factor_all                     ? 
_refine_ls_shell.number_reflns_obs                ? 
_refine_ls_shell.redundancy_reflns_obs            ? 
_refine_ls_shell.pdbx_refine_id                   'X-RAY DIFFRACTION' 
# 
_struct.entry_id                  3D84 
_struct.title                     
;Structural Analysis of a Holo Enzyme Complex of Mouse Dihydrofolate Reductase with NADPH and a Ternary Complex with the Potent and Selective Inhibitor 2.4-Diamino-6-(-2'-hydroxydibenz[b,f]azepin-5-yl)methylpteridine
;
_struct.pdbx_model_details        ? 
_struct.pdbx_CASP_flag            ? 
_struct.pdbx_model_type_details   ? 
# 
_struct_keywords.entry_id        3D84 
_struct_keywords.pdbx_keywords   OXIDOREDUCTASE 
_struct_keywords.text            'mouse DHFR holo enzyme and ternary ligand complex, NADP, One-carbon metabolism, Oxidoreductase' 
# 
loop_
_struct_asym.id 
_struct_asym.pdbx_blank_PDB_chainid_flag 
_struct_asym.pdbx_modified 
_struct_asym.entity_id 
_struct_asym.details 
A N N 1 ? 
B N N 2 ? 
C N N 3 ? 
D N N 3 ? 
E N N 4 ? 
# 
_struct_biol.id        1 
_struct_biol.details   ? 
# 
loop_
_struct_conf.conf_type_id 
_struct_conf.id 
_struct_conf.pdbx_PDB_helix_id 
_struct_conf.beg_label_comp_id 
_struct_conf.beg_label_asym_id 
_struct_conf.beg_label_seq_id 
_struct_conf.pdbx_beg_PDB_ins_code 
_struct_conf.end_label_comp_id 
_struct_conf.end_label_asym_id 
_struct_conf.end_label_seq_id 
_struct_conf.pdbx_end_PDB_ins_code 
_struct_conf.beg_auth_comp_id 
_struct_conf.beg_auth_asym_id 
_struct_conf.beg_auth_seq_id 
_struct_conf.end_auth_comp_id 
_struct_conf.end_auth_asym_id 
_struct_conf.end_auth_seq_id 
_struct_conf.pdbx_PDB_helix_class 
_struct_conf.details 
_struct_conf.pdbx_PDB_helix_length 
HELX_P HELX_P1 1 LEU A 27  ? THR A 40  ? LEU X 27  THR X 40  1 ? 14 
HELX_P HELX_P2 2 ARG A 54  ? ILE A 60  ? ARG X 54  ILE X 60  1 ? 7  
HELX_P HELX_P3 3 PRO A 61  ? ARG A 65  ? PRO X 61  ARG X 65  5 ? 5  
HELX_P HELX_P4 4 SER A 92  ? GLU A 101 ? SER X 92  GLU X 101 1 ? 10 
HELX_P HELX_P5 5 GLN A 102 ? SER A 107 ? GLN X 102 SER X 107 1 ? 6  
HELX_P HELX_P6 6 GLY A 117 ? ASN A 126 ? GLY X 117 ASN X 126 1 ? 10 
# 
_struct_conf_type.id          HELX_P 
_struct_conf_type.criteria    ? 
_struct_conf_type.reference   ? 
# 
_struct_mon_prot_cis.pdbx_id                1 
_struct_mon_prot_cis.label_comp_id          ARG 
_struct_mon_prot_cis.label_seq_id           65 
_struct_mon_prot_cis.label_asym_id          A 
_struct_mon_prot_cis.label_alt_id           . 
_struct_mon_prot_cis.pdbx_PDB_ins_code      ? 
_struct_mon_prot_cis.auth_comp_id           ARG 
_struct_mon_prot_cis.auth_seq_id            65 
_struct_mon_prot_cis.auth_asym_id           X 
_struct_mon_prot_cis.pdbx_label_comp_id_2   PRO 
_struct_mon_prot_cis.pdbx_label_seq_id_2    66 
_struct_mon_prot_cis.pdbx_label_asym_id_2   A 
_struct_mon_prot_cis.pdbx_PDB_ins_code_2    ? 
_struct_mon_prot_cis.pdbx_auth_comp_id_2    PRO 
_struct_mon_prot_cis.pdbx_auth_seq_id_2     66 
_struct_mon_prot_cis.pdbx_auth_asym_id_2    X 
_struct_mon_prot_cis.pdbx_PDB_model_num     1 
_struct_mon_prot_cis.pdbx_omega_angle       -9.30 
# 
loop_
_struct_sheet.id 
_struct_sheet.type 
_struct_sheet.number_strands 
_struct_sheet.details 
A ? 8 ? 
B ? 8 ? 
C ? 2 ? 
# 
loop_
_struct_sheet_order.sheet_id 
_struct_sheet_order.range_id_1 
_struct_sheet_order.range_id_2 
_struct_sheet_order.offset 
_struct_sheet_order.sense 
A 1 2 ? parallel      
A 2 3 ? parallel      
A 3 4 ? parallel      
A 4 5 ? parallel      
A 5 6 ? parallel      
A 6 7 ? anti-parallel 
A 7 8 ? anti-parallel 
B 1 2 ? parallel      
B 2 3 ? parallel      
B 3 4 ? parallel      
B 4 5 ? parallel      
B 5 6 ? parallel      
B 6 7 ? anti-parallel 
B 7 8 ? anti-parallel 
C 1 2 ? anti-parallel 
# 
loop_
_struct_sheet_range.sheet_id 
_struct_sheet_range.id 
_struct_sheet_range.beg_label_comp_id 
_struct_sheet_range.beg_label_asym_id 
_struct_sheet_range.beg_label_seq_id 
_struct_sheet_range.pdbx_beg_PDB_ins_code 
_struct_sheet_range.end_label_comp_id 
_struct_sheet_range.end_label_asym_id 
_struct_sheet_range.end_label_seq_id 
_struct_sheet_range.pdbx_end_PDB_ins_code 
_struct_sheet_range.beg_auth_comp_id 
_struct_sheet_range.beg_auth_asym_id 
_struct_sheet_range.beg_auth_seq_id 
_struct_sheet_range.end_auth_comp_id 
_struct_sheet_range.end_auth_asym_id 
_struct_sheet_range.end_auth_seq_id 
A 1 PHE A 88  ? ALA A 90  ? PHE X 88  ALA X 90  
A 2 ILE A 71  ? LEU A 75  ? ILE X 71  LEU X 75  
A 3 GLN A 47  ? GLY A 53  ? GLN X 47  GLY X 53  
A 4 VAL A 109 ? ILE A 114 ? VAL X 109 ILE X 114 
A 5 LEU A 4   ? SER A 11  ? LEU X 4   SER X 11  
A 6 LEU A 131 ? ILE A 138 ? LEU X 131 ILE X 138 
A 7 ILE A 175 ? LYS A 184 ? ILE X 175 LYS X 184 
A 8 LYS A 157 ? LEU A 158 ? LYS X 157 LEU X 158 
B 1 PHE A 88  ? ALA A 90  ? PHE X 88  ALA X 90  
B 2 ILE A 71  ? LEU A 75  ? ILE X 71  LEU X 75  
B 3 GLN A 47  ? GLY A 53  ? GLN X 47  GLY X 53  
B 4 VAL A 109 ? ILE A 114 ? VAL X 109 ILE X 114 
B 5 LEU A 4   ? SER A 11  ? LEU X 4   SER X 11  
B 6 LEU A 131 ? ILE A 138 ? LEU X 131 ILE X 138 
B 7 ILE A 175 ? LYS A 184 ? ILE X 175 LYS X 184 
B 8 GLN A 170 ? GLU A 172 ? GLN X 170 GLU X 172 
C 1 GLY A 15  ? GLY A 17  ? GLY X 15  GLY X 17  
C 2 THR A 146 ? PHE A 147 ? THR X 146 PHE X 147 
# 
loop_
_pdbx_struct_sheet_hbond.sheet_id 
_pdbx_struct_sheet_hbond.range_id_1 
_pdbx_struct_sheet_hbond.range_id_2 
_pdbx_struct_sheet_hbond.range_1_label_atom_id 
_pdbx_struct_sheet_hbond.range_1_label_comp_id 
_pdbx_struct_sheet_hbond.range_1_label_asym_id 
_pdbx_struct_sheet_hbond.range_1_label_seq_id 
_pdbx_struct_sheet_hbond.range_1_PDB_ins_code 
_pdbx_struct_sheet_hbond.range_1_auth_atom_id 
_pdbx_struct_sheet_hbond.range_1_auth_comp_id 
_pdbx_struct_sheet_hbond.range_1_auth_asym_id 
_pdbx_struct_sheet_hbond.range_1_auth_seq_id 
_pdbx_struct_sheet_hbond.range_2_label_atom_id 
_pdbx_struct_sheet_hbond.range_2_label_comp_id 
_pdbx_struct_sheet_hbond.range_2_label_asym_id 
_pdbx_struct_sheet_hbond.range_2_label_seq_id 
_pdbx_struct_sheet_hbond.range_2_PDB_ins_code 
_pdbx_struct_sheet_hbond.range_2_auth_atom_id 
_pdbx_struct_sheet_hbond.range_2_auth_comp_id 
_pdbx_struct_sheet_hbond.range_2_auth_asym_id 
_pdbx_struct_sheet_hbond.range_2_auth_seq_id 
A 1 2 O PHE A 88  ? O PHE X 88  N VAL A 74  ? N VAL X 74  
A 2 3 O ILE A 73  ? O ILE X 73  N VAL A 50  ? N VAL X 50  
A 3 4 N LEU A 49  ? N LEU X 49  O TRP A 113 ? O TRP X 113 
A 4 5 O ILE A 114 ? O ILE X 114 N ASN A 5   ? N ASN X 5   
A 5 6 N CYS A 6   ? N CYS X 6   O PHE A 134 ? O PHE X 134 
A 6 7 N LEU A 131 ? N LEU X 131 O LYS A 184 ? O LYS X 184 
A 7 8 O GLU A 183 ? O GLU X 183 N LYS A 157 ? N LYS X 157 
B 1 2 O PHE A 88  ? O PHE X 88  N VAL A 74  ? N VAL X 74  
B 2 3 O ILE A 73  ? O ILE X 73  N VAL A 50  ? N VAL X 50  
B 3 4 N LEU A 49  ? N LEU X 49  O TRP A 113 ? O TRP X 113 
B 4 5 O ILE A 114 ? O ILE X 114 N ASN A 5   ? N ASN X 5   
B 5 6 N CYS A 6   ? N CYS X 6   O PHE A 134 ? O PHE X 134 
B 6 7 N LEU A 131 ? N LEU X 131 O LYS A 184 ? O LYS X 184 
B 7 8 O TYR A 177 ? O TYR X 177 N GLN A 170 ? N GLN X 170 
C 1 2 N ILE A 16  ? N ILE X 16  O THR A 146 ? O THR X 146 
# 
loop_
_struct_site.id 
_struct_site.pdbx_evidence_code 
_struct_site.pdbx_auth_asym_id 
_struct_site.pdbx_auth_comp_id 
_struct_site.pdbx_auth_seq_id 
_struct_site.pdbx_auth_ins_code 
_struct_site.pdbx_num_residues 
_struct_site.details 
AC1 Software X NDP 187 ? 32 'BINDING SITE FOR RESIDUE NDP X 187' 
AC2 Software X GOL 188 ? 8  'BINDING SITE FOR RESIDUE GOL X 188' 
AC3 Software X GOL 189 ? 10 'BINDING SITE FOR RESIDUE GOL X 189' 
# 
loop_
_struct_site_gen.id 
_struct_site_gen.site_id 
_struct_site_gen.pdbx_num_res 
_struct_site_gen.label_comp_id 
_struct_site_gen.label_asym_id 
_struct_site_gen.label_seq_id 
_struct_site_gen.pdbx_auth_ins_code 
_struct_site_gen.auth_comp_id 
_struct_site_gen.auth_asym_id 
_struct_site_gen.auth_seq_id 
_struct_site_gen.label_atom_id 
_struct_site_gen.label_alt_id 
_struct_site_gen.symmetry 
_struct_site_gen.details 
1  AC1 32 VAL A 8   ? VAL X 8   . ? 1_555 ? 
2  AC1 32 ALA A 9   ? ALA X 9   . ? 1_555 ? 
3  AC1 32 ILE A 16  ? ILE X 16  . ? 1_555 ? 
4  AC1 32 GLY A 17  ? GLY X 17  . ? 1_555 ? 
5  AC1 32 LYS A 18  ? LYS X 18  . ? 1_555 ? 
6  AC1 32 GLY A 20  ? GLY X 20  . ? 1_555 ? 
7  AC1 32 ASP A 21  ? ASP X 21  . ? 1_555 ? 
8  AC1 32 LEU A 22  ? LEU X 22  . ? 1_555 ? 
9  AC1 32 TRP A 24  ? TRP X 24  . ? 1_555 ? 
10 AC1 32 GLY A 53  ? GLY X 53  . ? 1_555 ? 
11 AC1 32 ARG A 54  ? ARG X 54  . ? 1_555 ? 
12 AC1 32 LYS A 55  ? LYS X 55  . ? 1_555 ? 
13 AC1 32 THR A 56  ? THR X 56  . ? 1_555 ? 
14 AC1 32 LEU A 75  ? LEU X 75  . ? 1_555 ? 
15 AC1 32 SER A 76  ? SER X 76  . ? 1_555 ? 
16 AC1 32 ARG A 77  ? ARG X 77  . ? 1_555 ? 
17 AC1 32 GLU A 78  ? GLU X 78  . ? 1_555 ? 
18 AC1 32 LYS A 91  ? LYS X 91  . ? 1_555 ? 
19 AC1 32 SER A 92  ? SER X 92  . ? 1_555 ? 
20 AC1 32 VAL A 115 ? VAL X 115 . ? 1_555 ? 
21 AC1 32 GLY A 117 ? GLY X 117 . ? 1_555 ? 
22 AC1 32 SER A 118 ? SER X 118 . ? 1_555 ? 
23 AC1 32 SER A 119 ? SER X 119 . ? 1_555 ? 
24 AC1 32 VAL A 120 ? VAL X 120 . ? 1_555 ? 
25 AC1 32 TYR A 121 ? TYR X 121 . ? 1_555 ? 
26 AC1 32 GLU A 123 ? GLU X 123 . ? 1_555 ? 
27 AC1 32 THR A 146 ? THR X 146 . ? 1_555 ? 
28 AC1 32 GOL C .   ? GOL X 188 . ? 1_555 ? 
29 AC1 32 HOH E .   ? HOH X 209 . ? 1_555 ? 
30 AC1 32 HOH E .   ? HOH X 217 . ? 1_555 ? 
31 AC1 32 HOH E .   ? HOH X 221 . ? 1_555 ? 
32 AC1 32 HOH E .   ? HOH X 229 . ? 1_555 ? 
33 AC2 8  ILE A 7   ? ILE X 7   . ? 1_555 ? 
34 AC2 8  VAL A 8   ? VAL X 8   . ? 1_555 ? 
35 AC2 8  ALA A 9   ? ALA X 9   . ? 1_555 ? 
36 AC2 8  GLU A 30  ? GLU X 30  . ? 1_555 ? 
37 AC2 8  PHE A 34  ? PHE X 34  . ? 1_555 ? 
38 AC2 8  VAL A 115 ? VAL X 115 . ? 1_555 ? 
39 AC2 8  TYR A 121 ? TYR X 121 . ? 1_555 ? 
40 AC2 8  NDP B .   ? NDP X 187 . ? 1_555 ? 
41 AC3 10 LEU A 158 ? LEU X 158 . ? 1_555 ? 
42 AC3 10 LEU A 159 ? LEU X 159 . ? 1_555 ? 
43 AC3 10 PRO A 160 ? PRO X 160 . ? 1_555 ? 
44 AC3 10 GLU A 161 ? GLU X 161 . ? 1_555 ? 
45 AC3 10 TYR A 162 ? TYR X 162 . ? 1_555 ? 
46 AC3 10 VAL A 165 ? VAL X 165 . ? 1_555 ? 
47 AC3 10 SER A 167 ? SER X 167 . ? 1_555 ? 
48 AC3 10 PHE A 179 ? PHE X 179 . ? 1_555 ? 
49 AC3 10 GLU A 180 ? GLU X 180 . ? 1_555 ? 
50 AC3 10 VAL A 181 ? VAL X 181 . ? 1_555 ? 
# 
_atom_sites.entry_id                    3D84 
_atom_sites.fract_transf_matrix[1][1]   0.00394638 
_atom_sites.fract_transf_matrix[1][2]   -0.00931689 
_atom_sites.fract_transf_matrix[1][3]   -0.02561428 
_atom_sites.fract_transf_matrix[2][1]   0.00903436 
_atom_sites.fract_transf_matrix[2][2]   0.01319101 
_atom_sites.fract_transf_matrix[2][3]   -0.00340616 
_atom_sites.fract_transf_matrix[3][1]   0.02081199 
_atom_sites.fract_transf_matrix[3][2]   -0.01543530 
_atom_sites.fract_transf_matrix[3][3]   -0.00457533 
_atom_sites.fract_transf_vector[1]      0.097548 
_atom_sites.fract_transf_vector[2]      0.011009 
_atom_sites.fract_transf_vector[3]      0.269992 
# 
loop_
_atom_type.symbol 
C 
N 
O 
P 
S 
# 
loop_
_atom_site.group_PDB 
_atom_site.id 
_atom_site.type_symbol 
_atom_site.label_atom_id 
_atom_site.label_alt_id 
_atom_site.label_comp_id 
_atom_site.label_asym_id 
_atom_site.label_entity_id 
_atom_site.label_seq_id 
_atom_site.pdbx_PDB_ins_code 
_atom_site.Cartn_x 
_atom_site.Cartn_y 
_atom_site.Cartn_z 
_atom_site.occupancy 
_atom_site.B_iso_or_equiv 
_atom_site.pdbx_formal_charge 
_atom_site.auth_seq_id 
_atom_site.auth_comp_id 
_atom_site.auth_asym_id 
_atom_site.auth_atom_id 
_atom_site.pdbx_PDB_model_num 
ATOM   1    N N   . VAL A 1 1   ? -7.670  9.694   6.465   1.00 38.56 ? 1   VAL X N   1 
ATOM   2    C CA  . VAL A 1 1   ? -7.032  10.936  5.908   1.00 38.13 ? 1   VAL X CA  1 
ATOM   3    C C   . VAL A 1 1   ? -5.851  11.385  6.791   1.00 37.80 ? 1   VAL X C   1 
ATOM   4    O O   . VAL A 1 1   ? -5.243  12.442  6.531   1.00 39.14 ? 1   VAL X O   1 
ATOM   5    C CB  . VAL A 1 1   ? -8.103  12.070  5.501   1.00 38.15 ? 1   VAL X CB  1 
ATOM   6    C CG1 . VAL A 1 1   ? -9.387  11.973  6.288   1.00 39.23 ? 1   VAL X CG1 1 
ATOM   7    C CG2 . VAL A 1 1   ? -7.536  13.515  5.541   1.00 37.96 ? 1   VAL X CG2 1 
ATOM   8    N N   . ARG A 1 2   ? -5.497  10.553  7.790   1.00 36.28 ? 2   ARG X N   1 
ATOM   9    C CA  . ARG A 1 2   ? -4.363  10.843  8.716   1.00 34.79 ? 2   ARG X CA  1 
ATOM   10   C C   . ARG A 1 2   ? -3.502  9.708   9.316   1.00 31.59 ? 2   ARG X C   1 
ATOM   11   O O   . ARG A 1 2   ? -2.279  9.809   9.214   1.00 31.43 ? 2   ARG X O   1 
ATOM   12   C CB  . ARG A 1 2   ? -4.700  11.888  9.774   1.00 35.46 ? 2   ARG X CB  1 
ATOM   13   C CG  . ARG A 1 2   ? -4.140  13.242  9.403   1.00 39.87 ? 2   ARG X CG  1 
ATOM   14   C CD  . ARG A 1 2   ? -2.624  13.315  9.552   1.00 44.82 ? 2   ARG X CD  1 
ATOM   15   N NE  . ARG A 1 2   ? -2.258  13.308  10.964  1.00 49.16 ? 2   ARG X NE  1 
ATOM   16   C CZ  . ARG A 1 2   ? -2.326  14.370  11.763  1.00 51.82 ? 2   ARG X CZ  1 
ATOM   17   N NH1 . ARG A 1 2   ? -1.978  14.257  13.043  1.00 52.63 ? 2   ARG X NH1 1 
ATOM   18   N NH2 . ARG A 1 2   ? -2.736  15.548  11.287  1.00 51.70 ? 2   ARG X NH2 1 
ATOM   19   N N   . PRO A 1 3   ? -4.102  8.646   9.927   1.00 28.49 ? 3   PRO X N   1 
ATOM   20   C CA  . PRO A 1 3   ? -3.261  7.427   10.022  1.00 26.08 ? 3   PRO X CA  1 
ATOM   21   C C   . PRO A 1 3   ? -2.811  6.961   8.622   1.00 24.04 ? 3   PRO X C   1 
ATOM   22   O O   . PRO A 1 3   ? -3.604  7.059   7.659   1.00 23.29 ? 3   PRO X O   1 
ATOM   23   C CB  . PRO A 1 3   ? -4.185  6.378   10.650  1.00 26.28 ? 3   PRO X CB  1 
ATOM   24   C CG  . PRO A 1 3   ? -5.319  7.126   11.221  1.00 27.48 ? 3   PRO X CG  1 
ATOM   25   C CD  . PRO A 1 3   ? -5.427  8.462   10.552  1.00 28.51 ? 3   PRO X CD  1 
ATOM   26   N N   . LEU A 1 4   ? -1.558  6.513   8.511   1.00 20.62 ? 4   LEU X N   1 
ATOM   27   C CA  . LEU A 1 4   ? -0.992  5.986   7.262   1.00 20.23 ? 4   LEU X CA  1 
ATOM   28   C C   . LEU A 1 4   ? -1.037  4.460   7.273   1.00 18.85 ? 4   LEU X C   1 
ATOM   29   O O   . LEU A 1 4   ? -0.462  3.839   8.182   1.00 17.92 ? 4   LEU X O   1 
ATOM   30   C CB  . LEU A 1 4   ? 0.475   6.415   7.073   1.00 20.56 ? 4   LEU X CB  1 
ATOM   31   C CG  . LEU A 1 4   ? 0.840   7.704   6.342   1.00 22.29 ? 4   LEU X CG  1 
ATOM   32   C CD1 . LEU A 1 4   ? -0.325  8.683   6.227   1.00 19.88 ? 4   LEU X CD1 1 
ATOM   33   C CD2 . LEU A 1 4   ? 2.029   8.324   7.000   1.00 23.38 ? 4   LEU X CD2 1 
ATOM   34   N N   . ASN A 1 5   ? -1.705  3.865   6.269   1.00 17.10 ? 5   ASN X N   1 
ATOM   35   C CA  . ASN A 1 5   ? -1.830  2.429   6.194   1.00 15.33 ? 5   ASN X CA  1 
ATOM   36   C C   . ASN A 1 5   ? -0.992  1.919   5.047   1.00 16.15 ? 5   ASN X C   1 
ATOM   37   O O   . ASN A 1 5   ? -1.384  2.066   3.892   1.00 17.86 ? 5   ASN X O   1 
ATOM   38   C CB  . ASN A 1 5   ? -3.293  1.990   6.005   1.00 14.95 ? 5   ASN X CB  1 
ATOM   39   C CG  . ASN A 1 5   ? -4.222  2.586   7.040   1.00 14.39 ? 5   ASN X CG  1 
ATOM   40   O OD1 . ASN A 1 5   ? -4.277  2.120   8.189   1.00 14.59 ? 5   ASN X OD1 1 
ATOM   41   N ND2 . ASN A 1 5   ? -4.960  3.624   6.643   1.00 13.09 ? 5   ASN X ND2 1 
ATOM   42   N N   . CYS A 1 6   ? 0.139   1.300   5.352   1.00 14.73 ? 6   CYS X N   1 
ATOM   43   C CA  . CYS A 1 6   ? 0.914   0.573   4.357   1.00 13.97 ? 6   CYS X CA  1 
ATOM   44   C C   . CYS A 1 6   ? 0.282   -0.782  4.119   1.00 13.34 ? 6   CYS X C   1 
ATOM   45   O O   . CYS A 1 6   ? -0.174  -1.436  5.052   1.00 12.67 ? 6   CYS X O   1 
ATOM   46   C CB  . CYS A 1 6   ? 2.358   0.374   4.844   1.00 13.53 ? 6   CYS X CB  1 
ATOM   47   S SG  . CYS A 1 6   ? 3.224   1.913   5.110   1.00 16.13 ? 6   CYS X SG  1 
ATOM   48   N N   . ILE A 1 7   ? 0.261   -1.196  2.870   1.00 12.02 ? 7   ILE X N   1 
ATOM   49   C CA  . ILE A 1 7   ? -0.198  -2.555  2.533   1.00 10.47 ? 7   ILE X CA  1 
ATOM   50   C C   . ILE A 1 7   ? 0.812   -3.175  1.566   1.00 10.55 ? 7   ILE X C   1 
ATOM   51   O O   . ILE A 1 7   ? 1.208   -2.568  0.575   1.00 10.60 ? 7   ILE X O   1 
ATOM   52   C CB  . ILE A 1 7   ? -1.658  -2.569  1.955   1.00 9.56  ? 7   ILE X CB  1 
ATOM   53   C CG1 . ILE A 1 7   ? -2.177  -4.034  1.736   1.00 10.31 ? 7   ILE X CG1 1 
ATOM   54   C CG2 . ILE A 1 7   ? -1.800  -1.692  0.717   1.00 9.88  ? 7   ILE X CG2 1 
ATOM   55   C CD1 . ILE A 1 7   ? -3.745  -4.105  1.756   1.00 9.90  ? 7   ILE X CD1 1 
ATOM   56   N N   . VAL A 1 8   ? 1.210   -4.396  1.853   1.00 11.39 ? 8   VAL X N   1 
ATOM   57   C CA  . VAL A 1 8   ? 2.279   -5.055  1.108   1.00 11.49 ? 8   VAL X CA  1 
ATOM   58   C C   . VAL A 1 8   ? 2.022   -6.553  1.171   1.00 11.09 ? 8   VAL X C   1 
ATOM   59   O O   . VAL A 1 8   ? 1.416   -7.033  2.131   1.00 11.42 ? 8   VAL X O   1 
ATOM   60   C CB  . VAL A 1 8   ? 3.689   -4.711  1.682   1.00 10.75 ? 8   VAL X CB  1 
ATOM   61   C CG1 . VAL A 1 8   ? 3.897   -5.239  3.168   1.00 10.81 ? 8   VAL X CG1 1 
ATOM   62   C CG2 . VAL A 1 8   ? 4.811   -5.184  0.730   1.00 12.10 ? 8   VAL X CG2 1 
ATOM   63   N N   . ALA A 1 9   ? 2.491   -7.264  0.160   1.00 10.75 ? 9   ALA X N   1 
ATOM   64   C CA  . ALA A 1 9   ? 2.610   -8.733  0.228   1.00 11.70 ? 9   ALA X CA  1 
ATOM   65   C C   . ALA A 1 9   ? 4.124   -9.014  0.142   1.00 12.96 ? 9   ALA X C   1 
ATOM   66   O O   . ALA A 1 9   ? 4.827   -8.452  -0.735  1.00 13.22 ? 9   ALA X O   1 
ATOM   67   C CB  . ALA A 1 9   ? 1.814   -9.388  -0.941  1.00 10.85 ? 9   ALA X CB  1 
ATOM   68   N N   . VAL A 1 10  ? 4.621   -9.836  1.065   1.00 12.90 ? 10  VAL X N   1 
ATOM   69   C CA  . VAL A 1 10  ? 6.052   -10.106 1.198   1.00 14.49 ? 10  VAL X CA  1 
ATOM   70   C C   . VAL A 1 10  ? 6.386   -11.579 1.267   1.00 14.81 ? 10  VAL X C   1 
ATOM   71   O O   . VAL A 1 10  ? 5.743   -12.333 1.985   1.00 15.92 ? 10  VAL X O   1 
ATOM   72   C CB  . VAL A 1 10  ? 6.676   -9.461  2.464   1.00 14.56 ? 10  VAL X CB  1 
ATOM   73   C CG1 . VAL A 1 10  ? 6.989   -7.970  2.240   1.00 15.86 ? 10  VAL X CG1 1 
ATOM   74   C CG2 . VAL A 1 10  ? 5.840   -9.743  3.753   1.00 14.45 ? 10  VAL X CG2 1 
ATOM   75   N N   . SER A 1 11  ? 7.407   -11.998 0.543   1.00 16.06 ? 11  SER X N   1 
ATOM   76   C CA  . SER A 1 11  ? 7.822   -13.387 0.633   1.00 17.51 ? 11  SER X CA  1 
ATOM   77   C C   . SER A 1 11  ? 8.579   -13.597 1.958   1.00 18.33 ? 11  SER X C   1 
ATOM   78   O O   . SER A 1 11  ? 8.885   -12.624 2.674   1.00 17.87 ? 11  SER X O   1 
ATOM   79   C CB  . SER A 1 11  ? 8.672   -13.767 -0.581  1.00 17.39 ? 11  SER X CB  1 
ATOM   80   O OG  . SER A 1 11  ? 9.890   -13.044 -0.552  1.00 18.36 ? 11  SER X OG  1 
ATOM   81   N N   . GLN A 1 12  ? 8.861   -14.855 2.296   1.00 19.68 ? 12  GLN X N   1 
ATOM   82   C CA  . GLN A 1 12  ? 9.613   -15.164 3.537   1.00 22.60 ? 12  GLN X CA  1 
ATOM   83   C C   . GLN A 1 12  ? 10.959  -14.454 3.645   1.00 21.82 ? 12  GLN X C   1 
ATOM   84   O O   . GLN A 1 12  ? 11.371  -14.104 4.751   1.00 22.13 ? 12  GLN X O   1 
ATOM   85   C CB  . GLN A 1 12  ? 9.828   -16.667 3.718   1.00 22.39 ? 12  GLN X CB  1 
ATOM   86   C CG  . GLN A 1 12  ? 8.561   -17.419 4.041   1.00 26.31 ? 12  GLN X CG  1 
ATOM   87   C CD  . GLN A 1 12  ? 8.801   -18.884 4.407   1.00 26.20 ? 12  GLN X CD  1 
ATOM   88   O OE1 . GLN A 1 12  ? 7.959   -19.507 5.060   1.00 31.57 ? 12  GLN X OE1 1 
ATOM   89   N NE2 . GLN A 1 12  ? 9.946   -19.432 3.994   1.00 28.86 ? 12  GLN X NE2 1 
ATOM   90   N N   . ASN A 1 13  ? 11.605  -14.232 2.496   1.00 22.75 ? 13  ASN X N   1 
ATOM   91   C CA  . ASN A 1 13  ? 12.868  -13.453 2.374   1.00 23.10 ? 13  ASN X CA  1 
ATOM   92   C C   . ASN A 1 13  ? 12.712  -11.919 2.266   1.00 22.90 ? 13  ASN X C   1 
ATOM   93   O O   . ASN A 1 13  ? 13.661  -11.194 1.917   1.00 23.56 ? 13  ASN X O   1 
ATOM   94   C CB  . ASN A 1 13  ? 13.755  -14.015 1.248   1.00 23.42 ? 13  ASN X CB  1 
ATOM   95   C CG  . ASN A 1 13  ? 13.048  -14.108 -0.074  1.00 24.68 ? 13  ASN X CG  1 
ATOM   96   O OD1 . ASN A 1 13  ? 11.936  -14.634 -0.168  1.00 26.17 ? 13  ASN X OD1 1 
ATOM   97   N ND2 . ASN A 1 13  ? 13.696  -13.614 -1.124  1.00 24.15 ? 13  ASN X ND2 1 
ATOM   98   N N   . MET A 1 14  ? 11.507  -11.441 2.586   1.00 22.58 ? 14  MET X N   1 
ATOM   99   C CA  . MET A 1 14  ? 11.126  -10.016 2.531   1.00 21.51 ? 14  MET X CA  1 
ATOM   100  C C   . MET A 1 14  ? 11.095  -9.414  1.128   1.00 20.30 ? 14  MET X C   1 
ATOM   101  O O   . MET A 1 14  ? 11.068  -8.191  0.981   1.00 19.55 ? 14  MET X O   1 
ATOM   102  C CB  . MET A 1 14  ? 11.961  -9.169  3.499   1.00 23.68 ? 14  MET X CB  1 
ATOM   103  C CG  . MET A 1 14  ? 11.846  -9.597  4.978   1.00 24.74 ? 14  MET X CG  1 
ATOM   104  S SD  . MET A 1 14  ? 10.165  -9.413  5.632   1.00 32.70 ? 14  MET X SD  1 
ATOM   105  C CE  . MET A 1 14  ? 10.133  -10.913 6.567   1.00 31.06 ? 14  MET X CE  1 
ATOM   106  N N   . GLY A 1 15  ? 11.057  -10.269 0.109   1.00 18.63 ? 15  GLY X N   1 
ATOM   107  C CA  . GLY A 1 15  ? 10.915  -9.821  -1.273  1.00 18.22 ? 15  GLY X CA  1 
ATOM   108  C C   . GLY A 1 15  ? 9.528   -9.277  -1.591  1.00 18.09 ? 15  GLY X C   1 
ATOM   109  O O   . GLY A 1 15  ? 8.512   -9.830  -1.138  1.00 17.72 ? 15  GLY X O   1 
ATOM   110  N N   . ILE A 1 16  ? 9.493   -8.180  -2.345  1.00 17.52 ? 16  ILE X N   1 
ATOM   111  C CA  . ILE A 1 16  ? 8.251   -7.601  -2.844  1.00 17.15 ? 16  ILE X CA  1 
ATOM   112  C C   . ILE A 1 16  ? 8.244   -7.488  -4.378  1.00 16.87 ? 16  ILE X C   1 
ATOM   113  O O   . ILE A 1 16  ? 7.194   -7.389  -4.972  1.00 16.00 ? 16  ILE X O   1 
ATOM   114  C CB  . ILE A 1 16  ? 7.874   -6.225  -2.174  1.00 17.27 ? 16  ILE X CB  1 
ATOM   115  C CG1 . ILE A 1 16  ? 8.836   -5.099  -2.607  1.00 18.07 ? 16  ILE X CG1 1 
ATOM   116  C CG2 . ILE A 1 16  ? 7.837   -6.360  -0.639  1.00 18.28 ? 16  ILE X CG2 1 
ATOM   117  C CD1 . ILE A 1 16  ? 8.329   -3.639  -2.267  1.00 17.45 ? 16  ILE X CD1 1 
ATOM   118  N N   . GLY A 1 17  ? 9.419   -7.526  -5.005  1.00 17.44 ? 17  GLY X N   1 
ATOM   119  C CA  . GLY A 1 17  ? 9.521   -7.239  -6.432  1.00 18.90 ? 17  GLY X CA  1 
ATOM   120  C C   . GLY A 1 17  ? 10.645  -7.958  -7.153  1.00 19.99 ? 17  GLY X C   1 
ATOM   121  O O   . GLY A 1 17  ? 11.613  -8.369  -6.526  1.00 18.37 ? 17  GLY X O   1 
ATOM   122  N N   . LYS A 1 18  ? 10.457  -8.158  -8.467  1.00 21.70 ? 18  LYS X N   1 
ATOM   123  C CA  . LYS A 1 18  ? 11.435  -8.829  -9.335  1.00 23.80 ? 18  LYS X CA  1 
ATOM   124  C C   . LYS A 1 18  ? 11.214  -8.359  -10.766 1.00 24.51 ? 18  LYS X C   1 
ATOM   125  O O   . LYS A 1 18  ? 10.109  -8.483  -11.313 1.00 23.64 ? 18  LYS X O   1 
ATOM   126  C CB  . LYS A 1 18  ? 11.327  -10.363 -9.263  1.00 24.38 ? 18  LYS X CB  1 
ATOM   127  C CG  . LYS A 1 18  ? 12.379  -11.129 -10.064 1.00 25.83 ? 18  LYS X CG  1 
ATOM   128  C CD  . LYS A 1 18  ? 13.829  -10.890 -9.583  1.00 28.10 ? 18  LYS X CD  1 
ATOM   129  C CE  . LYS A 1 18  ? 14.845  -11.468 -10.583 1.00 28.47 ? 18  LYS X CE  1 
ATOM   130  N NZ  . LYS A 1 18  ? 16.259  -11.449 -10.076 1.00 30.16 ? 18  LYS X NZ  1 
ATOM   131  N N   . ASN A 1 19  ? 12.274  -7.774  -11.338 1.00 25.84 ? 19  ASN X N   1 
ATOM   132  C CA  . ASN A 1 19  ? 12.287  -7.188  -12.691 1.00 27.33 ? 19  ASN X CA  1 
ATOM   133  C C   . ASN A 1 19  ? 11.073  -6.308  -13.046 1.00 27.62 ? 19  ASN X C   1 
ATOM   134  O O   . ASN A 1 19  ? 10.538  -6.380  -14.170 1.00 27.70 ? 19  ASN X O   1 
ATOM   135  C CB  . ASN A 1 19  ? 12.543  -8.284  -13.742 1.00 27.89 ? 19  ASN X CB  1 
ATOM   136  C CG  . ASN A 1 19  ? 13.958  -8.896  -13.626 1.00 30.26 ? 19  ASN X CG  1 
ATOM   137  O OD1 . ASN A 1 19  ? 14.944  -8.189  -13.349 1.00 33.14 ? 19  ASN X OD1 1 
ATOM   138  N ND2 . ASN A 1 19  ? 14.060  -10.206 -13.852 1.00 30.02 ? 19  ASN X ND2 1 
ATOM   139  N N   . GLY A 1 20  ? 10.630  -5.505  -12.071 1.00 27.11 ? 20  GLY X N   1 
ATOM   140  C CA  . GLY A 1 20  ? 9.471   -4.615  -12.253 1.00 27.39 ? 20  GLY X CA  1 
ATOM   141  C C   . GLY A 1 20  ? 8.110   -5.300  -12.172 1.00 27.14 ? 20  GLY X C   1 
ATOM   142  O O   . GLY A 1 20  ? 7.066   -4.697  -12.476 1.00 27.76 ? 20  GLY X O   1 
ATOM   143  N N   . ASP A 1 21  ? 8.131   -6.572  -11.791 1.00 26.63 ? 21  ASP X N   1 
ATOM   144  C CA  . ASP A 1 21  ? 6.916   -7.333  -11.553 1.00 26.44 ? 21  ASP X CA  1 
ATOM   145  C C   . ASP A 1 21  ? 6.959   -8.003  -10.168 1.00 24.45 ? 21  ASP X C   1 
ATOM   146  O O   . ASP A 1 21  ? 7.868   -7.769  -9.395  1.00 22.63 ? 21  ASP X O   1 
ATOM   147  C CB  . ASP A 1 21  ? 6.681   -8.355  -12.675 1.00 27.48 ? 21  ASP X CB  1 
ATOM   148  C CG  . ASP A 1 21  ? 5.206   -8.484  -13.026 1.00 32.66 ? 21  ASP X CG  1 
ATOM   149  O OD1 . ASP A 1 21  ? 4.408   -8.929  -12.159 1.00 35.26 ? 21  ASP X OD1 1 
ATOM   150  O OD2 . ASP A 1 21  ? 4.828   -8.103  -14.166 1.00 38.75 ? 21  ASP X OD2 1 
ATOM   151  N N   . LEU A 1 22  ? 5.954   -8.822  -9.860  1.00 22.97 ? 22  LEU X N   1 
ATOM   152  C CA  . LEU A 1 22  ? 5.903   -9.517  -8.574  1.00 22.22 ? 22  LEU X CA  1 
ATOM   153  C C   . LEU A 1 22  ? 6.819   -10.741 -8.668  1.00 21.10 ? 22  LEU X C   1 
ATOM   154  O O   . LEU A 1 22  ? 6.956   -11.306 -9.759  1.00 20.97 ? 22  LEU X O   1 
ATOM   155  C CB  . LEU A 1 22  ? 4.457   -9.903  -8.227  1.00 22.08 ? 22  LEU X CB  1 
ATOM   156  C CG  . LEU A 1 22  ? 3.519   -8.698  -8.013  1.00 24.09 ? 22  LEU X CG  1 
ATOM   157  C CD1 . LEU A 1 22  ? 2.110   -9.127  -7.693  1.00 26.85 ? 22  LEU X CD1 1 
ATOM   158  C CD2 . LEU A 1 22  ? 4.040   -7.774  -6.912  1.00 24.41 ? 22  LEU X CD2 1 
ATOM   159  N N   . PRO A 1 23  ? 7.459   -11.131 -7.552  1.00 19.77 ? 23  PRO X N   1 
ATOM   160  C CA  . PRO A 1 23  ? 8.316   -12.327 -7.487  1.00 20.01 ? 23  PRO X CA  1 
ATOM   161  C C   . PRO A 1 23  ? 7.590   -13.657 -7.737  1.00 20.13 ? 23  PRO X C   1 
ATOM   162  O O   . PRO A 1 23  ? 8.205   -14.598 -8.250  1.00 20.56 ? 23  PRO X O   1 
ATOM   163  C CB  . PRO A 1 23  ? 8.842   -12.310 -6.040  1.00 19.36 ? 23  PRO X CB  1 
ATOM   164  C CG  . PRO A 1 23  ? 8.748   -10.868 -5.612  1.00 19.22 ? 23  PRO X CG  1 
ATOM   165  C CD  . PRO A 1 23  ? 7.456   -10.404 -6.260  1.00 20.53 ? 23  PRO X CD  1 
ATOM   166  N N   . TRP A 1 24  ? 6.312   -13.724 -7.352  1.00 19.63 ? 24  TRP X N   1 
ATOM   167  C CA  . TRP A 1 24  ? 5.488   -14.951 -7.419  1.00 18.50 ? 24  TRP X CA  1 
ATOM   168  C C   . TRP A 1 24  ? 4.547   -14.837 -8.613  1.00 18.85 ? 24  TRP X C   1 
ATOM   169  O O   . TRP A 1 24  ? 4.304   -13.727 -9.139  1.00 18.19 ? 24  TRP X O   1 
ATOM   170  C CB  . TRP A 1 24  ? 4.699   -15.147 -6.091  1.00 18.42 ? 24  TRP X CB  1 
ATOM   171  C CG  . TRP A 1 24  ? 4.161   -13.816 -5.560  1.00 17.74 ? 24  TRP X CG  1 
ATOM   172  C CD1 . TRP A 1 24  ? 3.009   -13.201 -5.926  1.00 18.88 ? 24  TRP X CD1 1 
ATOM   173  C CD2 . TRP A 1 24  ? 4.802   -12.943 -4.618  1.00 17.48 ? 24  TRP X CD2 1 
ATOM   174  N NE1 . TRP A 1 24  ? 2.883   -11.985 -5.276  1.00 19.25 ? 24  TRP X NE1 1 
ATOM   175  C CE2 . TRP A 1 24  ? 3.968   -11.803 -4.463  1.00 17.72 ? 24  TRP X CE2 1 
ATOM   176  C CE3 . TRP A 1 24  ? 5.993   -13.009 -3.894  1.00 16.48 ? 24  TRP X CE3 1 
ATOM   177  C CZ2 . TRP A 1 24  ? 4.300   -10.726 -3.620  1.00 16.92 ? 24  TRP X CZ2 1 
ATOM   178  C CZ3 . TRP A 1 24  ? 6.337   -11.929 -3.053  1.00 18.40 ? 24  TRP X CZ3 1 
ATOM   179  C CH2 . TRP A 1 24  ? 5.481   -10.812 -2.919  1.00 18.51 ? 24  TRP X CH2 1 
ATOM   180  N N   . PRO A 1 25  ? 4.020   -15.982 -9.091  1.00 17.77 ? 25  PRO X N   1 
ATOM   181  C CA  . PRO A 1 25  ? 2.943   -15.937 -10.086 1.00 17.31 ? 25  PRO X CA  1 
ATOM   182  C C   . PRO A 1 25  ? 1.719   -15.169 -9.543  1.00 16.59 ? 25  PRO X C   1 
ATOM   183  O O   . PRO A 1 25  ? 1.586   -15.052 -8.326  1.00 16.28 ? 25  PRO X O   1 
ATOM   184  C CB  . PRO A 1 25  ? 2.572   -17.428 -10.306 1.00 16.88 ? 25  PRO X CB  1 
ATOM   185  C CG  . PRO A 1 25  ? 3.401   -18.224 -9.408  1.00 17.62 ? 25  PRO X CG  1 
ATOM   186  C CD  . PRO A 1 25  ? 4.448   -17.350 -8.745  1.00 18.00 ? 25  PRO X CD  1 
ATOM   187  N N   . PRO A 1 26  ? 0.838   -14.662 -10.426 1.00 17.23 ? 26  PRO X N   1 
ATOM   188  C CA  . PRO A 1 26  ? -0.319  -13.913 -9.935  1.00 16.88 ? 26  PRO X CA  1 
ATOM   189  C C   . PRO A 1 26  ? -1.116  -14.688 -8.859  1.00 16.70 ? 26  PRO X C   1 
ATOM   190  O O   . PRO A 1 26  ? -1.487  -15.863 -9.050  1.00 15.19 ? 26  PRO X O   1 
ATOM   191  C CB  . PRO A 1 26  ? -1.178  -13.734 -11.190 1.00 17.61 ? 26  PRO X CB  1 
ATOM   192  C CG  . PRO A 1 26  ? -0.186  -13.717 -12.325 1.00 18.83 ? 26  PRO X CG  1 
ATOM   193  C CD  . PRO A 1 26  ? 0.833   -14.764 -11.905 1.00 16.75 ? 26  PRO X CD  1 
ATOM   194  N N   . LEU A 1 27  ? -1.356  -14.024 -7.738  1.00 15.57 ? 27  LEU X N   1 
ATOM   195  C CA  . LEU A 1 27  ? -2.238  -14.564 -6.708  1.00 15.75 ? 27  LEU X CA  1 
ATOM   196  C C   . LEU A 1 27  ? -3.509  -13.710 -6.717  1.00 15.54 ? 27  LEU X C   1 
ATOM   197  O O   . LEU A 1 27  ? -3.589  -12.697 -6.010  1.00 14.18 ? 27  LEU X O   1 
ATOM   198  C CB  . LEU A 1 27  ? -1.533  -14.567 -5.337  1.00 15.73 ? 27  LEU X CB  1 
ATOM   199  C CG  . LEU A 1 27  ? -0.296  -15.507 -5.209  1.00 17.12 ? 27  LEU X CG  1 
ATOM   200  C CD1 . LEU A 1 27  ? 0.396   -15.368 -3.859  1.00 17.70 ? 27  LEU X CD1 1 
ATOM   201  C CD2 . LEU A 1 27  ? -0.701  -16.989 -5.472  1.00 17.92 ? 27  LEU X CD2 1 
ATOM   202  N N   . ARG A 1 28  ? -4.467  -14.098 -7.568  1.00 14.72 ? 28  ARG X N   1 
ATOM   203  C CA  . ARG A 1 28  ? -5.706  -13.341 -7.774  1.00 17.16 ? 28  ARG X CA  1 
ATOM   204  C C   . ARG A 1 28  ? -6.501  -13.202 -6.472  1.00 14.91 ? 28  ARG X C   1 
ATOM   205  O O   . ARG A 1 28  ? -7.125  -12.154 -6.257  1.00 15.86 ? 28  ARG X O   1 
ATOM   206  C CB  . ARG A 1 28  ? -6.586  -13.988 -8.868  1.00 17.83 ? 28  ARG X CB  1 
ATOM   207  C CG  . ARG A 1 28  ? -6.122  -13.834 -10.374 1.00 21.56 ? 28  ARG X CG  1 
ATOM   208  C CD  . ARG A 1 28  ? -7.118  -14.722 -11.197 1.00 22.33 ? 28  ARG X CD  1 
ATOM   209  N NE  . ARG A 1 28  ? -6.885  -15.015 -12.640 1.00 28.92 ? 28  ARG X NE  1 
ATOM   210  C CZ  . ARG A 1 28  ? -7.076  -16.232 -13.207 1.00 31.95 ? 28  ARG X CZ  1 
ATOM   211  N NH1 . ARG A 1 28  ? -6.893  -16.412 -14.527 1.00 30.51 ? 28  ARG X NH1 1 
ATOM   212  N NH2 . ARG A 1 28  ? -7.417  -17.299 -12.447 1.00 30.24 ? 28  ARG X NH2 1 
ATOM   213  N N   . ASN A 1 29  ? -6.459  -14.220 -5.599  1.00 13.99 ? 29  ASN X N   1 
ATOM   214  C CA  . ASN A 1 29  ? -7.156  -14.153 -4.293  1.00 14.53 ? 29  ASN X CA  1 
ATOM   215  C C   . ASN A 1 29  ? -6.548  -13.140 -3.313  1.00 14.16 ? 29  ASN X C   1 
ATOM   216  O O   . ASN A 1 29  ? -7.275  -12.422 -2.602  1.00 14.96 ? 29  ASN X O   1 
ATOM   217  C CB  . ASN A 1 29  ? -7.349  -15.561 -3.651  1.00 14.25 ? 29  ASN X CB  1 
ATOM   218  C CG  . ASN A 1 29  ? -8.305  -16.440 -4.454  1.00 14.56 ? 29  ASN X CG  1 
ATOM   219  O OD1 . ASN A 1 29  ? -9.057  -15.956 -5.324  1.00 15.25 ? 29  ASN X OD1 1 
ATOM   220  N ND2 . ASN A 1 29  ? -8.284  -17.737 -4.168  1.00 17.02 ? 29  ASN X ND2 1 
ATOM   221  N N   . GLU A 1 30  ? -5.220  -13.052 -3.312  1.00 13.85 ? 30  GLU X N   1 
ATOM   222  C CA  . GLU A 1 30  ? -4.503  -12.064 -2.515  1.00 13.29 ? 30  GLU X CA  1 
ATOM   223  C C   . GLU A 1 30  ? -4.749  -10.629 -3.065  1.00 12.81 ? 30  GLU X C   1 
ATOM   224  O O   . GLU A 1 30  ? -4.930  -9.677  -2.297  1.00 12.12 ? 30  GLU X O   1 
ATOM   225  C CB  . GLU A 1 30  ? -2.990  -12.381 -2.478  1.00 13.84 ? 30  GLU X CB  1 
ATOM   226  C CG  . GLU A 1 30  ? -2.279  -11.777 -1.278  1.00 14.14 ? 30  GLU X CG  1 
ATOM   227  C CD  . GLU A 1 30  ? -1.956  -10.293 -1.432  1.00 16.20 ? 30  GLU X CD  1 
ATOM   228  O OE1 . GLU A 1 30  ? -1.975  -9.565  -0.406  1.00 14.64 ? 30  GLU X OE1 1 
ATOM   229  O OE2 . GLU A 1 30  ? -1.667  -9.843  -2.566  1.00 14.05 ? 30  GLU X OE2 1 
ATOM   230  N N   . PHE A 1 31  ? -4.770  -10.486 -4.388  1.00 12.57 ? 31  PHE X N   1 
ATOM   231  C CA  . PHE A 1 31  ? -5.113  -9.213  -5.002  1.00 12.99 ? 31  PHE X CA  1 
ATOM   232  C C   . PHE A 1 31  ? -6.563  -8.756  -4.671  1.00 12.08 ? 31  PHE X C   1 
ATOM   233  O O   . PHE A 1 31  ? -6.812  -7.564  -4.512  1.00 9.96  ? 31  PHE X O   1 
ATOM   234  C CB  . PHE A 1 31  ? -4.904  -9.269  -6.519  1.00 15.46 ? 31  PHE X CB  1 
ATOM   235  C CG  . PHE A 1 31  ? -5.121  -7.932  -7.200  1.00 20.85 ? 31  PHE X CG  1 
ATOM   236  C CD1 . PHE A 1 31  ? -4.218  -6.866  -6.980  1.00 26.80 ? 31  PHE X CD1 1 
ATOM   237  C CD2 . PHE A 1 31  ? -6.234  -7.718  -8.027  1.00 25.58 ? 31  PHE X CD2 1 
ATOM   238  C CE1 . PHE A 1 31  ? -4.415  -5.601  -7.614  1.00 25.96 ? 31  PHE X CE1 1 
ATOM   239  C CE2 . PHE A 1 31  ? -6.445  -6.476  -8.648  1.00 25.57 ? 31  PHE X CE2 1 
ATOM   240  C CZ  . PHE A 1 31  ? -5.529  -5.421  -8.439  1.00 25.15 ? 31  PHE X CZ  1 
ATOM   241  N N   . LYS A 1 32  ? -7.498  -9.701  -4.538  1.00 10.77 ? 32  LYS X N   1 
ATOM   242  C CA  . LYS A 1 32  ? -8.844  -9.369  -4.049  1.00 11.10 ? 32  LYS X CA  1 
ATOM   243  C C   . LYS A 1 32  ? -8.779  -8.725  -2.644  1.00 10.04 ? 32  LYS X C   1 
ATOM   244  O O   . LYS A 1 32  ? -9.511  -7.774  -2.361  1.00 10.18 ? 32  LYS X O   1 
ATOM   245  C CB  . LYS A 1 32  ? -9.774  -10.585 -4.080  1.00 10.44 ? 32  LYS X CB  1 
ATOM   246  C CG  . LYS A 1 32  ? -10.157 -11.015 -5.532  1.00 10.62 ? 32  LYS X CG  1 
ATOM   247  C CD  . LYS A 1 32  ? -10.985 -12.327 -5.494  1.00 15.03 ? 32  LYS X CD  1 
ATOM   248  C CE  . LYS A 1 32  ? -11.403 -12.755 -6.927  1.00 16.46 ? 32  LYS X CE  1 
ATOM   249  N NZ  . LYS A 1 32  ? -11.965 -14.138 -7.010  1.00 25.36 ? 32  LYS X NZ  1 
ATOM   250  N N   . TYR A 1 33  ? -7.922  -9.241  -1.774  1.00 9.50  ? 33  TYR X N   1 
ATOM   251  C CA  . TYR A 1 33  ? -7.797  -8.684  -0.404  1.00 9.95  ? 33  TYR X CA  1 
ATOM   252  C C   . TYR A 1 33  ? -7.210  -7.272  -0.509  1.00 9.87  ? 33  TYR X C   1 
ATOM   253  O O   . TYR A 1 33  ? -7.682  -6.318  0.119   1.00 8.84  ? 33  TYR X O   1 
ATOM   254  C CB  . TYR A 1 33  ? -6.913  -9.582  0.468   1.00 10.37 ? 33  TYR X CB  1 
ATOM   255  C CG  . TYR A 1 33  ? -6.528  -8.980  1.835   1.00 10.15 ? 33  TYR X CG  1 
ATOM   256  C CD1 . TYR A 1 33  ? -5.291  -8.365  2.042   1.00 7.41  ? 33  TYR X CD1 1 
ATOM   257  C CD2 . TYR A 1 33  ? -7.407  -9.045  2.904   1.00 11.47 ? 33  TYR X CD2 1 
ATOM   258  C CE1 . TYR A 1 33  ? -4.955  -7.796  3.314   1.00 7.37  ? 33  TYR X CE1 1 
ATOM   259  C CE2 . TYR A 1 33  ? -7.070  -8.509  4.168   1.00 9.45  ? 33  TYR X CE2 1 
ATOM   260  C CZ  . TYR A 1 33  ? -5.853  -7.891  4.351   1.00 9.38  ? 33  TYR X CZ  1 
ATOM   261  O OH  . TYR A 1 33  ? -5.560  -7.369  5.599   1.00 11.03 ? 33  TYR X OH  1 
ATOM   262  N N   . PHE A 1 34  ? -6.171  -7.146  -1.310  1.00 10.18 ? 34  PHE X N   1 
ATOM   263  C CA  . PHE A 1 34  ? -5.608  -5.814  -1.594  1.00 10.51 ? 34  PHE X CA  1 
ATOM   264  C C   . PHE A 1 34  ? -6.666  -4.828  -2.096  1.00 9.81  ? 34  PHE X C   1 
ATOM   265  O O   . PHE A 1 34  ? -6.737  -3.692  -1.599  1.00 8.68  ? 34  PHE X O   1 
ATOM   266  C CB  . PHE A 1 34  ? -4.468  -5.899  -2.615  1.00 10.63 ? 34  PHE X CB  1 
ATOM   267  C CG  . PHE A 1 34  ? -4.022  -4.545  -3.127  1.00 10.26 ? 34  PHE X CG  1 
ATOM   268  C CD1 . PHE A 1 34  ? -3.058  -3.821  -2.437  1.00 8.45  ? 34  PHE X CD1 1 
ATOM   269  C CD2 . PHE A 1 34  ? -4.619  -3.979  -4.283  1.00 11.34 ? 34  PHE X CD2 1 
ATOM   270  C CE1 . PHE A 1 34  ? -2.630  -2.539  -2.896  1.00 9.57  ? 34  PHE X CE1 1 
ATOM   271  C CE2 . PHE A 1 34  ? -4.212  -2.687  -4.730  1.00 14.69 ? 34  PHE X CE2 1 
ATOM   272  C CZ  . PHE A 1 34  ? -3.213  -1.987  -4.042  1.00 11.12 ? 34  PHE X CZ  1 
ATOM   273  N N   . GLN A 1 35  ? -7.468  -5.227  -3.099  1.00 10.47 ? 35  GLN X N   1 
ATOM   274  C CA  . GLN A 1 35  ? -8.541  -4.372  -3.635  1.00 10.21 ? 35  GLN X CA  1 
ATOM   275  C C   . GLN A 1 35  ? -9.580  -4.020  -2.605  1.00 10.36 ? 35  GLN X C   1 
ATOM   276  O O   . GLN A 1 35  ? -9.945  -2.854  -2.454  1.00 10.91 ? 35  GLN X O   1 
ATOM   277  C CB  . GLN A 1 35  ? -9.270  -5.023  -4.838  1.00 10.65 ? 35  GLN X CB  1 
ATOM   278  C CG  . GLN A 1 35  ? -8.320  -5.233  -6.015  1.00 17.28 ? 35  GLN X CG  1 
ATOM   279  C CD  . GLN A 1 35  ? -8.185  -4.018  -6.933  1.00 22.14 ? 35  GLN X CD  1 
ATOM   280  O OE1 . GLN A 1 35  ? -7.405  -3.083  -6.679  1.00 22.13 ? 35  GLN X OE1 1 
ATOM   281  N NE2 . GLN A 1 35  ? -8.937  -4.050  -8.041  1.00 23.59 ? 35  GLN X NE2 1 
ATOM   282  N N   . ARG A 1 36  ? -10.072 -5.025  -1.885  1.00 10.21 ? 36  ARG X N   1 
ATOM   283  C CA  . ARG A 1 36  ? -11.063 -4.748  -0.860  1.00 9.47  ? 36  ARG X CA  1 
ATOM   284  C C   . ARG A 1 36  ? -10.530 -3.796  0.219   1.00 9.58  ? 36  ARG X C   1 
ATOM   285  O O   . ARG A 1 36  ? -11.233 -2.848  0.597   1.00 9.70  ? 36  ARG X O   1 
ATOM   286  C CB  . ARG A 1 36  ? -11.529 -6.034  -0.191  1.00 9.87  ? 36  ARG X CB  1 
ATOM   287  C CG  . ARG A 1 36  ? -12.566 -5.766  0.956   1.00 9.85  ? 36  ARG X CG  1 
ATOM   288  C CD  . ARG A 1 36  ? -13.213 -7.102  1.420   1.00 10.27 ? 36  ARG X CD  1 
ATOM   289  N NE  . ARG A 1 36  ? -12.250 -8.014  2.056   1.00 11.25 ? 36  ARG X NE  1 
ATOM   290  C CZ  . ARG A 1 36  ? -11.951 -8.034  3.368   1.00 12.63 ? 36  ARG X CZ  1 
ATOM   291  N NH1 . ARG A 1 36  ? -12.506 -7.155  4.195   1.00 10.32 ? 36  ARG X NH1 1 
ATOM   292  N NH2 . ARG A 1 36  ? -11.077 -8.948  3.869   1.00 9.82  ? 36  ARG X NH2 1 
ATOM   293  N N   . MET A 1 37  ? -9.340  -4.079  0.764   1.00 8.70  ? 37  MET X N   1 
ATOM   294  C CA  . MET A 1 37  ? -8.813  -3.255  1.893   1.00 8.62  ? 37  MET X CA  1 
ATOM   295  C C   . MET A 1 37  ? -8.593  -1.789  1.437   1.00 8.79  ? 37  MET X C   1 
ATOM   296  O O   . MET A 1 37  ? -9.073  -0.816  2.076   1.00 8.26  ? 37  MET X O   1 
ATOM   297  C CB  . MET A 1 37  ? -7.540  -3.883  2.471   1.00 9.37  ? 37  MET X CB  1 
ATOM   298  C CG  . MET A 1 37  ? -7.807  -5.251  3.259   1.00 10.76 ? 37  MET X CG  1 
ATOM   299  S SD  . MET A 1 37  ? -9.215  -5.247  4.433   1.00 16.57 ? 37  MET X SD  1 
ATOM   300  C CE  . MET A 1 37  ? -8.506  -4.146  5.669   1.00 15.86 ? 37  MET X CE  1 
ATOM   301  N N   . THR A 1 38  ? -7.885  -1.626  0.330   1.00 8.41  ? 38  THR X N   1 
ATOM   302  C CA  . THR A 1 38  ? -7.599  -0.257  -0.192  1.00 8.74  ? 38  THR X CA  1 
ATOM   303  C C   . THR A 1 38  ? -8.855  0.540   -0.709  1.00 9.05  ? 38  THR X C   1 
ATOM   304  O O   . THR A 1 38  ? -8.904  1.784   -0.627  1.00 7.98  ? 38  THR X O   1 
ATOM   305  C CB  . THR A 1 38  ? -6.486  -0.245  -1.260  1.00 8.32  ? 38  THR X CB  1 
ATOM   306  O OG1 . THR A 1 38  ? -6.920  -0.936  -2.450  1.00 7.15  ? 38  THR X OG1 1 
ATOM   307  C CG2 . THR A 1 38  ? -5.191  -0.812  -0.726  1.00 7.86  ? 38  THR X CG2 1 
ATOM   308  N N   . THR A 1 39  ? -9.853  -0.170  -1.226  1.00 10.02 ? 39  THR X N   1 
ATOM   309  C CA  . THR A 1 39  ? -11.008 0.474   -1.850  1.00 10.35 ? 39  THR X CA  1 
ATOM   310  C C   . THR A 1 39  ? -12.126 0.785   -0.844  1.00 10.65 ? 39  THR X C   1 
ATOM   311  O O   . THR A 1 39  ? -12.835 1.803   -0.999  1.00 10.90 ? 39  THR X O   1 
ATOM   312  C CB  . THR A 1 39  ? -11.562 -0.330  -3.070  1.00 10.58 ? 39  THR X CB  1 
ATOM   313  O OG1 . THR A 1 39  ? -10.494 -0.633  -3.959  1.00 10.31 ? 39  THR X OG1 1 
ATOM   314  C CG2 . THR A 1 39  ? -12.646 0.444   -3.860  1.00 10.26 ? 39  THR X CG2 1 
ATOM   315  N N   . THR A 1 40  ? -12.277 -0.044  0.190   1.00 11.12 ? 40  THR X N   1 
ATOM   316  C CA  . THR A 1 40  ? -13.421 0.138   1.089   1.00 11.86 ? 40  THR X CA  1 
ATOM   317  C C   . THR A 1 40  ? -13.255 1.333   2.064   1.00 11.93 ? 40  THR X C   1 
ATOM   318  O O   . THR A 1 40  ? -12.525 1.237   3.057   1.00 11.87 ? 40  THR X O   1 
ATOM   319  C CB  . THR A 1 40  ? -13.830 -1.180  1.798   1.00 12.43 ? 40  THR X CB  1 
ATOM   320  O OG1 . THR A 1 40  ? -13.857 -2.228  0.830   1.00 12.15 ? 40  THR X OG1 1 
ATOM   321  C CG2 . THR A 1 40  ? -15.210 -1.057  2.437   1.00 11.11 ? 40  THR X CG2 1 
ATOM   322  N N   . SER A 1 41  ? -13.925 2.456   1.778   1.00 12.91 ? 41  SER X N   1 
ATOM   323  C CA  . SER A 1 41  ? -13.957 3.560   2.746   1.00 14.44 ? 41  SER X CA  1 
ATOM   324  C C   . SER A 1 41  ? -14.924 3.212   3.870   1.00 15.86 ? 41  SER X C   1 
ATOM   325  O O   . SER A 1 41  ? -15.750 2.302   3.727   1.00 13.77 ? 41  SER X O   1 
ATOM   326  C CB  . SER A 1 41  ? -14.359 4.894   2.143   1.00 15.80 ? 41  SER X CB  1 
ATOM   327  O OG  . SER A 1 41  ? -15.683 4.884   1.696   1.00 18.73 ? 41  SER X OG  1 
ATOM   328  N N   . SER A 1 42  ? -14.800 3.953   4.974   1.00 17.14 ? 42  SER X N   1 
ATOM   329  C CA  . SER A 1 42  ? -15.585 3.684   6.166   1.00 19.08 ? 42  SER X CA  1 
ATOM   330  C C   . SER A 1 42  ? -16.820 4.570   6.114   1.00 20.23 ? 42  SER X C   1 
ATOM   331  O O   . SER A 1 42  ? -17.687 4.481   6.994   1.00 20.84 ? 42  SER X O   1 
ATOM   332  C CB  . SER A 1 42  ? -14.746 3.967   7.408   1.00 17.80 ? 42  SER X CB  1 
ATOM   333  O OG  . SER A 1 42  ? -14.487 5.375   7.507   1.00 22.08 ? 42  SER X OG  1 
ATOM   334  N N   . VAL A 1 43  ? -16.880 5.411   5.067   1.00 20.50 ? 43  VAL X N   1 
ATOM   335  C CA  . VAL A 1 43  ? -17.870 6.475   4.907   1.00 21.76 ? 43  VAL X CA  1 
ATOM   336  C C   . VAL A 1 43  ? -18.325 6.570   3.448   1.00 21.98 ? 43  VAL X C   1 
ATOM   337  O O   . VAL A 1 43  ? -17.520 6.753   2.515   1.00 21.05 ? 43  VAL X O   1 
ATOM   338  C CB  . VAL A 1 43  ? -17.347 7.910   5.360   1.00 21.69 ? 43  VAL X CB  1 
ATOM   339  C CG1 . VAL A 1 43  ? -18.490 8.857   5.451   1.00 23.59 ? 43  VAL X CG1 1 
ATOM   340  C CG2 . VAL A 1 43  ? -16.667 7.873   6.703   1.00 24.65 ? 43  VAL X CG2 1 
ATOM   341  N N   . GLU A 1 44  ? -19.631 6.455   3.261   1.00 23.04 ? 44  GLU X N   1 
ATOM   342  C CA  . GLU A 1 44  ? -20.247 6.669   1.967   1.00 24.87 ? 44  GLU X CA  1 
ATOM   343  C C   . GLU A 1 44  ? -20.012 8.112   1.539   1.00 24.68 ? 44  GLU X C   1 
ATOM   344  O O   . GLU A 1 44  ? -20.119 9.019   2.362   1.00 25.13 ? 44  GLU X O   1 
ATOM   345  C CB  . GLU A 1 44  ? -21.758 6.436   2.059   1.00 25.55 ? 44  GLU X CB  1 
ATOM   346  C CG  . GLU A 1 44  ? -22.368 5.939   0.767   1.00 30.15 ? 44  GLU X CG  1 
ATOM   347  C CD  . GLU A 1 44  ? -22.728 4.457   0.847   1.00 36.49 ? 44  GLU X CD  1 
ATOM   348  O OE1 . GLU A 1 44  ? -23.744 4.110   1.519   1.00 39.20 ? 44  GLU X OE1 1 
ATOM   349  O OE2 . GLU A 1 44  ? -21.981 3.645   0.250   1.00 37.46 ? 44  GLU X OE2 1 
ATOM   350  N N   . GLY A 1 45  ? -19.693 8.326   0.270   1.00 24.16 ? 45  GLY X N   1 
ATOM   351  C CA  . GLY A 1 45  ? -19.388 9.694   -0.206  1.00 23.91 ? 45  GLY X CA  1 
ATOM   352  C C   . GLY A 1 45  ? -17.925 10.114  -0.158  1.00 23.22 ? 45  GLY X C   1 
ATOM   353  O O   . GLY A 1 45  ? -17.560 11.148  -0.724  1.00 24.34 ? 45  GLY X O   1 
ATOM   354  N N   . LYS A 1 46  ? -17.094 9.359   0.570   1.00 21.35 ? 46  LYS X N   1 
ATOM   355  C CA  . LYS A 1 46  ? -15.645 9.515   0.542   1.00 19.32 ? 46  LYS X CA  1 
ATOM   356  C C   . LYS A 1 46  ? -14.951 8.322   -0.143  1.00 18.50 ? 46  LYS X C   1 
ATOM   357  O O   . LYS A 1 46  ? -15.391 7.173   -0.017  1.00 17.67 ? 46  LYS X O   1 
ATOM   358  C CB  . LYS A 1 46  ? -15.080 9.645   1.959   1.00 19.20 ? 46  LYS X CB  1 
ATOM   359  C CG  . LYS A 1 46  ? -15.575 10.849  2.735   1.00 20.62 ? 46  LYS X CG  1 
ATOM   360  C CD  . LYS A 1 46  ? -14.803 10.938  4.032   1.00 22.83 ? 46  LYS X CD  1 
ATOM   361  C CE  . LYS A 1 46  ? -15.214 12.155  4.808   1.00 25.74 ? 46  LYS X CE  1 
ATOM   362  N NZ  . LYS A 1 46  ? -14.265 12.325  5.930   1.00 30.00 ? 46  LYS X NZ  1 
ATOM   363  N N   . GLN A 1 47  ? -13.854 8.606   -0.839  1.00 16.19 ? 47  GLN X N   1 
ATOM   364  C CA  . GLN A 1 47  ? -12.978 7.554   -1.364  1.00 15.11 ? 47  GLN X CA  1 
ATOM   365  C C   . GLN A 1 47  ? -11.727 7.389   -0.519  1.00 12.84 ? 47  GLN X C   1 
ATOM   366  O O   . GLN A 1 47  ? -11.256 8.348   0.114   1.00 12.24 ? 47  GLN X O   1 
ATOM   367  C CB  . GLN A 1 47  ? -12.561 7.863   -2.806  1.00 15.30 ? 47  GLN X CB  1 
ATOM   368  C CG  . GLN A 1 47  ? -13.614 7.549   -3.828  1.00 17.80 ? 47  GLN X CG  1 
ATOM   369  C CD  . GLN A 1 47  ? -13.208 8.049   -5.225  1.00 21.53 ? 47  GLN X CD  1 
ATOM   370  O OE1 . GLN A 1 47  ? -12.765 9.180   -5.381  1.00 21.83 ? 47  GLN X OE1 1 
ATOM   371  N NE2 . GLN A 1 47  ? -13.406 7.218   -6.235  1.00 22.97 ? 47  GLN X NE2 1 
ATOM   372  N N   . ASN A 1 48  ? -11.173 6.183   -0.524  1.00 11.06 ? 48  ASN X N   1 
ATOM   373  C CA  . ASN A 1 48  ? -9.839  5.990   0.007   1.00 11.03 ? 48  ASN X CA  1 
ATOM   374  C C   . ASN A 1 48  ? -8.881  6.516   -1.027  1.00 10.59 ? 48  ASN X C   1 
ATOM   375  O O   . ASN A 1 48  ? -9.240  6.701   -2.233  1.00 10.43 ? 48  ASN X O   1 
ATOM   376  C CB  . ASN A 1 48  ? -9.553  4.518   0.336   1.00 10.15 ? 48  ASN X CB  1 
ATOM   377  C CG  . ASN A 1 48  ? -10.354 4.035   1.541   1.00 10.46 ? 48  ASN X CG  1 
ATOM   378  O OD1 . ASN A 1 48  ? -10.972 4.847   2.210   1.00 8.87  ? 48  ASN X OD1 1 
ATOM   379  N ND2 . ASN A 1 48  ? -10.337 2.713   1.826   1.00 10.54 ? 48  ASN X ND2 1 
ATOM   380  N N   . LEU A 1 49  ? -7.680  6.782   -0.542  1.00 9.12  ? 49  LEU X N   1 
ATOM   381  C CA  . LEU A 1 49  ? -6.665  7.322   -1.356  1.00 8.57  ? 49  LEU X CA  1 
ATOM   382  C C   . LEU A 1 49  ? -5.427  6.405   -1.278  1.00 8.70  ? 49  LEU X C   1 
ATOM   383  O O   . LEU A 1 49  ? -5.034  5.941   -0.184  1.00 10.03 ? 49  LEU X O   1 
ATOM   384  C CB  . LEU A 1 49  ? -6.392  8.742   -0.884  1.00 8.21  ? 49  LEU X CB  1 
ATOM   385  C CG  . LEU A 1 49  ? -5.365  9.527   -1.685  1.00 9.02  ? 49  LEU X CG  1 
ATOM   386  C CD1 . LEU A 1 49  ? -5.697  11.058  -1.551  1.00 9.40  ? 49  LEU X CD1 1 
ATOM   387  C CD2 . LEU A 1 49  ? -4.056  9.214   -1.082  1.00 10.19 ? 49  LEU X CD2 1 
ATOM   388  N N   . VAL A 1 50  ? -4.818  6.156   -2.444  1.00 8.88  ? 50  VAL X N   1 
ATOM   389  C CA  . VAL A 1 50  ? -3.546  5.398   -2.570  1.00 7.60  ? 50  VAL X CA  1 
ATOM   390  C C   . VAL A 1 50  ? -2.386  6.336   -2.985  1.00 9.25  ? 50  VAL X C   1 
ATOM   391  O O   . VAL A 1 50  ? -2.526  7.161   -3.911  1.00 10.16 ? 50  VAL X O   1 
ATOM   392  C CB  . VAL A 1 50  ? -3.636  4.156   -3.523  1.00 7.06  ? 50  VAL X CB  1 
ATOM   393  C CG1 . VAL A 1 50  ? -4.653  3.104   -2.979  1.00 7.27  ? 50  VAL X CG1 1 
ATOM   394  C CG2 . VAL A 1 50  ? -3.965  4.559   -5.007  1.00 9.06  ? 50  VAL X CG2 1 
ATOM   395  N N   . ILE A 1 51  ? -1.269  6.198   -2.275  1.00 9.08  ? 51  ILE X N   1 
ATOM   396  C CA  . ILE A 1 51  ? -0.004  6.841   -2.656  1.00 10.01 ? 51  ILE X CA  1 
ATOM   397  C C   . ILE A 1 51  ? 0.970   5.765   -3.120  1.00 9.99  ? 51  ILE X C   1 
ATOM   398  O O   . ILE A 1 51  ? 1.181   4.781   -2.412  1.00 11.51 ? 51  ILE X O   1 
ATOM   399  C CB  . ILE A 1 51  ? 0.596   7.562   -1.456  1.00 9.75  ? 51  ILE X CB  1 
ATOM   400  C CG1 . ILE A 1 51  ? -0.391  8.623   -0.951  1.00 12.50 ? 51  ILE X CG1 1 
ATOM   401  C CG2 . ILE A 1 51  ? 1.969   8.128   -1.801  1.00 8.16  ? 51  ILE X CG2 1 
ATOM   402  C CD1 . ILE A 1 51  ? -0.085  9.153   0.452   1.00 15.68 ? 51  ILE X CD1 1 
ATOM   403  N N   . MET A 1 52  ? 1.595   5.967   -4.286  1.00 9.96  ? 52  MET X N   1 
ATOM   404  C CA  . MET A 1 52  ? 2.600   5.010   -4.780  1.00 9.98  ? 52  MET X CA  1 
ATOM   405  C C   . MET A 1 52  ? 3.771   5.696   -5.473  1.00 8.89  ? 52  MET X C   1 
ATOM   406  O O   . MET A 1 52  ? 3.619   6.832   -5.958  1.00 9.35  ? 52  MET X O   1 
ATOM   407  C CB  . MET A 1 52  ? 1.988   3.993   -5.738  1.00 8.36  ? 52  MET X CB  1 
ATOM   408  C CG  . MET A 1 52  ? 1.538   4.577   -7.061  1.00 12.01 ? 52  MET X CG  1 
ATOM   409  S SD  . MET A 1 52  ? 0.513   3.473   -8.023  1.00 12.78 ? 52  MET X SD  1 
ATOM   410  C CE  . MET A 1 52  ? -1.126  3.993   -7.384  1.00 11.96 ? 52  MET X CE  1 
ATOM   411  N N   . GLY A 1 53  ? 4.907   4.988   -5.532  1.00 8.84  ? 53  GLY X N   1 
ATOM   412  C CA  . GLY A 1 53  ? 6.034   5.408   -6.362  1.00 9.14  ? 53  GLY X CA  1 
ATOM   413  C C   . GLY A 1 53  ? 5.765   5.272   -7.852  1.00 9.43  ? 53  GLY X C   1 
ATOM   414  O O   . GLY A 1 53  ? 4.894   4.510   -8.290  1.00 9.69  ? 53  GLY X O   1 
ATOM   415  N N   A ARG A 1 54  ? 6.528   6.029   -8.639  0.50 10.91 ? 54  ARG X N   1 
ATOM   416  N N   B ARG A 1 54  ? 6.494   6.036   -8.640  0.50 10.91 ? 54  ARG X N   1 
ATOM   417  C CA  A ARG A 1 54  ? 6.369   6.041   -10.077 0.50 11.16 ? 54  ARG X CA  1 
ATOM   418  C CA  B ARG A 1 54  ? 6.404   6.039   -10.071 0.50 11.16 ? 54  ARG X CA  1 
ATOM   419  C C   A ARG A 1 54  ? 6.598   4.637   -10.692 0.50 10.95 ? 54  ARG X C   1 
ATOM   420  C C   B ARG A 1 54  ? 6.608   4.640   -10.685 0.50 10.95 ? 54  ARG X C   1 
ATOM   421  O O   A ARG A 1 54  ? 5.962   4.305   -11.694 0.50 11.49 ? 54  ARG X O   1 
ATOM   422  O O   B ARG A 1 54  ? 5.945   4.299   -11.588 0.50 11.49 ? 54  ARG X O   1 
ATOM   423  C CB  A ARG A 1 54  ? 7.298   7.107   -10.675 0.50 11.29 ? 54  ARG X CB  1 
ATOM   424  C CB  B ARG A 1 54  ? 7.374   7.098   -10.598 0.50 11.29 ? 54  ARG X CB  1 
ATOM   425  C CG  A ARG A 1 54  ? 7.560   6.995   -12.200 0.50 15.19 ? 54  ARG X CG  1 
ATOM   426  C CG  B ARG A 1 54  ? 7.720   7.281   -12.042 0.50 15.19 ? 54  ARG X CG  1 
ATOM   427  C CD  A ARG A 1 54  ? 9.045   7.219   -12.383 0.50 22.02 ? 54  ARG X CD  1 
ATOM   428  C CD  B ARG A 1 54  ? 7.495   6.240   -12.863 0.50 22.02 ? 54  ARG X CD  1 
ATOM   429  N NE  A ARG A 1 54  ? 9.574   6.112   -13.085 0.50 23.73 ? 54  ARG X NE  1 
ATOM   430  N NE  B ARG A 1 54  ? 8.657   5.500   -13.275 0.50 23.73 ? 54  ARG X NE  1 
ATOM   431  C CZ  A ARG A 1 54  ? 10.849  5.763   -13.182 0.50 21.48 ? 54  ARG X CZ  1 
ATOM   432  C CZ  B ARG A 1 54  ? 9.916   5.837   -13.108 0.50 21.48 ? 54  ARG X CZ  1 
ATOM   433  N NH1 A ARG A 1 54  ? 11.854  6.423   -12.599 0.50 19.44 ? 54  ARG X NH1 1 
ATOM   434  N NH1 B ARG A 1 54  ? 10.130  6.889   -12.447 0.50 19.44 ? 54  ARG X NH1 1 
ATOM   435  N NH2 A ARG A 1 54  ? 11.082  4.696   -13.887 0.50 17.31 ? 54  ARG X NH2 1 
ATOM   436  N NH2 B ARG A 1 54  ? 10.912  5.075   -13.565 0.50 17.31 ? 54  ARG X NH2 1 
ATOM   437  N N   . LYS A 1 55  ? 7.530   3.852   -10.160 1.00 12.45 ? 55  LYS X N   1 
ATOM   438  C CA  . LYS A 1 55  ? 7.783   2.493   -10.740 1.00 14.04 ? 55  LYS X CA  1 
ATOM   439  C C   . LYS A 1 55  ? 6.569   1.606   -10.476 1.00 14.50 ? 55  LYS X C   1 
ATOM   440  O O   . LYS A 1 55  ? 6.057   0.942   -11.394 1.00 15.80 ? 55  LYS X O   1 
ATOM   441  C CB  . LYS A 1 55  ? 9.093   1.845   -10.211 1.00 14.84 ? 55  LYS X CB  1 
ATOM   442  C CG  . LYS A 1 55  ? 10.445  2.542   -10.652 1.00 14.73 ? 55  LYS X CG  1 
ATOM   443  C CD  . LYS A 1 55  ? 11.644  1.700   -10.184 1.00 15.62 ? 55  LYS X CD  1 
ATOM   444  C CE  . LYS A 1 55  ? 13.003  2.449   -10.216 1.00 20.65 ? 55  LYS X CE  1 
ATOM   445  N NZ  . LYS A 1 55  ? 13.114  3.190   -11.465 1.00 24.04 ? 55  LYS X NZ  1 
ATOM   446  N N   . THR A 1 56  ? 6.093   1.592   -9.236  1.00 14.48 ? 56  THR X N   1 
ATOM   447  C CA  . THR A 1 56  ? 4.849   0.830   -8.920  1.00 14.77 ? 56  THR X CA  1 
ATOM   448  C C   . THR A 1 56  ? 3.676   1.226   -9.872  1.00 14.87 ? 56  THR X C   1 
ATOM   449  O O   . THR A 1 56  ? 2.979   0.337   -10.400 1.00 15.14 ? 56  THR X O   1 
ATOM   450  C CB  . THR A 1 56  ? 4.442   0.993   -7.432  1.00 13.48 ? 56  THR X CB  1 
ATOM   451  O OG1 . THR A 1 56  ? 5.435   0.367   -6.606  1.00 12.94 ? 56  THR X OG1 1 
ATOM   452  C CG2 . THR A 1 56  ? 3.086   0.369   -7.144  1.00 13.41 ? 56  THR X CG2 1 
ATOM   453  N N   . TRP A 1 57  ? 3.482   2.529   -10.114 1.00 13.95 ? 57  TRP X N   1 
ATOM   454  C CA  . TRP A 1 57  ? 2.410   3.009   -11.004 1.00 14.22 ? 57  TRP X CA  1 
ATOM   455  C C   . TRP A 1 57  ? 2.535   2.391   -12.394 1.00 14.48 ? 57  TRP X C   1 
ATOM   456  O O   . TRP A 1 57  ? 1.583   1.793   -12.865 1.00 15.18 ? 57  TRP X O   1 
ATOM   457  C CB  . TRP A 1 57  ? 2.411   4.549   -11.146 1.00 13.84 ? 57  TRP X CB  1 
ATOM   458  C CG  . TRP A 1 57  ? 1.513   5.073   -12.231 1.00 13.64 ? 57  TRP X CG  1 
ATOM   459  C CD1 . TRP A 1 57  ? 1.872   5.418   -13.540 1.00 14.54 ? 57  TRP X CD1 1 
ATOM   460  C CD2 . TRP A 1 57  ? 0.111   5.359   -12.120 1.00 14.55 ? 57  TRP X CD2 1 
ATOM   461  N NE1 . TRP A 1 57  ? 0.783   5.860   -14.225 1.00 11.68 ? 57  TRP X NE1 1 
ATOM   462  C CE2 . TRP A 1 57  ? -0.314  5.852   -13.395 1.00 14.66 ? 57  TRP X CE2 1 
ATOM   463  C CE3 . TRP A 1 57  ? -0.839  5.229   -11.074 1.00 11.69 ? 57  TRP X CE3 1 
ATOM   464  C CZ2 . TRP A 1 57  ? -1.649  6.224   -13.654 1.00 13.90 ? 57  TRP X CZ2 1 
ATOM   465  C CZ3 . TRP A 1 57  ? -2.162  5.601   -11.327 1.00 14.44 ? 57  TRP X CZ3 1 
ATOM   466  C CH2 . TRP A 1 57  ? -2.563  6.077   -12.617 1.00 14.99 ? 57  TRP X CH2 1 
ATOM   467  N N   . PHE A 1 58  ? 3.708   2.514   -13.042 1.00 15.80 ? 58  PHE X N   1 
ATOM   468  C CA  . PHE A 1 58  ? 3.863   1.986   -14.420 1.00 16.33 ? 58  PHE X CA  1 
ATOM   469  C C   . PHE A 1 58  ? 3.944   0.432   -14.431 1.00 17.82 ? 58  PHE X C   1 
ATOM   470  O O   . PHE A 1 58  ? 3.770   -0.188  -15.478 1.00 18.16 ? 58  PHE X O   1 
ATOM   471  C CB  . PHE A 1 58  ? 5.026   2.678   -15.192 1.00 15.78 ? 58  PHE X CB  1 
ATOM   472  C CG  . PHE A 1 58  ? 4.736   4.126   -15.539 1.00 15.11 ? 58  PHE X CG  1 
ATOM   473  C CD1 . PHE A 1 58  ? 5.366   5.156   -14.857 1.00 14.71 ? 58  PHE X CD1 1 
ATOM   474  C CD2 . PHE A 1 58  ? 3.774   4.462   -16.523 1.00 12.76 ? 58  PHE X CD2 1 
ATOM   475  C CE1 . PHE A 1 58  ? 5.053   6.502   -15.120 1.00 15.39 ? 58  PHE X CE1 1 
ATOM   476  C CE2 . PHE A 1 58  ? 3.463   5.813   -16.801 1.00 14.34 ? 58  PHE X CE2 1 
ATOM   477  C CZ  . PHE A 1 58  ? 4.113   6.828   -16.101 1.00 14.29 ? 58  PHE X CZ  1 
ATOM   478  N N   . SER A 1 59  ? 4.203   -0.176  -13.269 1.00 18.33 ? 59  SER X N   1 
ATOM   479  C CA  . SER A 1 59  ? 4.121   -1.638  -13.103 1.00 20.12 ? 59  SER X CA  1 
ATOM   480  C C   . SER A 1 59  ? 2.678   -2.169  -13.049 1.00 20.20 ? 59  SER X C   1 
ATOM   481  O O   . SER A 1 59  ? 2.444   -3.370  -13.267 1.00 20.05 ? 59  SER X O   1 
ATOM   482  C CB  . SER A 1 59  ? 4.871   -2.092  -11.849 1.00 19.37 ? 59  SER X CB  1 
ATOM   483  O OG  . SER A 1 59  ? 6.254   -1.958  -12.087 1.00 25.61 ? 59  SER X OG  1 
ATOM   484  N N   . ILE A 1 60  ? 1.714   -1.300  -12.739 1.00 20.22 ? 60  ILE X N   1 
ATOM   485  C CA  . ILE A 1 60  ? 0.307   -1.737  -12.755 1.00 20.39 ? 60  ILE X CA  1 
ATOM   486  C C   . ILE A 1 60  ? -0.081  -1.864  -14.222 1.00 20.85 ? 60  ILE X C   1 
ATOM   487  O O   . ILE A 1 60  ? 0.154   -0.923  -14.997 1.00 19.86 ? 60  ILE X O   1 
ATOM   488  C CB  . ILE A 1 60  ? -0.638  -0.752  -12.041 1.00 20.95 ? 60  ILE X CB  1 
ATOM   489  C CG1 . ILE A 1 60  ? -0.261  -0.584  -10.568 1.00 20.13 ? 60  ILE X CG1 1 
ATOM   490  C CG2 . ILE A 1 60  ? -2.131  -1.223  -12.140 1.00 22.18 ? 60  ILE X CG2 1 
ATOM   491  C CD1 . ILE A 1 60  ? -0.916  0.679   -9.952  1.00 20.55 ? 60  ILE X CD1 1 
ATOM   492  N N   . PRO A 1 61  ? -0.668  -3.024  -14.621 1.00 21.00 ? 61  PRO X N   1 
ATOM   493  C CA  . PRO A 1 61  ? -1.132  -3.132  -16.003 1.00 20.69 ? 61  PRO X CA  1 
ATOM   494  C C   . PRO A 1 61  ? -1.979  -1.915  -16.373 1.00 20.19 ? 61  PRO X C   1 
ATOM   495  O O   . PRO A 1 61  ? -2.767  -1.482  -15.571 1.00 19.73 ? 61  PRO X O   1 
ATOM   496  C CB  . PRO A 1 61  ? -1.969  -4.411  -15.986 1.00 21.13 ? 61  PRO X CB  1 
ATOM   497  C CG  . PRO A 1 61  ? -1.321  -5.241  -14.944 1.00 21.78 ? 61  PRO X CG  1 
ATOM   498  C CD  . PRO A 1 61  ? -0.941  -4.259  -13.864 1.00 21.54 ? 61  PRO X CD  1 
ATOM   499  N N   . GLU A 1 62  ? -1.787  -1.356  -17.561 1.00 20.56 ? 62  GLU X N   1 
ATOM   500  C CA  . GLU A 1 62  ? -2.524  -0.161  -17.982 1.00 22.89 ? 62  GLU X CA  1 
ATOM   501  C C   . GLU A 1 62  ? -4.031  -0.354  -17.902 1.00 22.82 ? 62  GLU X C   1 
ATOM   502  O O   . GLU A 1 62  ? -4.756  0.566   -17.554 1.00 22.14 ? 62  GLU X O   1 
ATOM   503  C CB  . GLU A 1 62  ? -2.148  0.240   -19.412 1.00 22.64 ? 62  GLU X CB  1 
ATOM   504  C CG  . GLU A 1 62  ? -2.573  1.637   -19.821 1.00 24.20 ? 62  GLU X CG  1 
ATOM   505  C CD  . GLU A 1 62  ? -2.152  1.945   -21.255 1.00 25.65 ? 62  GLU X CD  1 
ATOM   506  O OE1 . GLU A 1 62  ? -0.987  1.660   -21.614 1.00 26.16 ? 62  GLU X OE1 1 
ATOM   507  O OE2 . GLU A 1 62  ? -3.019  2.404   -22.028 1.00 29.59 ? 62  GLU X OE2 1 
ATOM   508  N N   . LYS A 1 63  ? -4.482  -1.563  -18.214 1.00 23.44 ? 63  LYS X N   1 
ATOM   509  C CA  . LYS A 1 63  ? -5.897  -1.886  -18.224 1.00 24.83 ? 63  LYS X CA  1 
ATOM   510  C C   . LYS A 1 63  ? -6.481  -1.750  -16.809 1.00 25.55 ? 63  LYS X C   1 
ATOM   511  O O   . LYS A 1 63  ? -7.720  -1.621  -16.655 1.00 26.10 ? 63  LYS X O   1 
ATOM   512  C CB  . LYS A 1 63  ? -6.128  -3.282  -18.814 1.00 25.05 ? 63  LYS X CB  1 
ATOM   513  C CG  . LYS A 1 63  ? -5.471  -4.397  -18.037 1.00 26.64 ? 63  LYS X CG  1 
ATOM   514  C CD  . LYS A 1 63  ? -5.719  -5.748  -18.699 1.00 28.54 ? 63  LYS X CD  1 
ATOM   515  C CE  . LYS A 1 63  ? -5.194  -6.890  -17.848 1.00 31.28 ? 63  LYS X CE  1 
ATOM   516  N NZ  . LYS A 1 63  ? -4.867  -8.088  -18.697 1.00 32.07 ? 63  LYS X NZ  1 
ATOM   517  N N   . ASN A 1 64  ? -5.589  -1.740  -15.801 1.00 24.41 ? 64  ASN X N   1 
ATOM   518  C CA  . ASN A 1 64  ? -5.934  -1.566  -14.373 1.00 24.03 ? 64  ASN X CA  1 
ATOM   519  C C   . ASN A 1 64  ? -5.537  -0.230  -13.702 1.00 23.51 ? 64  ASN X C   1 
ATOM   520  O O   . ASN A 1 64  ? -5.636  -0.121  -12.471 1.00 24.04 ? 64  ASN X O   1 
ATOM   521  C CB  . ASN A 1 64  ? -5.364  -2.748  -13.557 1.00 24.81 ? 64  ASN X CB  1 
ATOM   522  C CG  . ASN A 1 64  ? -5.871  -4.076  -14.074 1.00 25.51 ? 64  ASN X CG  1 
ATOM   523  O OD1 . ASN A 1 64  ? -6.865  -4.109  -14.801 1.00 30.66 ? 64  ASN X OD1 1 
ATOM   524  N ND2 . ASN A 1 64  ? -5.178  -5.148  -13.767 1.00 27.77 ? 64  ASN X ND2 1 
ATOM   525  N N   . ARG A 1 65  ? -5.093  0.759   -14.493 1.00 21.52 ? 65  ARG X N   1 
ATOM   526  C CA  . ARG A 1 65  ? -4.792  2.108   -13.983 1.00 21.14 ? 65  ARG X CA  1 
ATOM   527  C C   . ARG A 1 65  ? -5.884  3.083   -14.435 1.00 19.95 ? 65  ARG X C   1 
ATOM   528  O O   . ARG A 1 65  ? -6.372  2.943   -15.542 1.00 20.04 ? 65  ARG X O   1 
ATOM   529  C CB  . ARG A 1 65  ? -3.490  2.655   -14.581 1.00 20.49 ? 65  ARG X CB  1 
ATOM   530  C CG  . ARG A 1 65  ? -2.219  2.057   -14.192 1.00 21.23 ? 65  ARG X CG  1 
ATOM   531  C CD  . ARG A 1 65  ? -1.164  2.770   -15.071 1.00 23.07 ? 65  ARG X CD  1 
ATOM   532  N NE  . ARG A 1 65  ? -0.257  1.799   -15.657 1.00 27.36 ? 65  ARG X NE  1 
ATOM   533  C CZ  . ARG A 1 65  ? 0.374   1.956   -16.807 1.00 25.53 ? 65  ARG X CZ  1 
ATOM   534  N NH1 . ARG A 1 65  ? 1.149   0.981   -17.238 1.00 26.84 ? 65  ARG X NH1 1 
ATOM   535  N NH2 . ARG A 1 65  ? 0.220   3.061   -17.530 1.00 24.37 ? 65  ARG X NH2 1 
ATOM   536  N N   . PRO A 1 66  ? -6.262  4.077   -13.588 1.00 19.26 ? 66  PRO X N   1 
ATOM   537  C CA  . PRO A 1 66  ? -5.838  4.185   -12.165 1.00 17.92 ? 66  PRO X CA  1 
ATOM   538  C C   . PRO A 1 66  ? -6.496  3.066   -11.355 1.00 17.82 ? 66  PRO X C   1 
ATOM   539  O O   . PRO A 1 66  ? -7.347  2.322   -11.904 1.00 18.47 ? 66  PRO X O   1 
ATOM   540  C CB  . PRO A 1 66  ? -6.365  5.561   -11.735 1.00 17.51 ? 66  PRO X CB  1 
ATOM   541  C CG  . PRO A 1 66  ? -7.615  5.764   -12.623 1.00 19.56 ? 66  PRO X CG  1 
ATOM   542  C CD  . PRO A 1 66  ? -7.186  5.155   -13.976 1.00 18.01 ? 66  PRO X CD  1 
ATOM   543  N N   . LEU A 1 67  ? -6.058  2.868   -10.108 1.00 16.16 ? 67  LEU X N   1 
ATOM   544  C CA  . LEU A 1 67  ? -6.709  1.897   -9.214  1.00 14.28 ? 67  LEU X CA  1 
ATOM   545  C C   . LEU A 1 67  ? -8.113  2.447   -9.014  1.00 14.29 ? 67  LEU X C   1 
ATOM   546  O O   . LEU A 1 67  ? -8.312  3.536   -8.456  1.00 13.03 ? 67  LEU X O   1 
ATOM   547  C CB  . LEU A 1 67  ? -5.921  1.690   -7.893  1.00 13.42 ? 67  LEU X CB  1 
ATOM   548  C CG  . LEU A 1 67  ? -4.535  1.009   -8.036  1.00 12.38 ? 67  LEU X CG  1 
ATOM   549  C CD1 . LEU A 1 67  ? -3.813  0.889   -6.643  1.00 12.89 ? 67  LEU X CD1 1 
ATOM   550  C CD2 . LEU A 1 67  ? -4.676  -0.391  -8.719  1.00 14.39 ? 67  LEU X CD2 1 
ATOM   551  N N   . LYS A 1 68  ? -9.085  1.732   -9.549  1.00 14.02 ? 68  LYS X N   1 
ATOM   552  C CA  . LYS A 1 68  ? -10.428 2.324   -9.724  1.00 14.52 ? 68  LYS X CA  1 
ATOM   553  C C   . LYS A 1 68  ? -11.098 2.567   -8.359  1.00 13.05 ? 68  LYS X C   1 
ATOM   554  O O   . LYS A 1 68  ? -10.855 1.828   -7.404  1.00 13.16 ? 68  LYS X O   1 
ATOM   555  C CB  . LYS A 1 68  ? -11.289 1.445   -10.628 1.00 15.65 ? 68  LYS X CB  1 
ATOM   556  C CG  . LYS A 1 68  ? -11.425 0.007   -10.097 1.00 19.50 ? 68  LYS X CG  1 
ATOM   557  C CD  . LYS A 1 68  ? -10.529 -1.043  -10.800 1.00 26.67 ? 68  LYS X CD  1 
ATOM   558  C CE  . LYS A 1 68  ? -9.046  -1.127  -10.300 1.00 23.59 ? 68  LYS X CE  1 
ATOM   559  N NZ  . LYS A 1 68  ? -8.155  -0.567  -11.341 1.00 19.10 ? 68  LYS X NZ  1 
ATOM   560  N N   . ASP A 1 69  ? -11.903 3.619   -8.281  1.00 12.32 ? 69  ASP X N   1 
ATOM   561  C CA  . ASP A 1 69  ? -12.657 3.994   -7.072  1.00 13.45 ? 69  ASP X CA  1 
ATOM   562  C C   . ASP A 1 69  ? -11.781 4.392   -5.889  1.00 12.56 ? 69  ASP X C   1 
ATOM   563  O O   . ASP A 1 69  ? -12.267 4.462   -4.757  1.00 11.99 ? 69  ASP X O   1 
ATOM   564  C CB  . ASP A 1 69  ? -13.649 2.878   -6.658  1.00 14.40 ? 69  ASP X CB  1 
ATOM   565  C CG  . ASP A 1 69  ? -14.641 2.573   -7.769  1.00 20.50 ? 69  ASP X CG  1 
ATOM   566  O OD1 . ASP A 1 69  ? -15.173 3.560   -8.349  1.00 27.01 ? 69  ASP X OD1 1 
ATOM   567  O OD2 . ASP A 1 69  ? -14.850 1.378   -8.087  1.00 25.92 ? 69  ASP X OD2 1 
ATOM   568  N N   . ARG A 1 70  ? -10.504 4.655   -6.169  1.00 11.19 ? 70  ARG X N   1 
ATOM   569  C CA  . ARG A 1 70  ? -9.595  5.259   -5.188  1.00 11.65 ? 70  ARG X CA  1 
ATOM   570  C C   . ARG A 1 70  ? -8.992  6.485   -5.856  1.00 11.75 ? 70  ARG X C   1 
ATOM   571  O O   . ARG A 1 70  ? -8.909  6.535   -7.077  1.00 11.05 ? 70  ARG X O   1 
ATOM   572  C CB  . ARG A 1 70  ? -8.485  4.271   -4.784  1.00 11.00 ? 70  ARG X CB  1 
ATOM   573  C CG  . ARG A 1 70  ? -8.965  3.167   -3.838  1.00 10.65 ? 70  ARG X CG  1 
ATOM   574  C CD  . ARG A 1 70  ? -8.252  1.850   -4.108  1.00 7.52  ? 70  ARG X CD  1 
ATOM   575  N NE  . ARG A 1 70  ? -8.732  1.273   -5.363  1.00 10.81 ? 70  ARG X NE  1 
ATOM   576  C CZ  . ARG A 1 70  ? -8.405  0.074   -5.854  1.00 10.58 ? 70  ARG X CZ  1 
ATOM   577  N NH1 . ARG A 1 70  ? -7.518  -0.692  -5.231  1.00 9.80  ? 70  ARG X NH1 1 
ATOM   578  N NH2 . ARG A 1 70  ? -8.948  -0.348  -7.023  1.00 10.60 ? 70  ARG X NH2 1 
ATOM   579  N N   . ILE A 1 71  ? -8.644  7.482   -5.044  1.00 10.91 ? 71  ILE X N   1 
ATOM   580  C CA  . ILE A 1 71  ? -7.885  8.637   -5.469  1.00 11.37 ? 71  ILE X CA  1 
ATOM   581  C C   . ILE A 1 71  ? -6.425  8.201   -5.570  1.00 11.70 ? 71  ILE X C   1 
ATOM   582  O O   . ILE A 1 71  ? -5.886  7.676   -4.598  1.00 12.52 ? 71  ILE X O   1 
ATOM   583  C CB  . ILE A 1 71  ? -8.104  9.834   -4.514  1.00 10.41 ? 71  ILE X CB  1 
ATOM   584  C CG1 . ILE A 1 71  ? -9.608  10.233  -4.550  1.00 10.98 ? 71  ILE X CG1 1 
ATOM   585  C CG2 . ILE A 1 71  ? -7.241  11.046  -4.975  1.00 9.45  ? 71  ILE X CG2 1 
ATOM   586  C CD1 . ILE A 1 71  ? -10.084 11.099  -3.308  1.00 12.89 ? 71  ILE X CD1 1 
ATOM   587  N N   . ASN A 1 72  ? -5.811  8.377   -6.747  1.00 11.22 ? 72  ASN X N   1 
ATOM   588  C CA  . ASN A 1 72  ? -4.444  7.853   -6.979  1.00 12.01 ? 72  ASN X CA  1 
ATOM   589  C C   . ASN A 1 72  ? -3.459  9.009   -6.999  1.00 10.90 ? 72  ASN X C   1 
ATOM   590  O O   . ASN A 1 72  ? -3.596  9.929   -7.826  1.00 13.25 ? 72  ASN X O   1 
ATOM   591  C CB  . ASN A 1 72  ? -4.315  7.122   -8.329  1.00 11.13 ? 72  ASN X CB  1 
ATOM   592  C CG  . ASN A 1 72  ? -5.001  5.753   -8.361  1.00 13.01 ? 72  ASN X CG  1 
ATOM   593  O OD1 . ASN A 1 72  ? -4.412  4.791   -8.829  1.00 11.36 ? 72  ASN X OD1 1 
ATOM   594  N ND2 . ASN A 1 72  ? -6.269  5.680   -7.919  1.00 12.63 ? 72  ASN X ND2 1 
ATOM   595  N N   . ILE A 1 73  ? -2.508  8.983   -6.075  1.00 10.56 ? 73  ILE X N   1 
ATOM   596  C CA  . ILE A 1 73  ? -1.343  9.898   -6.080  1.00 9.59  ? 73  ILE X CA  1 
ATOM   597  C C   . ILE A 1 73  ? -0.049  9.144   -6.429  1.00 9.39  ? 73  ILE X C   1 
ATOM   598  O O   . ILE A 1 73  ? 0.286   8.105   -5.815  1.00 7.67  ? 73  ILE X O   1 
ATOM   599  C CB  . ILE A 1 73  ? -1.133  10.659  -4.714  1.00 10.00 ? 73  ILE X CB  1 
ATOM   600  C CG1 . ILE A 1 73  ? -2.418  11.462  -4.323  1.00 9.95  ? 73  ILE X CG1 1 
ATOM   601  C CG2 . ILE A 1 73  ? 0.165   11.566  -4.762  1.00 9.49  ? 73  ILE X CG2 1 
ATOM   602  C CD1 . ILE A 1 73  ? -2.302  12.283  -2.974  1.00 10.52 ? 73  ILE X CD1 1 
ATOM   603  N N   . VAL A 1 74  ? 0.716   9.722   -7.358  1.00 9.96  ? 74  VAL X N   1 
ATOM   604  C CA  . VAL A 1 74  ? 1.990   9.112   -7.775  1.00 9.34  ? 74  VAL X CA  1 
ATOM   605  C C   . VAL A 1 74  ? 3.123   10.050  -7.339  1.00 9.12  ? 74  VAL X C   1 
ATOM   606  O O   . VAL A 1 74  ? 3.014   11.270  -7.537  1.00 9.54  ? 74  VAL X O   1 
ATOM   607  C CB  . VAL A 1 74  ? 2.084   8.977   -9.319  1.00 10.12 ? 74  VAL X CB  1 
ATOM   608  C CG1 . VAL A 1 74  ? 3.465   8.402   -9.693  1.00 10.30 ? 74  VAL X CG1 1 
ATOM   609  C CG2 . VAL A 1 74  ? 0.925   8.103   -9.906  1.00 8.23  ? 74  VAL X CG2 1 
ATOM   610  N N   . LEU A 1 75  ? 4.190   9.487   -6.758  1.00 9.84  ? 75  LEU X N   1 
ATOM   611  C CA  . LEU A 1 75  ? 5.352   10.270  -6.341  1.00 9.93  ? 75  LEU X CA  1 
ATOM   612  C C   . LEU A 1 75  ? 6.419   10.166  -7.419  1.00 10.54 ? 75  LEU X C   1 
ATOM   613  O O   . LEU A 1 75  ? 6.761   9.057   -7.860  1.00 10.53 ? 75  LEU X O   1 
ATOM   614  C CB  . LEU A 1 75  ? 5.930   9.790   -5.008  1.00 10.34 ? 75  LEU X CB  1 
ATOM   615  C CG  . LEU A 1 75  ? 5.024   9.618   -3.801  1.00 10.20 ? 75  LEU X CG  1 
ATOM   616  C CD1 . LEU A 1 75  ? 5.804   9.101   -2.512  1.00 8.67  ? 75  LEU X CD1 1 
ATOM   617  C CD2 . LEU A 1 75  ? 4.265   10.917  -3.546  1.00 12.10 ? 75  LEU X CD2 1 
ATOM   618  N N   . SER A 1 76  ? 6.937   11.319  -7.843  1.00 10.18 ? 76  SER X N   1 
ATOM   619  C CA  . SER A 1 76  ? 8.033   11.355  -8.802  1.00 11.86 ? 76  SER X CA  1 
ATOM   620  C C   . SER A 1 76  ? 8.774   12.655  -8.660  1.00 13.35 ? 76  SER X C   1 
ATOM   621  O O   . SER A 1 76  ? 8.165   13.716  -8.515  1.00 14.68 ? 76  SER X O   1 
ATOM   622  C CB  . SER A 1 76  ? 7.584   11.162  -10.254 1.00 12.17 ? 76  SER X CB  1 
ATOM   623  O OG  . SER A 1 76  ? 8.705   11.213  -11.146 1.00 12.13 ? 76  SER X OG  1 
ATOM   624  N N   . ARG A 1 77  ? 10.095  12.563  -8.722  1.00 14.40 ? 77  ARG X N   1 
ATOM   625  C CA  . ARG A 1 77  ? 10.943  13.748  -8.679  1.00 16.39 ? 77  ARG X CA  1 
ATOM   626  C C   . ARG A 1 77  ? 11.270  14.271  -10.089 1.00 16.56 ? 77  ARG X C   1 
ATOM   627  O O   . ARG A 1 77  ? 11.940  15.292  -10.213 1.00 17.11 ? 77  ARG X O   1 
ATOM   628  C CB  . ARG A 1 77  ? 12.231  13.446  -7.909  1.00 15.92 ? 77  ARG X CB  1 
ATOM   629  C CG  . ARG A 1 77  ? 12.054  12.987  -6.465  1.00 18.70 ? 77  ARG X CG  1 
ATOM   630  C CD  . ARG A 1 77  ? 13.419  12.856  -5.738  1.00 18.68 ? 77  ARG X CD  1 
ATOM   631  N NE  . ARG A 1 77  ? 13.291  12.208  -4.432  1.00 21.66 ? 77  ARG X NE  1 
ATOM   632  C CZ  . ARG A 1 77  ? 13.209  10.887  -4.218  1.00 19.60 ? 77  ARG X CZ  1 
ATOM   633  N NH1 . ARG A 1 77  ? 13.057  10.450  -2.975  1.00 21.52 ? 77  ARG X NH1 1 
ATOM   634  N NH2 . ARG A 1 77  ? 13.286  9.992   -5.214  1.00 18.71 ? 77  ARG X NH2 1 
ATOM   635  N N   . GLU A 1 78  ? 10.818  13.570  -11.133 1.00 16.61 ? 78  GLU X N   1 
ATOM   636  C CA  . GLU A 1 78  ? 11.164  13.870  -12.541 1.00 18.25 ? 78  GLU X CA  1 
ATOM   637  C C   . GLU A 1 78  ? 9.992   14.122  -13.490 1.00 17.27 ? 78  GLU X C   1 
ATOM   638  O O   . GLU A 1 78  ? 10.123  14.902  -14.439 1.00 18.60 ? 78  GLU X O   1 
ATOM   639  C CB  . GLU A 1 78  ? 12.026  12.732  -13.119 1.00 18.33 ? 78  GLU X CB  1 
ATOM   640  C CG  . GLU A 1 78  ? 13.379  12.585  -12.397 1.00 20.71 ? 78  GLU X CG  1 
ATOM   641  C CD  . GLU A 1 78  ? 14.224  11.406  -12.884 1.00 20.25 ? 78  GLU X CD  1 
ATOM   642  O OE1 . GLU A 1 78  ? 15.358  11.295  -12.376 1.00 24.52 ? 78  GLU X OE1 1 
ATOM   643  O OE2 . GLU A 1 78  ? 13.783  10.600  -13.743 1.00 20.74 ? 78  GLU X OE2 1 
ATOM   644  N N   . LEU A 1 79  ? 8.860   13.442  -13.291 1.00 16.25 ? 79  LEU X N   1 
ATOM   645  C CA  . LEU A 1 79  ? 7.645   13.768  -14.017 1.00 17.31 ? 79  LEU X CA  1 
ATOM   646  C C   . LEU A 1 79  ? 7.254   15.220  -13.684 1.00 17.88 ? 79  LEU X C   1 
ATOM   647  O O   . LEU A 1 79  ? 7.496   15.701  -12.572 1.00 17.63 ? 79  LEU X O   1 
ATOM   648  C CB  . LEU A 1 79  ? 6.488   12.778  -13.704 1.00 17.21 ? 79  LEU X CB  1 
ATOM   649  C CG  . LEU A 1 79  ? 6.705   11.310  -14.177 1.00 18.82 ? 79  LEU X CG  1 
ATOM   650  C CD1 . LEU A 1 79  ? 5.496   10.415  -13.919 1.00 17.25 ? 79  LEU X CD1 1 
ATOM   651  C CD2 . LEU A 1 79  ? 7.068   11.295  -15.701 1.00 19.59 ? 79  LEU X CD2 1 
ATOM   652  N N   . LYS A 1 80  ? 6.704   15.920  -14.659 1.00 19.20 ? 80  LYS X N   1 
ATOM   653  C CA  . LYS A 1 80  ? 6.275   17.302  -14.437 1.00 22.16 ? 80  LYS X CA  1 
ATOM   654  C C   . LYS A 1 80  ? 4.763   17.368  -14.307 1.00 22.53 ? 80  LYS X C   1 
ATOM   655  O O   . LYS A 1 80  ? 4.231   18.271  -13.668 1.00 23.47 ? 80  LYS X O   1 
ATOM   656  C CB  . LYS A 1 80  ? 6.761   18.206  -15.562 1.00 23.14 ? 80  LYS X CB  1 
ATOM   657  C CG  . LYS A 1 80  ? 7.920   19.114  -15.155 1.00 27.11 ? 80  LYS X CG  1 
ATOM   658  C CD  . LYS A 1 80  ? 9.117   18.349  -14.646 1.00 30.37 ? 80  LYS X CD  1 
ATOM   659  C CE  . LYS A 1 80  ? 9.588   18.936  -13.311 1.00 31.48 ? 80  LYS X CE  1 
ATOM   660  N NZ  . LYS A 1 80  ? 10.715  18.162  -12.714 1.00 34.88 ? 80  LYS X NZ  1 
ATOM   661  N N   . GLU A 1 81  ? 4.097   16.376  -14.891 1.00 22.07 ? 81  GLU X N   1 
ATOM   662  C CA  . GLU A 1 81  ? 2.655   16.318  -14.939 1.00 23.96 ? 81  GLU X CA  1 
ATOM   663  C C   . GLU A 1 81  ? 2.213   14.911  -14.481 1.00 21.53 ? 81  GLU X C   1 
ATOM   664  O O   . GLU A 1 81  ? 2.940   13.940  -14.719 1.00 20.31 ? 81  GLU X O   1 
ATOM   665  C CB  . GLU A 1 81  ? 2.198   16.724  -16.365 1.00 23.85 ? 81  GLU X CB  1 
ATOM   666  C CG  . GLU A 1 81  ? 1.401   15.688  -17.164 1.00 28.69 ? 81  GLU X CG  1 
ATOM   667  C CD  . GLU A 1 81  ? 1.271   16.056  -18.658 1.00 29.26 ? 81  GLU X CD  1 
ATOM   668  O OE1 . GLU A 1 81  ? 1.987   16.996  -19.108 1.00 34.67 ? 81  GLU X OE1 1 
ATOM   669  O OE2 . GLU A 1 81  ? 0.443   15.401  -19.365 1.00 36.97 ? 81  GLU X OE2 1 
ATOM   670  N N   . PRO A 1 82  ? 1.057   14.795  -13.779 1.00 20.18 ? 82  PRO X N   1 
ATOM   671  C CA  . PRO A 1 82  ? 0.646   13.429  -13.382 1.00 19.44 ? 82  PRO X CA  1 
ATOM   672  C C   . PRO A 1 82  ? 0.598   12.495  -14.589 1.00 18.38 ? 82  PRO X C   1 
ATOM   673  O O   . PRO A 1 82  ? 0.191   12.927  -15.676 1.00 17.95 ? 82  PRO X O   1 
ATOM   674  C CB  . PRO A 1 82  ? -0.775  13.607  -12.812 1.00 19.03 ? 82  PRO X CB  1 
ATOM   675  C CG  . PRO A 1 82  ? -0.934  15.032  -12.547 1.00 19.58 ? 82  PRO X CG  1 
ATOM   676  C CD  . PRO A 1 82  ? 0.102   15.824  -13.328 1.00 20.56 ? 82  PRO X CD  1 
ATOM   677  N N   . PRO A 1 83  ? 1.033   11.227  -14.413 1.00 18.09 ? 83  PRO X N   1 
ATOM   678  C CA  . PRO A 1 83  ? 0.765   10.229  -15.450 1.00 17.79 ? 83  PRO X CA  1 
ATOM   679  C C   . PRO A 1 83  ? -0.706  10.240  -15.870 1.00 17.98 ? 83  PRO X C   1 
ATOM   680  O O   . PRO A 1 83  ? -1.596  10.560  -15.050 1.00 16.43 ? 83  PRO X O   1 
ATOM   681  C CB  . PRO A 1 83  ? 1.068   8.911   -14.759 1.00 18.43 ? 83  PRO X CB  1 
ATOM   682  C CG  . PRO A 1 83  ? 2.012   9.225   -13.672 1.00 18.29 ? 83  PRO X CG  1 
ATOM   683  C CD  . PRO A 1 83  ? 1.781   10.671  -13.266 1.00 17.93 ? 83  PRO X CD  1 
ATOM   684  N N   . ARG A 1 84  ? -0.972  9.919   -17.138 1.00 17.60 ? 84  ARG X N   1 
ATOM   685  C CA  . ARG A 1 84  ? -2.354  9.821   -17.603 1.00 18.31 ? 84  ARG X CA  1 
ATOM   686  C C   . ARG A 1 84  ? -3.122  8.836   -16.693 1.00 17.11 ? 84  ARG X C   1 
ATOM   687  O O   . ARG A 1 84  ? -2.632  7.707   -16.407 1.00 17.37 ? 84  ARG X O   1 
ATOM   688  C CB  . ARG A 1 84  ? -2.390  9.397   -19.093 1.00 18.97 ? 84  ARG X CB  1 
ATOM   689  C CG  . ARG A 1 84  ? -3.803  9.159   -19.645 1.00 21.86 ? 84  ARG X CG  1 
ATOM   690  C CD  . ARG A 1 84  ? -4.642  10.476  -19.786 1.00 28.26 ? 84  ARG X CD  1 
ATOM   691  N NE  . ARG A 1 84  ? -6.071  10.252  -20.121 1.00 30.29 ? 84  ARG X NE  1 
ATOM   692  C CZ  . ARG A 1 84  ? -7.099  10.469  -19.291 1.00 34.26 ? 84  ARG X CZ  1 
ATOM   693  N NH1 . ARG A 1 84  ? -8.328  10.222  -19.692 1.00 34.64 ? 84  ARG X NH1 1 
ATOM   694  N NH2 . ARG A 1 84  ? -6.906  10.928  -18.050 1.00 38.46 ? 84  ARG X NH2 1 
ATOM   695  N N   . GLY A 1 85  ? -4.267  9.275   -16.184 1.00 16.06 ? 85  GLY X N   1 
ATOM   696  C CA  . GLY A 1 85  ? -5.076  8.435   -15.286 1.00 14.93 ? 85  GLY X CA  1 
ATOM   697  C C   . GLY A 1 85  ? -4.865  8.725   -13.802 1.00 15.25 ? 85  GLY X C   1 
ATOM   698  O O   . GLY A 1 85  ? -5.731  8.430   -12.988 1.00 15.41 ? 85  GLY X O   1 
ATOM   699  N N   . ALA A 1 86  ? -3.716  9.296   -13.432 1.00 14.11 ? 86  ALA X N   1 
ATOM   700  C CA  . ALA A 1 86  ? -3.424  9.553   -12.017 1.00 13.25 ? 86  ALA X CA  1 
ATOM   701  C C   . ALA A 1 86  ? -4.090  10.861  -11.601 1.00 13.03 ? 86  ALA X C   1 
ATOM   702  O O   . ALA A 1 86  ? -4.174  11.781  -12.408 1.00 11.69 ? 86  ALA X O   1 
ATOM   703  C CB  . ALA A 1 86  ? -1.912  9.622   -11.786 1.00 13.30 ? 86  ALA X CB  1 
ATOM   704  N N   . HIS A 1 87  ? -4.571  10.943  -10.356 1.00 12.33 ? 87  HIS X N   1 
ATOM   705  C CA  . HIS A 1 87  ? -5.275  12.152  -9.896  1.00 12.58 ? 87  HIS X CA  1 
ATOM   706  C C   . HIS A 1 87  ? -4.361  13.296  -9.499  1.00 12.49 ? 87  HIS X C   1 
ATOM   707  O O   . HIS A 1 87  ? -4.656  14.478  -9.795  1.00 12.49 ? 87  HIS X O   1 
ATOM   708  C CB  . HIS A 1 87  ? -6.239  11.812  -8.766  1.00 13.27 ? 87  HIS X CB  1 
ATOM   709  C CG  . HIS A 1 87  ? -7.212  10.738  -9.135  1.00 17.48 ? 87  HIS X CG  1 
ATOM   710  N ND1 . HIS A 1 87  ? -8.471  11.010  -9.645  1.00 25.81 ? 87  HIS X ND1 1 
ATOM   711  C CD2 . HIS A 1 87  ? -7.089  9.392   -9.136  1.00 16.63 ? 87  HIS X CD2 1 
ATOM   712  C CE1 . HIS A 1 87  ? -9.095  9.868   -9.895  1.00 24.35 ? 87  HIS X CE1 1 
ATOM   713  N NE2 . HIS A 1 87  ? -8.272  8.873   -9.605  1.00 23.12 ? 87  HIS X NE2 1 
ATOM   714  N N   . PHE A 1 88  ? -3.255  12.963  -8.827  1.00 12.51 ? 88  PHE X N   1 
ATOM   715  C CA  . PHE A 1 88  ? -2.262  13.959  -8.417  1.00 12.47 ? 88  PHE X CA  1 
ATOM   716  C C   . PHE A 1 88  ? -0.858  13.409  -8.572  1.00 12.01 ? 88  PHE X C   1 
ATOM   717  O O   . PHE A 1 88  ? -0.620  12.210  -8.467  1.00 10.64 ? 88  PHE X O   1 
ATOM   718  C CB  . PHE A 1 88  ? -2.447  14.356  -6.958  1.00 12.64 ? 88  PHE X CB  1 
ATOM   719  C CG  . PHE A 1 88  ? -3.778  14.969  -6.663  1.00 13.33 ? 88  PHE X CG  1 
ATOM   720  C CD1 . PHE A 1 88  ? -4.004  16.328  -6.913  1.00 12.63 ? 88  PHE X CD1 1 
ATOM   721  C CD2 . PHE A 1 88  ? -4.815  14.192  -6.124  1.00 13.00 ? 88  PHE X CD2 1 
ATOM   722  C CE1 . PHE A 1 88  ? -5.246  16.910  -6.632  1.00 15.11 ? 88  PHE X CE1 1 
ATOM   723  C CE2 . PHE A 1 88  ? -6.062  14.768  -5.842  1.00 16.18 ? 88  PHE X CE2 1 
ATOM   724  C CZ  . PHE A 1 88  ? -6.273  16.135  -6.094  1.00 14.99 ? 88  PHE X CZ  1 
ATOM   725  N N   . LEU A 1 89  ? 0.062   14.323  -8.834  1.00 11.96 ? 89  LEU X N   1 
ATOM   726  C CA  . LEU A 1 89  ? 1.494   14.064  -8.798  1.00 11.63 ? 89  LEU X CA  1 
ATOM   727  C C   . LEU A 1 89  ? 2.075   14.888  -7.637  1.00 11.67 ? 89  LEU X C   1 
ATOM   728  O O   . LEU A 1 89  ? 1.680   16.049  -7.439  1.00 11.69 ? 89  LEU X O   1 
ATOM   729  C CB  . LEU A 1 89  ? 2.074   14.542  -10.128 1.00 11.60 ? 89  LEU X CB  1 
ATOM   730  C CG  . LEU A 1 89  ? 3.512   14.451  -10.654 1.00 14.95 ? 89  LEU X CG  1 
ATOM   731  C CD1 . LEU A 1 89  ? 4.115   15.835  -11.031 1.00 16.06 ? 89  LEU X CD1 1 
ATOM   732  C CD2 . LEU A 1 89  ? 4.486   13.604  -9.911  1.00 14.40 ? 89  LEU X CD2 1 
ATOM   733  N N   . ALA A 1 90  ? 2.992   14.305  -6.885  1.00 9.81  ? 90  ALA X N   1 
ATOM   734  C CA  . ALA A 1 90  ? 3.710   15.006  -5.834  1.00 11.77 ? 90  ALA X CA  1 
ATOM   735  C C   . ALA A 1 90  ? 5.231   14.695  -5.924  1.00 12.36 ? 90  ALA X C   1 
ATOM   736  O O   . ALA A 1 90  ? 5.644   13.536  -6.171  1.00 12.56 ? 90  ALA X O   1 
ATOM   737  C CB  . ALA A 1 90  ? 3.161   14.580  -4.462  1.00 11.58 ? 90  ALA X CB  1 
ATOM   738  N N   . LYS A 1 91  ? 6.060   15.684  -5.617  1.00 12.33 ? 91  LYS X N   1 
ATOM   739  C CA  . LYS A 1 91  ? 7.502   15.494  -5.741  1.00 12.45 ? 91  LYS X CA  1 
ATOM   740  C C   . LYS A 1 91  ? 8.180   14.876  -4.507  1.00 12.36 ? 91  LYS X C   1 
ATOM   741  O O   . LYS A 1 91  ? 9.368   14.553  -4.568  1.00 12.37 ? 91  LYS X O   1 
ATOM   742  C CB  . LYS A 1 91  ? 8.165   16.820  -6.169  1.00 12.64 ? 91  LYS X CB  1 
ATOM   743  C CG  . LYS A 1 91  ? 8.375   17.798  -4.998  1.00 11.19 ? 91  LYS X CG  1 
ATOM   744  C CD  . LYS A 1 91  ? 9.024   19.097  -5.479  1.00 12.75 ? 91  LYS X CD  1 
ATOM   745  C CE  . LYS A 1 91  ? 9.381   20.017  -4.284  1.00 12.51 ? 91  LYS X CE  1 
ATOM   746  N NZ  . LYS A 1 91  ? 8.131   20.608  -3.697  1.00 11.61 ? 91  LYS X NZ  1 
ATOM   747  N N   . SER A 1 92  ? 7.411   14.664  -3.423  1.00 11.37 ? 92  SER X N   1 
ATOM   748  C CA  . SER A 1 92  ? 7.899   14.120  -2.154  1.00 12.50 ? 92  SER X CA  1 
ATOM   749  C C   . SER A 1 92  ? 6.733   13.524  -1.401  1.00 12.97 ? 92  SER X C   1 
ATOM   750  O O   . SER A 1 92  ? 5.579   13.914  -1.609  1.00 12.32 ? 92  SER X O   1 
ATOM   751  C CB  . SER A 1 92  ? 8.570   15.193  -1.251  1.00 13.65 ? 92  SER X CB  1 
ATOM   752  O OG  . SER A 1 92  ? 7.646   16.226  -0.897  1.00 12.59 ? 92  SER X OG  1 
ATOM   753  N N   . LEU A 1 93  ? 7.014   12.589  -0.501  1.00 14.28 ? 93  LEU X N   1 
ATOM   754  C CA  . LEU A 1 93  ? 5.962   12.062  0.351   1.00 14.74 ? 93  LEU X CA  1 
ATOM   755  C C   . LEU A 1 93  ? 5.403   13.168  1.219   1.00 15.29 ? 93  LEU X C   1 
ATOM   756  O O   . LEU A 1 93  ? 4.193   13.294  1.397   1.00 13.30 ? 93  LEU X O   1 
ATOM   757  C CB  . LEU A 1 93  ? 6.450   10.871  1.183   1.00 15.00 ? 93  LEU X CB  1 
ATOM   758  C CG  . LEU A 1 93  ? 5.440   10.227  2.162   1.00 16.87 ? 93  LEU X CG  1 
ATOM   759  C CD1 . LEU A 1 93  ? 4.182   9.653   1.457   1.00 17.01 ? 93  LEU X CD1 1 
ATOM   760  C CD2 . LEU A 1 93  ? 6.132   9.162   3.026   1.00 15.69 ? 93  LEU X CD2 1 
ATOM   761  N N   . ASP A 1 94  ? 6.293   13.999  1.758   1.00 16.40 ? 94  ASP X N   1 
ATOM   762  C CA  . ASP A 1 94  ? 5.848   15.169  2.531   1.00 17.15 ? 94  ASP X CA  1 
ATOM   763  C C   . ASP A 1 94  ? 4.842   16.043  1.777   1.00 15.44 ? 94  ASP X C   1 
ATOM   764  O O   . ASP A 1 94  ? 3.832   16.443  2.360   1.00 15.31 ? 94  ASP X O   1 
ATOM   765  C CB  . ASP A 1 94  ? 7.054   15.984  2.974   1.00 18.42 ? 94  ASP X CB  1 
ATOM   766  C CG  . ASP A 1 94  ? 8.167   15.098  3.518   1.00 25.97 ? 94  ASP X CG  1 
ATOM   767  O OD1 . ASP A 1 94  ? 8.927   14.443  2.701   1.00 31.74 ? 94  ASP X OD1 1 
ATOM   768  O OD2 . ASP A 1 94  ? 8.226   15.023  4.763   1.00 29.84 ? 94  ASP X OD2 1 
ATOM   769  N N   . ASP A 1 95  ? 5.111   16.352  0.499   1.00 13.87 ? 95  ASP X N   1 
ATOM   770  C CA  . ASP A 1 95  ? 4.124   17.103  -0.311  1.00 13.34 ? 95  ASP X CA  1 
ATOM   771  C C   . ASP A 1 95  ? 2.797   16.348  -0.394  1.00 12.22 ? 95  ASP X C   1 
ATOM   772  O O   . ASP A 1 95  ? 1.711   16.935  -0.261  1.00 10.79 ? 95  ASP X O   1 
ATOM   773  C CB  . ASP A 1 95  ? 4.651   17.443  -1.721  1.00 13.07 ? 95  ASP X CB  1 
ATOM   774  C CG  . ASP A 1 95  ? 5.609   18.639  -1.733  1.00 16.01 ? 95  ASP X CG  1 
ATOM   775  O OD1 . ASP A 1 95  ? 5.962   19.161  -0.646  1.00 17.07 ? 95  ASP X OD1 1 
ATOM   776  O OD2 . ASP A 1 95  ? 6.031   19.057  -2.840  1.00 18.50 ? 95  ASP X OD2 1 
ATOM   777  N N   . ALA A 1 96  ? 2.870   15.052  -0.683  1.00 11.60 ? 96  ALA X N   1 
ATOM   778  C CA  . ALA A 1 96  ? 1.659   14.238  -0.735  1.00 11.84 ? 96  ALA X CA  1 
ATOM   779  C C   . ALA A 1 96  ? 0.863   14.315  0.584   1.00 11.99 ? 96  ALA X C   1 
ATOM   780  O O   . ALA A 1 96  ? -0.349  14.545  0.562   1.00 12.20 ? 96  ALA X O   1 
ATOM   781  C CB  . ALA A 1 96  ? 1.995   12.773  -1.070  1.00 10.26 ? 96  ALA X CB  1 
ATOM   782  N N   . LEU A 1 97  ? 1.538   14.137  1.714   1.00 12.83 ? 97  LEU X N   1 
ATOM   783  C CA  . LEU A 1 97  ? 0.829   14.087  3.012   1.00 14.10 ? 97  LEU X CA  1 
ATOM   784  C C   . LEU A 1 97  ? 0.202   15.449  3.375   1.00 15.12 ? 97  LEU X C   1 
ATOM   785  O O   . LEU A 1 97  ? -0.925  15.514  3.887   1.00 15.37 ? 97  LEU X O   1 
ATOM   786  C CB  . LEU A 1 97  ? 1.787   13.608  4.105   1.00 14.98 ? 97  LEU X CB  1 
ATOM   787  C CG  . LEU A 1 97  ? 2.328   12.170  3.947   1.00 14.59 ? 97  LEU X CG  1 
ATOM   788  C CD1 . LEU A 1 97  ? 3.259   11.787  5.140   1.00 17.04 ? 97  LEU X CD1 1 
ATOM   789  C CD2 . LEU A 1 97  ? 1.221   11.146  3.779   1.00 15.93 ? 97  LEU X CD2 1 
ATOM   790  N N   . ARG A 1 98  ? 0.908   16.526  3.054   1.00 15.10 ? 98  ARG X N   1 
ATOM   791  C CA  . ARG A 1 98  ? 0.371   17.912  3.173   1.00 16.42 ? 98  ARG X CA  1 
ATOM   792  C C   . ARG A 1 98  ? -0.877  18.157  2.289   1.00 15.62 ? 98  ARG X C   1 
ATOM   793  O O   . ARG A 1 98  ? -1.888  18.714  2.752   1.00 16.53 ? 98  ARG X O   1 
ATOM   794  C CB  . ARG A 1 98  ? 1.466   18.927  2.811   1.00 16.95 ? 98  ARG X CB  1 
ATOM   795  C CG  . ARG A 1 98  ? 2.176   19.574  4.019   1.00 24.99 ? 98  ARG X CG  1 
ATOM   796  C CD  . ARG A 1 98  ? 3.246   18.708  4.665   1.00 32.69 ? 98  ARG X CD  1 
ATOM   797  N NE  . ARG A 1 98  ? 2.715   17.868  5.751   1.00 40.31 ? 98  ARG X NE  1 
ATOM   798  C CZ  . ARG A 1 98  ? 3.295   16.757  6.224   1.00 41.20 ? 98  ARG X CZ  1 
ATOM   799  N NH1 . ARG A 1 98  ? 4.440   16.305  5.712   1.00 41.58 ? 98  ARG X NH1 1 
ATOM   800  N NH2 . ARG A 1 98  ? 2.706   16.082  7.204   1.00 41.61 ? 98  ARG X NH2 1 
ATOM   801  N N   . LEU A 1 99  ? -0.824  17.718  1.030   1.00 14.78 ? 99  LEU X N   1 
ATOM   802  C CA  . LEU A 1 99  ? -1.966  17.804  0.131   1.00 15.16 ? 99  LEU X CA  1 
ATOM   803  C C   . LEU A 1 99  ? -3.193  17.130  0.746   1.00 15.16 ? 99  LEU X C   1 
ATOM   804  O O   . LEU A 1 99  ? -4.305  17.694  0.779   1.00 13.79 ? 99  LEU X O   1 
ATOM   805  C CB  . LEU A 1 99  ? -1.630  17.147  -1.223  1.00 15.09 ? 99  LEU X CB  1 
ATOM   806  C CG  . LEU A 1 99  ? -2.798  16.960  -2.204  1.00 16.73 ? 99  LEU X CG  1 
ATOM   807  C CD1 . LEU A 1 99  ? -3.410  18.299  -2.606  1.00 18.65 ? 99  LEU X CD1 1 
ATOM   808  C CD2 . LEU A 1 99  ? -2.395  16.146  -3.449  1.00 16.06 ? 99  LEU X CD2 1 
ATOM   809  N N   . ILE A 1 100 ? -2.987  15.904  1.230   1.00 15.62 ? 100 ILE X N   1 
ATOM   810  C CA  . ILE A 1 100 ? -4.115  15.092  1.698   1.00 17.59 ? 100 ILE X CA  1 
ATOM   811  C C   . ILE A 1 100 ? -4.873  15.748  2.851   1.00 17.94 ? 100 ILE X C   1 
ATOM   812  O O   . ILE A 1 100 ? -6.093  15.550  3.009   1.00 18.61 ? 100 ILE X O   1 
ATOM   813  C CB  . ILE A 1 100 ? -3.653  13.678  2.059   1.00 18.18 ? 100 ILE X CB  1 
ATOM   814  C CG1 . ILE A 1 100 ? -3.354  12.908  0.762   1.00 18.00 ? 100 ILE X CG1 1 
ATOM   815  C CG2 . ILE A 1 100 ? -4.720  12.935  2.919   1.00 19.53 ? 100 ILE X CG2 1 
ATOM   816  C CD1 . ILE A 1 100 ? -2.302  11.833  0.938   1.00 25.38 ? 100 ILE X CD1 1 
ATOM   817  N N   . GLU A 1 101 ? -4.151  16.532  3.638   1.00 18.28 ? 101 GLU X N   1 
ATOM   818  C CA  . GLU A 1 101 ? -4.763  17.205  4.778   1.00 20.17 ? 101 GLU X CA  1 
ATOM   819  C C   . GLU A 1 101 ? -5.359  18.561  4.434   1.00 19.18 ? 101 GLU X C   1 
ATOM   820  O O   . GLU A 1 101 ? -5.796  19.275  5.327   1.00 19.12 ? 101 GLU X O   1 
ATOM   821  C CB  . GLU A 1 101 ? -3.753  17.347  5.905   1.00 21.84 ? 101 GLU X CB  1 
ATOM   822  C CG  . GLU A 1 101 ? -4.376  17.381  7.302   1.00 29.01 ? 101 GLU X CG  1 
ATOM   823  C CD  . GLU A 1 101 ? -5.042  16.047  7.723   1.00 35.55 ? 101 GLU X CD  1 
ATOM   824  O OE1 . GLU A 1 101 ? -5.498  15.959  8.899   1.00 37.85 ? 101 GLU X OE1 1 
ATOM   825  O OE2 . GLU A 1 101 ? -5.102  15.105  6.890   1.00 37.00 ? 101 GLU X OE2 1 
ATOM   826  N N   . GLN A 1 102 ? -5.369  18.938  3.154   1.00 17.40 ? 102 GLN X N   1 
ATOM   827  C CA  . GLN A 1 102 ? -5.947  20.239  2.772   1.00 17.00 ? 102 GLN X CA  1 
ATOM   828  C C   . GLN A 1 102 ? -7.464  20.140  2.895   1.00 16.67 ? 102 GLN X C   1 
ATOM   829  O O   . GLN A 1 102 ? -8.042  19.085  2.629   1.00 16.25 ? 102 GLN X O   1 
ATOM   830  C CB  . GLN A 1 102 ? -5.565  20.639  1.335   1.00 16.12 ? 102 GLN X CB  1 
ATOM   831  C CG  . GLN A 1 102 ? -4.073  20.892  1.133   1.00 16.14 ? 102 GLN X CG  1 
ATOM   832  C CD  . GLN A 1 102 ? -3.531  21.998  2.032   1.00 18.45 ? 102 GLN X CD  1 
ATOM   833  O OE1 . GLN A 1 102 ? -4.114  23.076  2.146   1.00 16.70 ? 102 GLN X OE1 1 
ATOM   834  N NE2 . GLN A 1 102 ? -2.442  21.696  2.720   1.00 21.24 ? 102 GLN X NE2 1 
ATOM   835  N N   . PRO A 1 103 ? -8.108  21.238  3.303   1.00 17.25 ? 103 PRO X N   1 
ATOM   836  C CA  . PRO A 1 103 ? -9.565  21.274  3.546   1.00 17.36 ? 103 PRO X CA  1 
ATOM   837  C C   . PRO A 1 103 ? -10.398 20.852  2.331   1.00 16.74 ? 103 PRO X C   1 
ATOM   838  O O   . PRO A 1 103 ? -11.409 20.178  2.518   1.00 16.35 ? 103 PRO X O   1 
ATOM   839  C CB  . PRO A 1 103 ? -9.848  22.745  3.916   1.00 16.75 ? 103 PRO X CB  1 
ATOM   840  C CG  . PRO A 1 103 ? -8.514  23.338  4.257   1.00 18.23 ? 103 PRO X CG  1 
ATOM   841  C CD  . PRO A 1 103 ? -7.445  22.538  3.565   1.00 16.95 ? 103 PRO X CD  1 
ATOM   842  N N   A GLU A 1 104 ? -9.954  21.220  1.125   0.50 17.10 ? 104 GLU X N   1 
ATOM   843  N N   B GLU A 1 104 ? -9.983  21.229  1.119   0.50 16.38 ? 104 GLU X N   1 
ATOM   844  C CA  A GLU A 1 104 ? -10.628 20.835  -0.137  0.50 18.18 ? 104 GLU X CA  1 
ATOM   845  C CA  B GLU A 1 104 ? -10.713 20.826  -0.104  0.50 16.77 ? 104 GLU X CA  1 
ATOM   846  C C   A GLU A 1 104 ? -10.708 19.324  -0.372  0.50 18.58 ? 104 GLU X C   1 
ATOM   847  C C   B GLU A 1 104 ? -10.674 19.317  -0.422  0.50 17.76 ? 104 GLU X C   1 
ATOM   848  O O   A GLU A 1 104 ? -11.549 18.867  -1.148  0.50 18.73 ? 104 GLU X O   1 
ATOM   849  O O   B GLU A 1 104 ? -11.408 18.853  -1.289  0.50 18.04 ? 104 GLU X O   1 
ATOM   850  C CB  A GLU A 1 104 ? -9.955  21.469  -1.359  0.50 18.00 ? 104 GLU X CB  1 
ATOM   851  C CB  B GLU A 1 104 ? -10.295 21.645  -1.336  0.50 16.03 ? 104 GLU X CB  1 
ATOM   852  C CG  A GLU A 1 104 ? -9.413  22.846  -1.126  0.50 19.54 ? 104 GLU X CG  1 
ATOM   853  C CG  B GLU A 1 104 ? -8.861  21.428  -1.821  0.50 13.39 ? 104 GLU X CG  1 
ATOM   854  C CD  A GLU A 1 104 ? -7.916  22.860  -0.881  0.50 18.84 ? 104 GLU X CD  1 
ATOM   855  C CD  B GLU A 1 104 ? -7.897  22.446  -1.247  0.50 13.28 ? 104 GLU X CD  1 
ATOM   856  O OE1 A GLU A 1 104 ? -7.514  22.774  0.302   0.50 17.69 ? 104 GLU X OE1 1 
ATOM   857  O OE1 B GLU A 1 104 ? -7.899  22.649  -0.008  0.50 13.00 ? 104 GLU X OE1 1 
ATOM   858  O OE2 A GLU A 1 104 ? -7.146  22.973  -1.866  0.50 18.21 ? 104 GLU X OE2 1 
ATOM   859  O OE2 B GLU A 1 104 ? -7.139  23.056  -2.034  0.50 12.07 ? 104 GLU X OE2 1 
ATOM   860  N N   . LEU A 1 105 ? -9.842  18.560  0.285   1.00 19.30 ? 105 LEU X N   1 
ATOM   861  C CA  . LEU A 1 105 ? -9.889  17.075  0.209   1.00 21.98 ? 105 LEU X CA  1 
ATOM   862  C C   . LEU A 1 105 ? -10.601 16.368  1.394   1.00 23.89 ? 105 LEU X C   1 
ATOM   863  O O   . LEU A 1 105 ? -10.804 15.165  1.341   1.00 23.57 ? 105 LEU X O   1 
ATOM   864  C CB  . LEU A 1 105 ? -8.488  16.477  0.055   1.00 22.67 ? 105 LEU X CB  1 
ATOM   865  C CG  . LEU A 1 105 ? -7.884  15.905  -1.250  1.00 24.02 ? 105 LEU X CG  1 
ATOM   866  C CD1 . LEU A 1 105 ? -8.871  15.637  -2.396  1.00 19.40 ? 105 LEU X CD1 1 
ATOM   867  C CD2 . LEU A 1 105 ? -6.708  16.678  -1.733  1.00 22.75 ? 105 LEU X CD2 1 
ATOM   868  N N   . ALA A 1 106 ? -10.981 17.107  2.447   1.00 25.39 ? 106 ALA X N   1 
ATOM   869  C CA  . ALA A 1 106 ? -11.538 16.513  3.668   1.00 26.33 ? 106 ALA X CA  1 
ATOM   870  C C   . ALA A 1 106 ? -12.853 15.792  3.421   1.00 27.66 ? 106 ALA X C   1 
ATOM   871  O O   . ALA A 1 106 ? -13.074 14.662  3.910   1.00 27.87 ? 106 ALA X O   1 
ATOM   872  C CB  . ALA A 1 106 ? -11.727 17.594  4.741   1.00 27.42 ? 106 ALA X CB  1 
ATOM   873  N N   . SER A 1 107 ? -13.729 16.453  2.664   1.00 27.78 ? 107 SER X N   1 
ATOM   874  C CA  . SER A 1 107 ? -15.016 15.894  2.278   1.00 28.17 ? 107 SER X CA  1 
ATOM   875  C C   . SER A 1 107 ? -14.816 14.733  1.329   1.00 26.41 ? 107 SER X C   1 
ATOM   876  O O   . SER A 1 107 ? -15.761 13.984  1.054   1.00 26.52 ? 107 SER X O   1 
ATOM   877  C CB  . SER A 1 107 ? -15.856 16.962  1.561   1.00 28.94 ? 107 SER X CB  1 
ATOM   878  O OG  . SER A 1 107 ? -17.150 16.461  1.260   1.00 33.92 ? 107 SER X OG  1 
ATOM   879  N N   . LYS A 1 108 ? -13.593 14.581  0.821   1.00 23.25 ? 108 LYS X N   1 
ATOM   880  C CA  . LYS A 1 108 ? -13.386 13.678  -0.294  1.00 20.15 ? 108 LYS X CA  1 
ATOM   881  C C   . LYS A 1 108 ? -12.655 12.377  0.084   1.00 18.43 ? 108 LYS X C   1 
ATOM   882  O O   . LYS A 1 108 ? -12.815 11.365  -0.598  1.00 16.71 ? 108 LYS X O   1 
ATOM   883  C CB  . LYS A 1 108 ? -12.633 14.390  -1.422  1.00 20.61 ? 108 LYS X CB  1 
ATOM   884  C CG  . LYS A 1 108 ? -13.167 15.766  -1.810  1.00 22.79 ? 108 LYS X CG  1 
ATOM   885  C CD  . LYS A 1 108 ? -13.818 15.769  -3.217  1.00 27.06 ? 108 LYS X CD  1 
ATOM   886  C CE  . LYS A 1 108 ? -12.755 15.664  -4.316  1.00 27.00 ? 108 LYS X CE  1 
ATOM   887  N NZ  . LYS A 1 108 ? -13.304 15.531  -5.704  1.00 25.98 ? 108 LYS X NZ  1 
ATOM   888  N N   . VAL A 1 109 ? -11.846 12.416  1.138   1.00 16.02 ? 109 VAL X N   1 
ATOM   889  C CA  . VAL A 1 109 ? -10.860 11.334  1.358   1.00 15.47 ? 109 VAL X CA  1 
ATOM   890  C C   . VAL A 1 109 ? -11.107 10.681  2.715   1.00 14.58 ? 109 VAL X C   1 
ATOM   891  O O   . VAL A 1 109 ? -11.268 11.373  3.735   1.00 14.24 ? 109 VAL X O   1 
ATOM   892  C CB  . VAL A 1 109 ? -9.390  11.835  1.233   1.00 15.11 ? 109 VAL X CB  1 
ATOM   893  C CG1 . VAL A 1 109 ? -8.374  10.777  1.694   1.00 13.19 ? 109 VAL X CG1 1 
ATOM   894  C CG2 . VAL A 1 109 ? -9.077  12.332  -0.200  1.00 14.38 ? 109 VAL X CG2 1 
ATOM   895  N N   . ASP A 1 110 ? -11.138 9.360   2.728   1.00 14.16 ? 110 ASP X N   1 
ATOM   896  C CA  . ASP A 1 110 ? -11.260 8.642   3.983   1.00 13.71 ? 110 ASP X CA  1 
ATOM   897  C C   . ASP A 1 110 ? -9.891  8.094   4.397   1.00 13.68 ? 110 ASP X C   1 
ATOM   898  O O   . ASP A 1 110 ? -9.102  8.803   4.981   1.00 13.90 ? 110 ASP X O   1 
ATOM   899  C CB  . ASP A 1 110 ? -12.305 7.521   3.918   1.00 15.07 ? 110 ASP X CB  1 
ATOM   900  C CG  . ASP A 1 110 ? -12.581 6.908   5.300   1.00 16.20 ? 110 ASP X CG  1 
ATOM   901  O OD1 . ASP A 1 110 ? -12.388 7.636   6.282   1.00 18.82 ? 110 ASP X OD1 1 
ATOM   902  O OD2 . ASP A 1 110 ? -12.990 5.736   5.428   1.00 18.35 ? 110 ASP X OD2 1 
ATOM   903  N N   . MET A 1 111 ? -9.613  6.827   4.102   1.00 11.68 ? 111 MET X N   1 
ATOM   904  C CA  . MET A 1 111 ? -8.363  6.211   4.495   1.00 11.35 ? 111 MET X CA  1 
ATOM   905  C C   . MET A 1 111 ? -7.254  6.474   3.495   1.00 11.14 ? 111 MET X C   1 
ATOM   906  O O   . MET A 1 111 ? -7.504  6.556   2.278   1.00 10.51 ? 111 MET X O   1 
ATOM   907  C CB  . MET A 1 111 ? -8.540  4.694   4.626   1.00 10.35 ? 111 MET X CB  1 
ATOM   908  C CG  . MET A 1 111 ? -9.604  4.299   5.608   1.00 11.51 ? 111 MET X CG  1 
ATOM   909  S SD  . MET A 1 111 ? -9.665  2.470   5.591   1.00 14.25 ? 111 MET X SD  1 
ATOM   910  C CE  . MET A 1 111 ? -8.323  2.095   6.643   1.00 14.42 ? 111 MET X CE  1 
ATOM   911  N N   . VAL A 1 112 ? -6.040  6.605   4.018   1.00 9.67  ? 112 VAL X N   1 
ATOM   912  C CA  . VAL A 1 112 ? -4.828  6.713   3.199   1.00 11.05 ? 112 VAL X CA  1 
ATOM   913  C C   . VAL A 1 112 ? -3.983  5.425   3.225   1.00 11.11 ? 112 VAL X C   1 
ATOM   914  O O   . VAL A 1 112 ? -3.596  4.926   4.284   1.00 11.13 ? 112 VAL X O   1 
ATOM   915  C CB  . VAL A 1 112 ? -3.934  7.939   3.588   1.00 11.08 ? 112 VAL X CB  1 
ATOM   916  C CG1 . VAL A 1 112 ? -2.688  7.991   2.681   1.00 12.23 ? 112 VAL X CG1 1 
ATOM   917  C CG2 . VAL A 1 112 ? -4.730  9.228   3.413   1.00 12.91 ? 112 VAL X CG2 1 
ATOM   918  N N   . TRP A 1 113 ? -3.715  4.918   2.023   1.00 9.68  ? 113 TRP X N   1 
ATOM   919  C CA  . TRP A 1 113 ? -3.056  3.663   1.819   1.00 10.35 ? 113 TRP X CA  1 
ATOM   920  C C   . TRP A 1 113 ? -1.750  3.942   1.109   1.00 10.23 ? 113 TRP X C   1 
ATOM   921  O O   . TRP A 1 113 ? -1.776  4.605   0.099   1.00 11.39 ? 113 TRP X O   1 
ATOM   922  C CB  . TRP A 1 113 ? -3.944  2.710   0.993   1.00 9.75  ? 113 TRP X CB  1 
ATOM   923  C CG  . TRP A 1 113 ? -5.107  2.203   1.800   1.00 9.90  ? 113 TRP X CG  1 
ATOM   924  C CD1 . TRP A 1 113 ? -6.356  2.754   1.890   1.00 8.31  ? 113 TRP X CD1 1 
ATOM   925  C CD2 . TRP A 1 113 ? -5.084  1.090   2.705   1.00 8.89  ? 113 TRP X CD2 1 
ATOM   926  N NE1 . TRP A 1 113 ? -7.122  2.033   2.788   1.00 8.12  ? 113 TRP X NE1 1 
ATOM   927  C CE2 . TRP A 1 113 ? -6.368  1.002   3.287   1.00 10.39 ? 113 TRP X CE2 1 
ATOM   928  C CE3 . TRP A 1 113 ? -4.097  0.141   3.064   1.00 7.23  ? 113 TRP X CE3 1 
ATOM   929  C CZ2 . TRP A 1 113 ? -6.698  0.009   4.216   1.00 10.04 ? 113 TRP X CZ2 1 
ATOM   930  C CZ3 . TRP A 1 113 ? -4.431  -0.837  3.982   1.00 10.50 ? 113 TRP X CZ3 1 
ATOM   931  C CH2 . TRP A 1 113 ? -5.712  -0.886  4.555   1.00 9.57  ? 113 TRP X CH2 1 
ATOM   932  N N   . ILE A 1 114 ? -0.634  3.463   1.667   1.00 10.08 ? 114 ILE X N   1 
ATOM   933  C CA  . ILE A 1 114 ? 0.684   3.463   0.953   1.00 10.49 ? 114 ILE X CA  1 
ATOM   934  C C   . ILE A 1 114 ? 0.802   2.106   0.247   1.00 10.19 ? 114 ILE X C   1 
ATOM   935  O O   . ILE A 1 114 ? 0.762   1.077   0.892   1.00 10.68 ? 114 ILE X O   1 
ATOM   936  C CB  . ILE A 1 114 ? 1.876   3.642   1.949   1.00 10.55 ? 114 ILE X CB  1 
ATOM   937  C CG1 . ILE A 1 114 ? 1.735   4.907   2.811   1.00 12.65 ? 114 ILE X CG1 1 
ATOM   938  C CG2 . ILE A 1 114 ? 3.260   3.533   1.242   1.00 11.87 ? 114 ILE X CG2 1 
ATOM   939  C CD1 . ILE A 1 114 ? 1.608   6.211   2.080   1.00 15.76 ? 114 ILE X CD1 1 
ATOM   940  N N   . VAL A 1 115 ? 0.927   2.096   -1.079  1.00 10.20 ? 115 VAL X N   1 
ATOM   941  C CA  . VAL A 1 115 ? 0.879   0.819   -1.788  1.00 10.48 ? 115 VAL X CA  1 
ATOM   942  C C   . VAL A 1 115 ? 2.205   0.427   -2.474  1.00 12.49 ? 115 VAL X C   1 
ATOM   943  O O   . VAL A 1 115 ? 2.258   -0.530  -3.244  1.00 12.44 ? 115 VAL X O   1 
ATOM   944  C CB  . VAL A 1 115 ? -0.332  0.701   -2.748  1.00 9.00  ? 115 VAL X CB  1 
ATOM   945  C CG1 . VAL A 1 115 ? -1.635  0.977   -1.974  1.00 7.36  ? 115 VAL X CG1 1 
ATOM   946  C CG2 . VAL A 1 115 ? -0.192  1.608   -3.950  1.00 10.27 ? 115 VAL X CG2 1 
ATOM   947  N N   . GLY A 1 116 ? 3.259   1.182   -2.176  1.00 13.38 ? 116 GLY X N   1 
ATOM   948  C CA  . GLY A 1 116 ? 4.572   0.705   -2.542  1.00 14.28 ? 116 GLY X CA  1 
ATOM   949  C C   . GLY A 1 116 ? 5.315   1.679   -3.405  1.00 16.26 ? 116 GLY X C   1 
ATOM   950  O O   . GLY A 1 116 ? 4.809   2.750   -3.743  1.00 15.21 ? 116 GLY X O   1 
ATOM   951  N N   . GLY A 1 117 ? 6.416   1.125   -3.889  1.00 18.22 ? 117 GLY X N   1 
ATOM   952  C CA  . GLY A 1 117 ? 7.719   1.591   -3.665  1.00 19.77 ? 117 GLY X CA  1 
ATOM   953  C C   . GLY A 1 117 ? 8.340   1.000   -2.391  1.00 18.94 ? 117 GLY X C   1 
ATOM   954  O O   . GLY A 1 117 ? 7.876   1.290   -1.317  1.00 17.47 ? 117 GLY X O   1 
ATOM   955  N N   . SER A 1 118 ? 9.439   0.239   -2.510  1.00 19.21 ? 118 SER X N   1 
ATOM   956  C CA  . SER A 1 118 ? 10.312  0.001   -1.343  1.00 19.16 ? 118 SER X CA  1 
ATOM   957  C C   . SER A 1 118 ? 10.649  1.287   -0.601  1.00 17.16 ? 118 SER X C   1 
ATOM   958  O O   . SER A 1 118 ? 10.529  1.355   0.624   1.00 16.53 ? 118 SER X O   1 
ATOM   959  C CB  . SER A 1 118 ? 11.640  -0.683  -1.721  1.00 19.65 ? 118 SER X CB  1 
ATOM   960  O OG  . SER A 1 118 ? 11.394  -2.027  -2.075  1.00 26.80 ? 118 SER X OG  1 
ATOM   961  N N   . SER A 1 119 ? 11.093  2.304   -1.334  1.00 16.74 ? 119 SER X N   1 
ATOM   962  C CA  . SER A 1 119 ? 11.516  3.531   -0.667  1.00 17.60 ? 119 SER X CA  1 
ATOM   963  C C   . SER A 1 119 ? 10.312  4.313   -0.209  1.00 15.51 ? 119 SER X C   1 
ATOM   964  O O   . SER A 1 119 ? 10.427  5.080   0.706   1.00 16.02 ? 119 SER X O   1 
ATOM   965  C CB  . SER A 1 119 ? 12.443  4.390   -1.546  1.00 18.27 ? 119 SER X CB  1 
ATOM   966  O OG  . SER A 1 119 ? 11.788  4.773   -2.751  1.00 22.58 ? 119 SER X OG  1 
ATOM   967  N N   . VAL A 1 120 ? 9.141   4.076   -0.818  1.00 14.74 ? 120 VAL X N   1 
ATOM   968  C CA  . VAL A 1 120 ? 7.917   4.731   -0.346  1.00 12.80 ? 120 VAL X CA  1 
ATOM   969  C C   . VAL A 1 120 ? 7.480   4.168   1.001   1.00 12.72 ? 120 VAL X C   1 
ATOM   970  O O   . VAL A 1 120 ? 7.180   4.934   1.926   1.00 12.93 ? 120 VAL X O   1 
ATOM   971  C CB  . VAL A 1 120 ? 6.765   4.748   -1.382  1.00 12.68 ? 120 VAL X CB  1 
ATOM   972  C CG1 . VAL A 1 120 ? 5.655   5.620   -0.856  1.00 8.62  ? 120 VAL X CG1 1 
ATOM   973  C CG2 . VAL A 1 120 ? 7.274   5.256   -2.787  1.00 10.83 ? 120 VAL X CG2 1 
ATOM   974  N N   . TYR A 1 121 ? 7.489   2.842   1.122   1.00 13.12 ? 121 TYR X N   1 
ATOM   975  C CA  . TYR A 1 121 ? 7.253   2.161   2.395   1.00 13.87 ? 121 TYR X CA  1 
ATOM   976  C C   . TYR A 1 121 ? 8.235   2.642   3.478   1.00 15.20 ? 121 TYR X C   1 
ATOM   977  O O   . TYR A 1 121 ? 7.813   2.976   4.582   1.00 14.73 ? 121 TYR X O   1 
ATOM   978  C CB  . TYR A 1 121 ? 7.456   0.646   2.241   1.00 13.26 ? 121 TYR X CB  1 
ATOM   979  C CG  . TYR A 1 121 ? 6.385   -0.087  1.452   1.00 13.55 ? 121 TYR X CG  1 
ATOM   980  C CD1 . TYR A 1 121 ? 6.740   -1.062  0.511   1.00 15.49 ? 121 TYR X CD1 1 
ATOM   981  C CD2 . TYR A 1 121 ? 5.025   0.159   1.679   1.00 12.68 ? 121 TYR X CD2 1 
ATOM   982  C CE1 . TYR A 1 121 ? 5.755   -1.767  -0.225  1.00 13.75 ? 121 TYR X CE1 1 
ATOM   983  C CE2 . TYR A 1 121 ? 4.032   -0.537  0.933   1.00 10.69 ? 121 TYR X CE2 1 
ATOM   984  C CZ  . TYR A 1 121 ? 4.421   -1.493  -0.004  1.00 11.73 ? 121 TYR X CZ  1 
ATOM   985  O OH  . TYR A 1 121 ? 3.471   -2.184  -0.726  1.00 11.18 ? 121 TYR X OH  1 
ATOM   986  N N   . GLN A 1 122 ? 9.526   2.656   3.127   1.00 16.90 ? 122 GLN X N   1 
ATOM   987  C CA  . GLN A 1 122 ? 10.613  3.109   4.007   1.00 20.82 ? 122 GLN X CA  1 
ATOM   988  C C   . GLN A 1 122 ? 10.270  4.484   4.600   1.00 20.43 ? 122 GLN X C   1 
ATOM   989  O O   . GLN A 1 122 ? 10.271  4.659   5.824   1.00 20.67 ? 122 GLN X O   1 
ATOM   990  C CB  . GLN A 1 122 ? 11.954  3.193   3.232   1.00 19.89 ? 122 GLN X CB  1 
ATOM   991  C CG  . GLN A 1 122 ? 12.655  1.862   2.896   1.00 24.41 ? 122 GLN X CG  1 
ATOM   992  C CD  . GLN A 1 122 ? 13.631  1.927   1.668   1.00 26.12 ? 122 GLN X CD  1 
ATOM   993  O OE1 . GLN A 1 122 ? 13.773  0.949   0.923   1.00 30.97 ? 122 GLN X OE1 1 
ATOM   994  N NE2 . GLN A 1 122 ? 14.308  3.074   1.484   1.00 30.16 ? 122 GLN X NE2 1 
ATOM   995  N N   . GLU A 1 123 ? 9.959   5.442   3.725   1.00 21.82 ? 123 GLU X N   1 
ATOM   996  C CA  . GLU A 1 123 ? 9.652   6.818   4.157   1.00 22.05 ? 123 GLU X CA  1 
ATOM   997  C C   . GLU A 1 123 ? 8.408   6.908   5.019   1.00 20.88 ? 123 GLU X C   1 
ATOM   998  O O   . GLU A 1 123 ? 8.422   7.584   6.030   1.00 20.43 ? 123 GLU X O   1 
ATOM   999  C CB  . GLU A 1 123 ? 9.530   7.753   2.968   1.00 22.86 ? 123 GLU X CB  1 
ATOM   1000 C CG  . GLU A 1 123 ? 10.863  8.032   2.288   1.00 28.60 ? 123 GLU X CG  1 
ATOM   1001 C CD  . GLU A 1 123 ? 11.013  9.491   1.911   1.00 35.75 ? 123 GLU X CD  1 
ATOM   1002 O OE1 . GLU A 1 123 ? 12.029  9.827   1.253   1.00 39.71 ? 123 GLU X OE1 1 
ATOM   1003 O OE2 . GLU A 1 123 ? 10.113  10.296  2.264   1.00 36.79 ? 123 GLU X OE2 1 
ATOM   1004 N N   . ALA A 1 124 ? 7.346   6.211   4.614   1.00 19.56 ? 124 ALA X N   1 
ATOM   1005 C CA  . ALA A 1 124 ? 6.103   6.134   5.382   1.00 19.07 ? 124 ALA X CA  1 
ATOM   1006 C C   . ALA A 1 124 ? 6.355   5.629   6.807   1.00 19.75 ? 124 ALA X C   1 
ATOM   1007 O O   . ALA A 1 124 ? 5.855   6.214   7.775   1.00 19.13 ? 124 ALA X O   1 
ATOM   1008 C CB  . ALA A 1 124 ? 5.067   5.270   4.650   1.00 17.98 ? 124 ALA X CB  1 
ATOM   1009 N N   . MET A 1 125 ? 7.151   4.559   6.927   1.00 20.74 ? 125 MET X N   1 
ATOM   1010 C CA  . MET A 1 125 ? 7.483   3.944   8.221   1.00 22.03 ? 125 MET X CA  1 
ATOM   1011 C C   . MET A 1 125 ? 8.431   4.813   9.101   1.00 22.94 ? 125 MET X C   1 
ATOM   1012 O O   . MET A 1 125 ? 8.487   4.605   10.312  1.00 24.34 ? 125 MET X O   1 
ATOM   1013 C CB  . MET A 1 125 ? 8.056   2.523   8.012   1.00 22.30 ? 125 MET X CB  1 
ATOM   1014 C CG  . MET A 1 125 ? 7.031   1.503   7.533   1.00 21.04 ? 125 MET X CG  1 
ATOM   1015 S SD  . MET A 1 125 ? 7.765   0.006   6.853   1.00 22.32 ? 125 MET X SD  1 
ATOM   1016 C CE  . MET A 1 125 ? 8.380   -0.754  8.355   1.00 20.71 ? 125 MET X CE  1 
ATOM   1017 N N   . ASN A 1 126 ? 9.136   5.776   8.496   1.00 23.35 ? 126 ASN X N   1 
ATOM   1018 C CA  . ASN A 1 126 ? 9.912   6.811   9.226   1.00 25.10 ? 126 ASN X CA  1 
ATOM   1019 C C   . ASN A 1 126 ? 9.040   7.869   9.893   1.00 25.33 ? 126 ASN X C   1 
ATOM   1020 O O   . ASN A 1 126 ? 9.542   8.654   10.685  1.00 24.93 ? 126 ASN X O   1 
ATOM   1021 C CB  . ASN A 1 126 ? 10.890  7.580   8.295   1.00 25.30 ? 126 ASN X CB  1 
ATOM   1022 C CG  . ASN A 1 126 ? 12.095  6.745   7.836   1.00 27.14 ? 126 ASN X CG  1 
ATOM   1023 O OD1 . ASN A 1 126 ? 12.412  5.693   8.408   1.00 30.37 ? 126 ASN X OD1 1 
ATOM   1024 N ND2 . ASN A 1 126 ? 12.773  7.222   6.784   1.00 25.37 ? 126 ASN X ND2 1 
ATOM   1025 N N   . GLN A 1 127 ? 7.746   7.918   9.547   1.00 26.04 ? 127 GLN X N   1 
ATOM   1026 C CA  . GLN A 1 127 ? 6.871   9.003   10.002  1.00 26.01 ? 127 GLN X CA  1 
ATOM   1027 C C   . GLN A 1 127 ? 6.561   8.866   11.500  1.00 26.63 ? 127 GLN X C   1 
ATOM   1028 O O   . GLN A 1 127 ? 6.403   7.744   12.001  1.00 25.78 ? 127 GLN X O   1 
ATOM   1029 C CB  . GLN A 1 127 ? 5.570   9.088   9.177   1.00 26.39 ? 127 GLN X CB  1 
ATOM   1030 C CG  . GLN A 1 127 ? 5.756   9.281   7.680   1.00 25.59 ? 127 GLN X CG  1 
ATOM   1031 C CD  . GLN A 1 127 ? 6.592   10.482  7.345   1.00 29.46 ? 127 GLN X CD  1 
ATOM   1032 O OE1 . GLN A 1 127 ? 7.700   10.357  6.801   1.00 32.67 ? 127 GLN X OE1 1 
ATOM   1033 N NE2 . GLN A 1 127 ? 6.089   11.658  7.672   1.00 29.33 ? 127 GLN X NE2 1 
ATOM   1034 N N   . PRO A 1 128 ? 6.494   10.009  12.222  1.00 26.28 ? 128 PRO X N   1 
ATOM   1035 C CA  . PRO A 1 128 ? 6.036   9.930   13.601  1.00 26.88 ? 128 PRO X CA  1 
ATOM   1036 C C   . PRO A 1 128 ? 4.511   9.780   13.594  1.00 27.50 ? 128 PRO X C   1 
ATOM   1037 O O   . PRO A 1 128 ? 3.871   9.995   12.555  1.00 28.14 ? 128 PRO X O   1 
ATOM   1038 C CB  . PRO A 1 128 ? 6.457   11.292  14.190  1.00 27.38 ? 128 PRO X CB  1 
ATOM   1039 C CG  . PRO A 1 128 ? 6.402   12.232  13.032  1.00 27.23 ? 128 PRO X CG  1 
ATOM   1040 C CD  . PRO A 1 128 ? 6.813   11.391  11.809  1.00 26.29 ? 128 PRO X CD  1 
ATOM   1041 N N   . GLY A 1 129 ? 3.905   9.388   14.702  1.00 27.32 ? 129 GLY X N   1 
ATOM   1042 C CA  . GLY A 1 129 ? 2.437   9.280   14.641  1.00 26.25 ? 129 GLY X CA  1 
ATOM   1043 C C   . GLY A 1 129 ? 1.924   7.984   14.028  1.00 25.45 ? 129 GLY X C   1 
ATOM   1044 O O   . GLY A 1 129 ? 2.704   7.120   13.666  1.00 25.19 ? 129 GLY X O   1 
ATOM   1045 N N   . HIS A 1 130 ? 0.603   7.905   13.883  1.00 23.81 ? 130 HIS X N   1 
ATOM   1046 C CA  . HIS A 1 130 ? -0.136  6.656   13.703  1.00 22.34 ? 130 HIS X CA  1 
ATOM   1047 C C   . HIS A 1 130 ? 0.102   5.969   12.340  1.00 20.85 ? 130 HIS X C   1 
ATOM   1048 O O   . HIS A 1 130 ? -0.313  6.481   11.271  1.00 19.49 ? 130 HIS X O   1 
ATOM   1049 C CB  . HIS A 1 130 ? -1.621  6.946   13.916  1.00 22.03 ? 130 HIS X CB  1 
ATOM   1050 C CG  . HIS A 1 130 ? -2.474  5.740   14.165  1.00 21.92 ? 130 HIS X CG  1 
ATOM   1051 N ND1 . HIS A 1 130 ? -2.037  4.443   13.990  1.00 22.55 ? 130 HIS X ND1 1 
ATOM   1052 C CD2 . HIS A 1 130 ? -3.780  5.645   14.501  1.00 22.65 ? 130 HIS X CD2 1 
ATOM   1053 C CE1 . HIS A 1 130 ? -3.014  3.604   14.273  1.00 18.22 ? 130 HIS X CE1 1 
ATOM   1054 N NE2 . HIS A 1 130 ? -4.084  4.308   14.579  1.00 23.83 ? 130 HIS X NE2 1 
ATOM   1055 N N   . LEU A 1 131 ? 0.749   4.802   12.430  1.00 19.66 ? 131 LEU X N   1 
ATOM   1056 C CA  . LEU A 1 131 ? 0.971   3.875   11.310  1.00 19.40 ? 131 LEU X CA  1 
ATOM   1057 C C   . LEU A 1 131 ? 0.346   2.495   11.488  1.00 18.04 ? 131 LEU X C   1 
ATOM   1058 O O   . LEU A 1 131 ? 0.402   1.897   12.573  1.00 16.73 ? 131 LEU X O   1 
ATOM   1059 C CB  . LEU A 1 131 ? 2.470   3.685   11.060  1.00 20.12 ? 131 LEU X CB  1 
ATOM   1060 C CG  . LEU A 1 131 ? 2.961   4.344   9.778   1.00 23.40 ? 131 LEU X CG  1 
ATOM   1061 C CD1 . LEU A 1 131 ? 3.871   5.500   10.108  1.00 26.39 ? 131 LEU X CD1 1 
ATOM   1062 C CD2 . LEU A 1 131 ? 3.699   3.318   8.936   1.00 28.32 ? 131 LEU X CD2 1 
ATOM   1063 N N   . ARG A 1 132 ? -0.228  1.971   10.404  1.00 16.48 ? 132 ARG X N   1 
ATOM   1064 C CA  . ARG A 1 132 ? -0.579  0.539   10.336  1.00 15.58 ? 132 ARG X CA  1 
ATOM   1065 C C   . ARG A 1 132 ? 0.108   -0.130  9.165   1.00 15.73 ? 132 ARG X C   1 
ATOM   1066 O O   . ARG A 1 132 ? 0.235   0.471   8.073   1.00 15.83 ? 132 ARG X O   1 
ATOM   1067 C CB  . ARG A 1 132 ? -2.075  0.325   10.189  1.00 15.26 ? 132 ARG X CB  1 
ATOM   1068 C CG  . ARG A 1 132 ? -2.873  0.787   11.349  1.00 15.37 ? 132 ARG X CG  1 
ATOM   1069 C CD  . ARG A 1 132 ? -4.290  0.298   11.202  1.00 16.27 ? 132 ARG X CD  1 
ATOM   1070 N NE  . ARG A 1 132 ? -5.164  1.050   12.086  1.00 19.37 ? 132 ARG X NE  1 
ATOM   1071 C CZ  . ARG A 1 132 ? -5.852  2.126   11.737  1.00 21.27 ? 132 ARG X CZ  1 
ATOM   1072 N NH1 . ARG A 1 132 ? -5.760  2.619   10.505  1.00 18.99 ? 132 ARG X NH1 1 
ATOM   1073 N NH2 . ARG A 1 132 ? -6.621  2.722   12.643  1.00 19.80 ? 132 ARG X NH2 1 
ATOM   1074 N N   . LEU A 1 133 ? 0.536   -1.370  9.391   1.00 14.91 ? 133 LEU X N   1 
ATOM   1075 C CA  . LEU A 1 133 ? 1.142   -2.191  8.334   1.00 13.61 ? 133 LEU X CA  1 
ATOM   1076 C C   . LEU A 1 133 ? 0.228   -3.368  8.042   1.00 13.19 ? 133 LEU X C   1 
ATOM   1077 O O   . LEU A 1 133 ? 0.020   -4.220  8.907   1.00 14.07 ? 133 LEU X O   1 
ATOM   1078 C CB  . LEU A 1 133 ? 2.537   -2.677  8.739   1.00 14.65 ? 133 LEU X CB  1 
ATOM   1079 C CG  . LEU A 1 133 ? 3.586   -1.671  9.272   1.00 12.86 ? 133 LEU X CG  1 
ATOM   1080 C CD1 . LEU A 1 133 ? 4.911   -2.408  9.450   1.00 12.17 ? 133 LEU X CD1 1 
ATOM   1081 C CD2 . LEU A 1 133 ? 3.742   -0.473  8.291   1.00 12.62 ? 133 LEU X CD2 1 
ATOM   1082 N N   . PHE A 1 134 ? -0.356  -3.401  6.847   1.00 12.62 ? 134 PHE X N   1 
ATOM   1083 C CA  . PHE A 1 134 ? -1.203  -4.538  6.463   1.00 10.88 ? 134 PHE X CA  1 
ATOM   1084 C C   . PHE A 1 134 ? -0.310  -5.434  5.636   1.00 10.65 ? 134 PHE X C   1 
ATOM   1085 O O   . PHE A 1 134 ? -0.018  -5.117  4.465   1.00 9.98  ? 134 PHE X O   1 
ATOM   1086 C CB  . PHE A 1 134 ? -2.460  -4.075  5.669   1.00 11.26 ? 134 PHE X CB  1 
ATOM   1087 C CG  . PHE A 1 134 ? -3.467  -3.390  6.508   1.00 10.09 ? 134 PHE X CG  1 
ATOM   1088 C CD1 . PHE A 1 134 ? -3.262  -2.071  6.910   1.00 12.50 ? 134 PHE X CD1 1 
ATOM   1089 C CD2 . PHE A 1 134 ? -4.586  -4.058  6.959   1.00 8.07  ? 134 PHE X CD2 1 
ATOM   1090 C CE1 . PHE A 1 134 ? -4.164  -1.440  7.730   1.00 12.97 ? 134 PHE X CE1 1 
ATOM   1091 C CE2 . PHE A 1 134 ? -5.474  -3.446  7.782   1.00 10.30 ? 134 PHE X CE2 1 
ATOM   1092 C CZ  . PHE A 1 134 ? -5.288  -2.133  8.165   1.00 10.58 ? 134 PHE X CZ  1 
ATOM   1093 N N   . VAL A 1 135 ? 0.165   -6.508  6.258   1.00 8.88  ? 135 VAL X N   1 
ATOM   1094 C CA  . VAL A 1 135 ? 1.242   -7.359  5.682   1.00 9.41  ? 135 VAL X CA  1 
ATOM   1095 C C   . VAL A 1 135 ? 0.690   -8.743  5.330   1.00 9.69  ? 135 VAL X C   1 
ATOM   1096 O O   . VAL A 1 135 ? 0.178   -9.438  6.195   1.00 9.47  ? 135 VAL X O   1 
ATOM   1097 C CB  . VAL A 1 135 ? 2.434   -7.512  6.654   1.00 9.95  ? 135 VAL X CB  1 
ATOM   1098 C CG1 . VAL A 1 135 ? 3.515   -8.440  6.079   1.00 11.17 ? 135 VAL X CG1 1 
ATOM   1099 C CG2 . VAL A 1 135 ? 3.006   -6.148  7.024   1.00 10.01 ? 135 VAL X CG2 1 
ATOM   1100 N N   . THR A 1 136 ? 0.743   -9.100  4.039   1.00 9.71  ? 136 THR X N   1 
ATOM   1101 C CA  . THR A 1 136 ? 0.439   -10.480 3.591   1.00 10.92 ? 136 THR X CA  1 
ATOM   1102 C C   . THR A 1 136 ? 1.753   -11.258 3.627   1.00 11.90 ? 136 THR X C   1 
ATOM   1103 O O   . THR A 1 136 ? 2.731   -10.921 2.930   1.00 12.19 ? 136 THR X O   1 
ATOM   1104 C CB  . THR A 1 136 ? -0.188  -10.535 2.163   1.00 10.70 ? 136 THR X CB  1 
ATOM   1105 O OG1 . THR A 1 136 ? -1.406  -9.769  2.162   1.00 10.14 ? 136 THR X OG1 1 
ATOM   1106 C CG2 . THR A 1 136 ? -0.508  -11.986 1.761   1.00 9.39  ? 136 THR X CG2 1 
ATOM   1107 N N   . ARG A 1 137 ? 1.786   -12.242 4.507   1.00 12.62 ? 137 ARG X N   1 
ATOM   1108 C CA  . ARG A 1 137 ? 2.949   -13.118 4.643   1.00 14.27 ? 137 ARG X CA  1 
ATOM   1109 C C   . ARG A 1 137 ? 2.799   -14.253 3.625   1.00 14.74 ? 137 ARG X C   1 
ATOM   1110 O O   . ARG A 1 137 ? 1.999   -15.168 3.837   1.00 14.95 ? 137 ARG X O   1 
ATOM   1111 C CB  . ARG A 1 137 ? 3.040   -13.659 6.078   1.00 14.03 ? 137 ARG X CB  1 
ATOM   1112 C CG  . ARG A 1 137 ? 3.286   -12.588 7.152   1.00 13.26 ? 137 ARG X CG  1 
ATOM   1113 C CD  . ARG A 1 137 ? 4.689   -12.020 7.096   1.00 15.41 ? 137 ARG X CD  1 
ATOM   1114 N NE  . ARG A 1 137 ? 5.004   -11.157 8.247   1.00 15.89 ? 137 ARG X NE  1 
ATOM   1115 C CZ  . ARG A 1 137 ? 6.165   -10.500 8.419   1.00 17.09 ? 137 ARG X CZ  1 
ATOM   1116 N NH1 . ARG A 1 137 ? 7.141   -10.617 7.529   1.00 20.29 ? 137 ARG X NH1 1 
ATOM   1117 N NH2 . ARG A 1 137 ? 6.370   -9.724  9.488   1.00 14.98 ? 137 ARG X NH2 1 
ATOM   1118 N N   . ILE A 1 138 ? 3.540   -14.163 2.521   1.00 16.23 ? 138 ILE X N   1 
ATOM   1119 C CA  . ILE A 1 138 ? 3.604   -15.253 1.532   1.00 18.20 ? 138 ILE X CA  1 
ATOM   1120 C C   . ILE A 1 138 ? 4.624   -16.278 2.069   1.00 19.54 ? 138 ILE X C   1 
ATOM   1121 O O   . ILE A 1 138 ? 5.827   -15.994 2.103   1.00 19.18 ? 138 ILE X O   1 
ATOM   1122 C CB  . ILE A 1 138 ? 4.038   -14.783 0.092   1.00 18.08 ? 138 ILE X CB  1 
ATOM   1123 C CG1 . ILE A 1 138 ? 3.119   -13.684 -0.541  1.00 18.87 ? 138 ILE X CG1 1 
ATOM   1124 C CG2 . ILE A 1 138 ? 4.245   -15.970 -0.843  1.00 18.90 ? 138 ILE X CG2 1 
ATOM   1125 C CD1 . ILE A 1 138 ? 1.686   -13.952 -0.522  1.00 17.63 ? 138 ILE X CD1 1 
ATOM   1126 N N   . MET A 1 139 ? 4.146   -17.454 2.485   1.00 21.24 ? 139 MET X N   1 
ATOM   1127 C CA  . MET A 1 139 ? 4.948   -18.385 3.306   1.00 23.83 ? 139 MET X CA  1 
ATOM   1128 C C   . MET A 1 139 ? 5.867   -19.248 2.452   1.00 23.65 ? 139 MET X C   1 
ATOM   1129 O O   . MET A 1 139 ? 5.856   -20.473 2.540   1.00 23.60 ? 139 MET X O   1 
ATOM   1130 C CB  . MET A 1 139 ? 4.029   -19.247 4.193   1.00 23.40 ? 139 MET X CB  1 
ATOM   1131 C CG  . MET A 1 139 ? 2.960   -18.382 4.882   1.00 26.52 ? 139 MET X CG  1 
ATOM   1132 S SD  . MET A 1 139 ? 1.615   -19.165 5.813   1.00 29.65 ? 139 MET X SD  1 
ATOM   1133 C CE  . MET A 1 139 ? 2.368   -18.940 7.419   1.00 31.17 ? 139 MET X CE  1 
ATOM   1134 N N   . GLN A 1 140 ? 6.664   -18.575 1.631   1.00 23.26 ? 140 GLN X N   1 
ATOM   1135 C CA  . GLN A 1 140 ? 7.548   -19.206 0.672   1.00 24.66 ? 140 GLN X CA  1 
ATOM   1136 C C   . GLN A 1 140 ? 8.625   -18.185 0.272   1.00 24.44 ? 140 GLN X C   1 
ATOM   1137 O O   . GLN A 1 140 ? 8.368   -16.982 0.294   1.00 23.43 ? 140 GLN X O   1 
ATOM   1138 C CB  . GLN A 1 140 ? 6.731   -19.596 -0.563  1.00 24.32 ? 140 GLN X CB  1 
ATOM   1139 C CG  . GLN A 1 140 ? 7.375   -20.554 -1.452  1.00 26.31 ? 140 GLN X CG  1 
ATOM   1140 C CD  . GLN A 1 140 ? 6.380   -21.250 -2.347  1.00 27.89 ? 140 GLN X CD  1 
ATOM   1141 O OE1 . GLN A 1 140 ? 5.374   -21.792 -1.889  1.00 27.44 ? 140 GLN X OE1 1 
ATOM   1142 N NE2 . GLN A 1 140 ? 6.670   -21.258 -3.627  1.00 27.59 ? 140 GLN X NE2 1 
ATOM   1143 N N   . GLU A 1 141 ? 9.821   -18.676 -0.075  1.00 25.49 ? 141 GLU X N   1 
ATOM   1144 C CA  . GLU A 1 141 ? 10.881  -17.830 -0.654  1.00 26.43 ? 141 GLU X CA  1 
ATOM   1145 C C   . GLU A 1 141 ? 10.734  -17.672 -2.160  1.00 25.37 ? 141 GLU X C   1 
ATOM   1146 O O   . GLU A 1 141 ? 10.403  -18.617 -2.864  1.00 25.14 ? 141 GLU X O   1 
ATOM   1147 C CB  . GLU A 1 141 ? 12.270  -18.382 -0.343  1.00 26.50 ? 141 GLU X CB  1 
ATOM   1148 C CG  . GLU A 1 141 ? 12.663  -18.305 1.132   1.00 29.04 ? 141 GLU X CG  1 
ATOM   1149 C CD  . GLU A 1 141 ? 14.022  -18.942 1.403   1.00 30.35 ? 141 GLU X CD  1 
ATOM   1150 O OE1 . GLU A 1 141 ? 14.602  -18.671 2.486   1.00 35.69 ? 141 GLU X OE1 1 
ATOM   1151 O OE2 . GLU A 1 141 ? 14.505  -19.713 0.532   1.00 33.21 ? 141 GLU X OE2 1 
ATOM   1152 N N   . PHE A 1 142 ? 10.964  -16.457 -2.648  1.00 24.94 ? 142 PHE X N   1 
ATOM   1153 C CA  . PHE A 1 142 ? 10.964  -16.184 -4.075  1.00 24.63 ? 142 PHE X CA  1 
ATOM   1154 C C   . PHE A 1 142 ? 12.112  -15.257 -4.400  1.00 25.70 ? 142 PHE X C   1 
ATOM   1155 O O   . PHE A 1 142 ? 12.352  -14.287 -3.670  1.00 25.04 ? 142 PHE X O   1 
ATOM   1156 C CB  . PHE A 1 142 ? 9.650   -15.503 -4.536  1.00 24.11 ? 142 PHE X CB  1 
ATOM   1157 C CG  . PHE A 1 142 ? 8.464   -16.426 -4.601  1.00 22.60 ? 142 PHE X CG  1 
ATOM   1158 C CD1 . PHE A 1 142 ? 8.246   -17.216 -5.729  1.00 22.86 ? 142 PHE X CD1 1 
ATOM   1159 C CD2 . PHE A 1 142 ? 7.560   -16.508 -3.531  1.00 20.62 ? 142 PHE X CD2 1 
ATOM   1160 C CE1 . PHE A 1 142 ? 7.134   -18.074 -5.799  1.00 21.09 ? 142 PHE X CE1 1 
ATOM   1161 C CE2 . PHE A 1 142 ? 6.457   -17.363 -3.584  1.00 19.80 ? 142 PHE X CE2 1 
ATOM   1162 C CZ  . PHE A 1 142 ? 6.241   -18.149 -4.714  1.00 21.13 ? 142 PHE X CZ  1 
ATOM   1163 N N   . GLU A 1 143 ? 12.782  -15.540 -5.522  1.00 26.10 ? 143 GLU X N   1 
ATOM   1164 C CA  . GLU A 1 143 ? 13.818  -14.652 -6.082  1.00 26.91 ? 143 GLU X CA  1 
ATOM   1165 C C   . GLU A 1 143 ? 13.333  -13.203 -6.266  1.00 25.66 ? 143 GLU X C   1 
ATOM   1166 O O   . GLU A 1 143 ? 12.382  -12.952 -7.007  1.00 24.77 ? 143 GLU X O   1 
ATOM   1167 C CB  . GLU A 1 143 ? 14.333  -15.214 -7.413  1.00 27.77 ? 143 GLU X CB  1 
ATOM   1168 C CG  . GLU A 1 143 ? 15.187  -14.244 -8.191  1.00 32.28 ? 143 GLU X CG  1 
ATOM   1169 C CD  . GLU A 1 143 ? 16.538  -14.818 -8.534  1.00 39.03 ? 143 GLU X CD  1 
ATOM   1170 O OE1 . GLU A 1 143 ? 17.474  -14.604 -7.719  1.00 39.84 ? 143 GLU X OE1 1 
ATOM   1171 O OE2 . GLU A 1 143 ? 16.650  -15.489 -9.600  1.00 40.37 ? 143 GLU X OE2 1 
ATOM   1172 N N   . SER A 1 144 ? 14.029  -12.268 -5.609  1.00 24.95 ? 144 SER X N   1 
ATOM   1173 C CA  . SER A 1 144 ? 13.571  -10.887 -5.452  1.00 24.87 ? 144 SER X CA  1 
ATOM   1174 C C   . SER A 1 144 ? 14.644  -9.789  -5.722  1.00 25.76 ? 144 SER X C   1 
ATOM   1175 O O   . SER A 1 144 ? 15.820  -9.962  -5.388  1.00 24.79 ? 144 SER X O   1 
ATOM   1176 C CB  . SER A 1 144 ? 12.978  -10.720 -4.037  1.00 24.51 ? 144 SER X CB  1 
ATOM   1177 O OG  . SER A 1 144 ? 11.723  -11.392 -3.953  1.00 20.78 ? 144 SER X OG  1 
ATOM   1178 N N   . ASP A 1 145 ? 14.174  -8.685  -6.317  1.00 26.55 ? 145 ASP X N   1 
ATOM   1179 C CA  . ASP A 1 145 ? 14.894  -7.457  -6.693  1.00 28.14 ? 145 ASP X CA  1 
ATOM   1180 C C   . ASP A 1 145 ? 14.835  -6.415  -5.575  1.00 27.63 ? 145 ASP X C   1 
ATOM   1181 O O   . ASP A 1 145 ? 15.797  -5.683  -5.298  1.00 27.50 ? 145 ASP X O   1 
ATOM   1182 C CB  . ASP A 1 145 ? 14.115  -6.794  -7.859  1.00 28.82 ? 145 ASP X CB  1 
ATOM   1183 C CG  . ASP A 1 145 ? 14.838  -6.841  -9.154  1.00 31.97 ? 145 ASP X CG  1 
ATOM   1184 O OD1 . ASP A 1 145 ? 15.887  -6.192  -9.271  1.00 39.06 ? 145 ASP X OD1 1 
ATOM   1185 O OD2 . ASP A 1 145 ? 14.335  -7.487  -10.088 1.00 36.04 ? 145 ASP X OD2 1 
ATOM   1186 N N   . THR A 1 146 ? 13.647  -6.300  -4.998  1.00 26.28 ? 146 THR X N   1 
ATOM   1187 C CA  . THR A 1 146 ? 13.262  -5.152  -4.188  1.00 25.25 ? 146 THR X CA  1 
ATOM   1188 C C   . THR A 1 146 ? 12.547  -5.753  -2.972  1.00 23.96 ? 146 THR X C   1 
ATOM   1189 O O   . THR A 1 146 ? 12.008  -6.859  -3.062  1.00 21.91 ? 146 THR X O   1 
ATOM   1190 C CB  . THR A 1 146 ? 12.517  -4.039  -5.074  1.00 25.77 ? 146 THR X CB  1 
ATOM   1191 O OG1 . THR A 1 146 ? 11.444  -3.376  -4.381  1.00 28.53 ? 146 THR X OG1 1 
ATOM   1192 C CG2 . THR A 1 146 ? 11.998  -4.589  -6.364  1.00 26.29 ? 146 THR X CG2 1 
ATOM   1193 N N   . PHE A 1 147 ? 12.663  -5.073  -1.828  1.00 22.90 ? 147 PHE X N   1 
ATOM   1194 C CA  . PHE A 1 147 ? 12.410  -5.673  -0.519  1.00 23.06 ? 147 PHE X CA  1 
ATOM   1195 C C   . PHE A 1 147 ? 11.647  -4.724  0.386   1.00 22.27 ? 147 PHE X C   1 
ATOM   1196 O O   . PHE A 1 147 ? 11.740  -3.516  0.237   1.00 22.50 ? 147 PHE X O   1 
ATOM   1197 C CB  . PHE A 1 147 ? 13.726  -6.081  0.175   1.00 23.40 ? 147 PHE X CB  1 
ATOM   1198 C CG  . PHE A 1 147 ? 14.497  -7.150  -0.552  1.00 23.93 ? 147 PHE X CG  1 
ATOM   1199 C CD1 . PHE A 1 147 ? 15.505  -6.805  -1.457  1.00 24.07 ? 147 PHE X CD1 1 
ATOM   1200 C CD2 . PHE A 1 147 ? 14.215  -8.500  -0.338  1.00 24.98 ? 147 PHE X CD2 1 
ATOM   1201 C CE1 . PHE A 1 147 ? 16.208  -7.788  -2.143  1.00 25.03 ? 147 PHE X CE1 1 
ATOM   1202 C CE2 . PHE A 1 147 ? 14.927  -9.499  -1.019  1.00 24.63 ? 147 PHE X CE2 1 
ATOM   1203 C CZ  . PHE A 1 147 ? 15.922  -9.139  -1.921  1.00 24.94 ? 147 PHE X CZ  1 
ATOM   1204 N N   . PHE A 1 148 ? 10.902  -5.288  1.324   1.00 21.61 ? 148 PHE X N   1 
ATOM   1205 C CA  . PHE A 1 148 ? 10.237  -4.519  2.368   1.00 21.43 ? 148 PHE X CA  1 
ATOM   1206 C C   . PHE A 1 148 ? 11.168  -4.236  3.559   1.00 21.73 ? 148 PHE X C   1 
ATOM   1207 O O   . PHE A 1 148 ? 11.881  -5.124  3.996   1.00 20.56 ? 148 PHE X O   1 
ATOM   1208 C CB  . PHE A 1 148 ? 9.001   -5.282  2.869   1.00 20.14 ? 148 PHE X CB  1 
ATOM   1209 C CG  . PHE A 1 148 ? 8.059   -4.429  3.656   1.00 18.25 ? 148 PHE X CG  1 
ATOM   1210 C CD1 . PHE A 1 148 ? 7.230   -3.521  2.999   1.00 15.32 ? 148 PHE X CD1 1 
ATOM   1211 C CD2 . PHE A 1 148 ? 8.024   -4.500  5.054   1.00 16.76 ? 148 PHE X CD2 1 
ATOM   1212 C CE1 . PHE A 1 148 ? 6.384   -2.694  3.686   1.00 13.78 ? 148 PHE X CE1 1 
ATOM   1213 C CE2 . PHE A 1 148 ? 7.159   -3.669  5.778   1.00 17.42 ? 148 PHE X CE2 1 
ATOM   1214 C CZ  . PHE A 1 148 ? 6.320   -2.772  5.093   1.00 17.34 ? 148 PHE X CZ  1 
ATOM   1215 N N   . PRO A 1 149 ? 11.134  -2.999  4.107   1.00 22.57 ? 149 PRO X N   1 
ATOM   1216 C CA  . PRO A 1 149 ? 11.942  -2.692  5.303   1.00 23.16 ? 149 PRO X CA  1 
ATOM   1217 C C   . PRO A 1 149 ? 11.669  -3.609  6.494   1.00 23.99 ? 149 PRO X C   1 
ATOM   1218 O O   . PRO A 1 149 ? 10.564  -4.119  6.650   1.00 23.58 ? 149 PRO X O   1 
ATOM   1219 C CB  . PRO A 1 149 ? 11.505  -1.257  5.652   1.00 22.31 ? 149 PRO X CB  1 
ATOM   1220 C CG  . PRO A 1 149 ? 11.118  -0.669  4.341   1.00 23.57 ? 149 PRO X CG  1 
ATOM   1221 C CD  . PRO A 1 149 ? 10.388  -1.808  3.644   1.00 22.77 ? 149 PRO X CD  1 
ATOM   1222 N N   . GLU A 1 150 ? 12.679  -3.824  7.328   1.00 24.95 ? 150 GLU X N   1 
ATOM   1223 C CA  . GLU A 1 150 ? 12.478  -4.538  8.594   1.00 25.84 ? 150 GLU X CA  1 
ATOM   1224 C C   . GLU A 1 150 ? 11.335  -3.946  9.409   1.00 24.46 ? 150 GLU X C   1 
ATOM   1225 O O   . GLU A 1 150 ? 11.171  -2.727  9.453   1.00 24.67 ? 150 GLU X O   1 
ATOM   1226 C CB  . GLU A 1 150 ? 13.758  -4.533  9.457   1.00 26.59 ? 150 GLU X CB  1 
ATOM   1227 C CG  . GLU A 1 150 ? 14.012  -3.226  10.257  1.00 32.00 ? 150 GLU X CG  1 
ATOM   1228 C CD  . GLU A 1 150 ? 14.533  -3.461  11.703  1.00 38.72 ? 150 GLU X CD  1 
ATOM   1229 O OE1 . GLU A 1 150 ? 14.591  -2.467  12.477  1.00 40.36 ? 150 GLU X OE1 1 
ATOM   1230 O OE2 . GLU A 1 150 ? 14.880  -4.617  12.067  1.00 40.18 ? 150 GLU X OE2 1 
ATOM   1231 N N   . ILE A 1 151 ? 10.564  -4.830  10.043  1.00 23.70 ? 151 ILE X N   1 
ATOM   1232 C CA  . ILE A 1 151 ? 9.499   -4.454  10.945  1.00 23.16 ? 151 ILE X CA  1 
ATOM   1233 C C   . ILE A 1 151 ? 10.013  -4.556  12.400  1.00 23.83 ? 151 ILE X C   1 
ATOM   1234 O O   . ILE A 1 151 ? 10.179  -5.646  12.960  1.00 24.50 ? 151 ILE X O   1 
ATOM   1235 C CB  . ILE A 1 151 ? 8.203   -5.301  10.724  1.00 22.89 ? 151 ILE X CB  1 
ATOM   1236 C CG1 . ILE A 1 151 ? 7.661   -5.107  9.294   1.00 21.11 ? 151 ILE X CG1 1 
ATOM   1237 C CG2 . ILE A 1 151 ? 7.118   -4.892  11.740  1.00 20.41 ? 151 ILE X CG2 1 
ATOM   1238 C CD1 . ILE A 1 151 ? 6.942   -6.306  8.718   1.00 21.52 ? 151 ILE X CD1 1 
ATOM   1239 N N   . ASP A 1 152 ? 10.271  -3.409  13.008  1.00 24.54 ? 152 ASP X N   1 
ATOM   1240 C CA  . ASP A 1 152 ? 10.769  -3.376  14.394  1.00 25.01 ? 152 ASP X CA  1 
ATOM   1241 C C   . ASP A 1 152 ? 9.639   -3.717  15.355  1.00 24.38 ? 152 ASP X C   1 
ATOM   1242 O O   . ASP A 1 152 ? 8.712   -2.911  15.546  1.00 25.68 ? 152 ASP X O   1 
ATOM   1243 C CB  . ASP A 1 152 ? 11.315  -1.986  14.684  1.00 25.62 ? 152 ASP X CB  1 
ATOM   1244 C CG  . ASP A 1 152 ? 12.005  -1.871  16.053  1.00 28.12 ? 152 ASP X CG  1 
ATOM   1245 O OD1 . ASP A 1 152 ? 12.765  -0.893  16.175  1.00 32.49 ? 152 ASP X OD1 1 
ATOM   1246 O OD2 . ASP A 1 152 ? 11.812  -2.712  16.972  1.00 29.12 ? 152 ASP X OD2 1 
ATOM   1247 N N   . LEU A 1 153 ? 9.700   -4.893  15.961  1.00 24.05 ? 153 LEU X N   1 
ATOM   1248 C CA  . LEU A 1 153 ? 8.666   -5.316  16.922  1.00 24.62 ? 153 LEU X CA  1 
ATOM   1249 C C   . LEU A 1 153 ? 8.633   -4.501  18.244  1.00 24.64 ? 153 LEU X C   1 
ATOM   1250 O O   . LEU A 1 153 ? 7.691   -4.610  19.000  1.00 24.72 ? 153 LEU X O   1 
ATOM   1251 C CB  . LEU A 1 153 ? 8.742   -6.818  17.225  1.00 24.02 ? 153 LEU X CB  1 
ATOM   1252 C CG  . LEU A 1 153 ? 8.567   -7.782  16.041  1.00 27.37 ? 153 LEU X CG  1 
ATOM   1253 C CD1 . LEU A 1 153 ? 8.617   -9.226  16.518  1.00 26.30 ? 153 LEU X CD1 1 
ATOM   1254 C CD2 . LEU A 1 153 ? 7.247   -7.487  15.237  1.00 28.61 ? 153 LEU X CD2 1 
ATOM   1255 N N   . GLY A 1 154 ? 9.650   -3.689  18.516  1.00 25.03 ? 154 GLY X N   1 
ATOM   1256 C CA  . GLY A 1 154 ? 9.563   -2.751  19.643  1.00 24.46 ? 154 GLY X CA  1 
ATOM   1257 C C   . GLY A 1 154 ? 8.647   -1.573  19.347  1.00 23.90 ? 154 GLY X C   1 
ATOM   1258 O O   . GLY A 1 154 ? 8.069   -0.975  20.259  1.00 24.15 ? 154 GLY X O   1 
ATOM   1259 N N   . LYS A 1 155 ? 8.516   -1.262  18.054  1.00 22.75 ? 155 LYS X N   1 
ATOM   1260 C CA  . LYS A 1 155 ? 7.746   -0.154  17.524  1.00 22.17 ? 155 LYS X CA  1 
ATOM   1261 C C   . LYS A 1 155 ? 6.303   -0.521  17.046  1.00 20.76 ? 155 LYS X C   1 
ATOM   1262 O O   . LYS A 1 155 ? 5.335   0.203   17.335  1.00 20.32 ? 155 LYS X O   1 
ATOM   1263 C CB  . LYS A 1 155 ? 8.577   0.418   16.380  1.00 22.90 ? 155 LYS X CB  1 
ATOM   1264 C CG  . LYS A 1 155 ? 8.132   1.707   15.798  1.00 25.10 ? 155 LYS X CG  1 
ATOM   1265 C CD  . LYS A 1 155 ? 9.247   2.190   14.883  1.00 26.44 ? 155 LYS X CD  1 
ATOM   1266 C CE  . LYS A 1 155 ? 8.929   3.477   14.190  1.00 30.72 ? 155 LYS X CE  1 
ATOM   1267 N NZ  . LYS A 1 155 ? 9.863   3.716   13.026  1.00 29.60 ? 155 LYS X NZ  1 
ATOM   1268 N N   . TYR A 1 156 ? 6.180   -1.641  16.332  1.00 19.43 ? 156 TYR X N   1 
ATOM   1269 C CA  . TYR A 1 156 ? 4.918   -2.147  15.796  1.00 19.20 ? 156 TYR X CA  1 
ATOM   1270 C C   . TYR A 1 156 ? 4.372   -3.297  16.635  1.00 19.04 ? 156 TYR X C   1 
ATOM   1271 O O   . TYR A 1 156 ? 5.066   -4.320  16.805  1.00 18.93 ? 156 TYR X O   1 
ATOM   1272 C CB  . TYR A 1 156 ? 5.127   -2.599  14.320  1.00 19.13 ? 156 TYR X CB  1 
ATOM   1273 C CG  . TYR A 1 156 ? 5.509   -1.460  13.416  1.00 18.61 ? 156 TYR X CG  1 
ATOM   1274 C CD1 . TYR A 1 156 ? 6.853   -1.193  13.121  1.00 17.42 ? 156 TYR X CD1 1 
ATOM   1275 C CD2 . TYR A 1 156 ? 4.523   -0.621  12.869  1.00 19.05 ? 156 TYR X CD2 1 
ATOM   1276 C CE1 . TYR A 1 156 ? 7.209   -0.113  12.317  1.00 19.91 ? 156 TYR X CE1 1 
ATOM   1277 C CE2 . TYR A 1 156 ? 4.884   0.465   12.063  1.00 21.43 ? 156 TYR X CE2 1 
ATOM   1278 C CZ  . TYR A 1 156 ? 6.225   0.701   11.797  1.00 19.91 ? 156 TYR X CZ  1 
ATOM   1279 O OH  . TYR A 1 156 ? 6.561   1.760   10.978  1.00 24.08 ? 156 TYR X OH  1 
ATOM   1280 N N   . LYS A 1 157 ? 3.155   -3.127  17.166  1.00 18.55 ? 157 LYS X N   1 
ATOM   1281 C CA  . LYS A 1 157 ? 2.397   -4.246  17.766  1.00 19.22 ? 157 LYS X CA  1 
ATOM   1282 C C   . LYS A 1 157 ? 1.697   -5.076  16.680  1.00 18.09 ? 157 LYS X C   1 
ATOM   1283 O O   . LYS A 1 157 ? 1.054   -4.487  15.794  1.00 17.61 ? 157 LYS X O   1 
ATOM   1284 C CB  . LYS A 1 157 ? 1.370   -3.779  18.815  1.00 20.08 ? 157 LYS X CB  1 
ATOM   1285 C CG  . LYS A 1 157 ? 0.393   -2.650  18.405  1.00 21.90 ? 157 LYS X CG  1 
ATOM   1286 C CD  . LYS A 1 157 ? -0.755  -2.465  19.429  1.00 23.62 ? 157 LYS X CD  1 
ATOM   1287 C CE  . LYS A 1 157 ? -1.634  -1.210  19.142  1.00 24.94 ? 157 LYS X CE  1 
ATOM   1288 N NZ  . LYS A 1 157 ? -2.911  -1.315  19.953  1.00 29.97 ? 157 LYS X NZ  1 
ATOM   1289 N N   . LEU A 1 158 ? 1.852   -6.403  16.735  1.00 16.82 ? 158 LEU X N   1 
ATOM   1290 C CA  . LEU A 1 158 ? 1.037   -7.343  15.949  1.00 17.65 ? 158 LEU X CA  1 
ATOM   1291 C C   . LEU A 1 158 ? -0.332  -7.448  16.574  1.00 17.95 ? 158 LEU X C   1 
ATOM   1292 O O   . LEU A 1 158 ? -0.475  -7.923  17.711  1.00 18.29 ? 158 LEU X O   1 
ATOM   1293 C CB  . LEU A 1 158 ? 1.698   -8.717  15.846  1.00 17.04 ? 158 LEU X CB  1 
ATOM   1294 C CG  . LEU A 1 158 ? 1.230   -9.822  14.851  1.00 17.70 ? 158 LEU X CG  1 
ATOM   1295 C CD1 . LEU A 1 158 ? 0.257   -10.791 15.476  1.00 22.65 ? 158 LEU X CD1 1 
ATOM   1296 C CD2 . LEU A 1 158 ? 0.676   -9.309  13.483  1.00 17.38 ? 158 LEU X CD2 1 
ATOM   1297 N N   . LEU A 1 159 ? -1.343  -6.941  15.871  1.00 17.57 ? 159 LEU X N   1 
ATOM   1298 C CA  . LEU A 1 159 ? -2.698  -6.959  16.414  1.00 18.19 ? 159 LEU X CA  1 
ATOM   1299 C C   . LEU A 1 159 ? -3.225  -8.380  16.393  1.00 19.63 ? 159 LEU X C   1 
ATOM   1300 O O   . LEU A 1 159 ? -3.035  -9.082  15.399  1.00 19.85 ? 159 LEU X O   1 
ATOM   1301 C CB  . LEU A 1 159 ? -3.610  -6.017  15.627  1.00 16.32 ? 159 LEU X CB  1 
ATOM   1302 C CG  . LEU A 1 159 ? -3.200  -4.536  15.623  1.00 16.00 ? 159 LEU X CG  1 
ATOM   1303 C CD1 . LEU A 1 159 ? -4.223  -3.713  14.987  1.00 15.29 ? 159 LEU X CD1 1 
ATOM   1304 C CD2 . LEU A 1 159 ? -2.929  -4.001  17.043  1.00 17.28 ? 159 LEU X CD2 1 
ATOM   1305 N N   . PRO A 1 160 ? -3.857  -8.839  17.497  1.00 21.18 ? 160 PRO X N   1 
ATOM   1306 C CA  . PRO A 1 160 ? -4.362  -10.233 17.461  1.00 21.83 ? 160 PRO X CA  1 
ATOM   1307 C C   . PRO A 1 160 ? -5.483  -10.419 16.443  1.00 21.75 ? 160 PRO X C   1 
ATOM   1308 O O   . PRO A 1 160 ? -5.648  -11.491 15.878  1.00 23.11 ? 160 PRO X O   1 
ATOM   1309 C CB  . PRO A 1 160 ? -4.885  -10.481 18.885  1.00 21.69 ? 160 PRO X CB  1 
ATOM   1310 C CG  . PRO A 1 160 ? -5.031  -9.115  19.518  1.00 22.60 ? 160 PRO X CG  1 
ATOM   1311 C CD  . PRO A 1 160 ? -4.082  -8.170  18.795  1.00 20.63 ? 160 PRO X CD  1 
ATOM   1312 N N   . GLU A 1 161 ? -6.271  -9.382  16.236  1.00 22.50 ? 161 GLU X N   1 
ATOM   1313 C CA  . GLU A 1 161 ? -7.298  -9.423  15.206  1.00 22.87 ? 161 GLU X CA  1 
ATOM   1314 C C   . GLU A 1 161 ? -7.485  -7.992  14.717  1.00 21.36 ? 161 GLU X C   1 
ATOM   1315 O O   . GLU A 1 161 ? -7.007  -7.041  15.349  1.00 21.56 ? 161 GLU X O   1 
ATOM   1316 C CB  . GLU A 1 161 ? -8.589  -9.979  15.789  1.00 23.68 ? 161 GLU X CB  1 
ATOM   1317 C CG  . GLU A 1 161 ? -9.053  -9.116  16.903  1.00 27.53 ? 161 GLU X CG  1 
ATOM   1318 C CD  . GLU A 1 161 ? -9.986  -9.811  17.843  1.00 34.37 ? 161 GLU X CD  1 
ATOM   1319 O OE1 . GLU A 1 161 ? -9.653  -10.914 18.325  1.00 38.18 ? 161 GLU X OE1 1 
ATOM   1320 O OE2 . GLU A 1 161 ? -11.047 -9.220  18.122  1.00 36.90 ? 161 GLU X OE2 1 
ATOM   1321 N N   . TYR A 1 162 ? -8.145  -7.833  13.576  1.00 19.43 ? 162 TYR X N   1 
ATOM   1322 C CA  . TYR A 1 162 ? -8.459  -6.491  13.071  1.00 18.43 ? 162 TYR X CA  1 
ATOM   1323 C C   . TYR A 1 162 ? -9.775  -6.575  12.294  1.00 17.19 ? 162 TYR X C   1 
ATOM   1324 O O   . TYR A 1 162 ? -9.990  -7.568  11.571  1.00 15.30 ? 162 TYR X O   1 
ATOM   1325 C CB  . TYR A 1 162 ? -7.315  -5.953  12.186  1.00 17.54 ? 162 TYR X CB  1 
ATOM   1326 C CG  . TYR A 1 162 ? -7.455  -4.506  11.804  1.00 17.73 ? 162 TYR X CG  1 
ATOM   1327 C CD1 . TYR A 1 162 ? -6.990  -3.499  12.651  1.00 18.31 ? 162 TYR X CD1 1 
ATOM   1328 C CD2 . TYR A 1 162 ? -8.080  -4.127  10.599  1.00 16.24 ? 162 TYR X CD2 1 
ATOM   1329 C CE1 . TYR A 1 162 ? -7.122  -2.159  12.330  1.00 19.45 ? 162 TYR X CE1 1 
ATOM   1330 C CE2 . TYR A 1 162 ? -8.217  -2.792  10.264  1.00 17.58 ? 162 TYR X CE2 1 
ATOM   1331 C CZ  . TYR A 1 162 ? -7.729  -1.803  11.140  1.00 18.25 ? 162 TYR X CZ  1 
ATOM   1332 O OH  . TYR A 1 162 ? -7.825  -0.466  10.821  1.00 16.68 ? 162 TYR X OH  1 
ATOM   1333 N N   . PRO A 1 163 ? -10.662 -5.554  12.437  1.00 17.12 ? 163 PRO X N   1 
ATOM   1334 C CA  . PRO A 1 163 ? -11.998 -5.701  11.797  1.00 16.07 ? 163 PRO X CA  1 
ATOM   1335 C C   . PRO A 1 163 ? -11.893 -5.975  10.305  1.00 14.99 ? 163 PRO X C   1 
ATOM   1336 O O   . PRO A 1 163 ? -11.106 -5.304  9.640   1.00 13.74 ? 163 PRO X O   1 
ATOM   1337 C CB  . PRO A 1 163 ? -12.682 -4.337  12.049  1.00 16.01 ? 163 PRO X CB  1 
ATOM   1338 C CG  . PRO A 1 163 ? -11.965 -3.774  13.225  1.00 18.59 ? 163 PRO X CG  1 
ATOM   1339 C CD  . PRO A 1 163 ? -10.528 -4.261  13.137  1.00 16.94 ? 163 PRO X CD  1 
ATOM   1340 N N   . GLY A 1 164 ? -12.625 -6.996  9.818   1.00 14.66 ? 164 GLY X N   1 
ATOM   1341 C CA  . GLY A 1 164 ? -12.702 -7.326  8.385   1.00 13.54 ? 164 GLY X CA  1 
ATOM   1342 C C   . GLY A 1 164 ? -11.512 -8.122  7.843   1.00 13.62 ? 164 GLY X C   1 
ATOM   1343 O O   . GLY A 1 164 ? -11.465 -8.444  6.673   1.00 14.22 ? 164 GLY X O   1 
ATOM   1344 N N   . VAL A 1 165 ? -10.576 -8.480  8.716   1.00 13.35 ? 165 VAL X N   1 
ATOM   1345 C CA  . VAL A 1 165 ? -9.409  -9.254  8.318   1.00 14.08 ? 165 VAL X CA  1 
ATOM   1346 C C   . VAL A 1 165 ? -9.506  -10.668 8.903   1.00 15.12 ? 165 VAL X C   1 
ATOM   1347 O O   . VAL A 1 165 ? -9.664  -10.847 10.124  1.00 14.90 ? 165 VAL X O   1 
ATOM   1348 C CB  . VAL A 1 165 ? -8.079  -8.535  8.649   1.00 13.74 ? 165 VAL X CB  1 
ATOM   1349 C CG1 . VAL A 1 165 ? -6.866  -9.403  8.280   1.00 13.94 ? 165 VAL X CG1 1 
ATOM   1350 C CG2 . VAL A 1 165 ? -8.039  -7.130  7.965   1.00 13.40 ? 165 VAL X CG2 1 
ATOM   1351 N N   . LEU A 1 166 ? -9.483  -11.664 8.016   1.00 14.35 ? 166 LEU X N   1 
ATOM   1352 C CA  . LEU A 1 166 ? -9.498  -13.086 8.456   1.00 15.60 ? 166 LEU X CA  1 
ATOM   1353 C C   . LEU A 1 166 ? -8.061  -13.565 8.721   1.00 15.93 ? 166 LEU X C   1 
ATOM   1354 O O   . LEU A 1 166 ? -7.131  -13.233 7.980   1.00 14.52 ? 166 LEU X O   1 
ATOM   1355 C CB  . LEU A 1 166 ? -10.247 -13.949 7.430   1.00 16.00 ? 166 LEU X CB  1 
ATOM   1356 C CG  . LEU A 1 166 ? -11.797 -13.799 7.579   1.00 17.75 ? 166 LEU X CG  1 
ATOM   1357 C CD1 . LEU A 1 166 ? -12.363 -12.521 6.902   1.00 20.66 ? 166 LEU X CD1 1 
ATOM   1358 C CD2 . LEU A 1 166 ? -12.488 -15.016 7.071   1.00 20.95 ? 166 LEU X CD2 1 
ATOM   1359 N N   . SER A 1 167 ? -7.879  -14.311 9.808   1.00 16.14 ? 167 SER X N   1 
ATOM   1360 C CA  . SER A 1 167 ? -6.555  -14.674 10.257  1.00 18.02 ? 167 SER X CA  1 
ATOM   1361 C C   . SER A 1 167 ? -6.100  -16.089 9.855   1.00 17.97 ? 167 SER X C   1 
ATOM   1362 O O   . SER A 1 167 ? -4.910  -16.405 9.942   1.00 18.53 ? 167 SER X O   1 
ATOM   1363 C CB  . SER A 1 167 ? -6.476  -14.472 11.770  1.00 18.46 ? 167 SER X CB  1 
ATOM   1364 O OG  . SER A 1 167 ? -7.506  -15.278 12.334  1.00 22.37 ? 167 SER X OG  1 
ATOM   1365 N N   . GLU A 1 168 ? -7.021  -16.919 9.371   1.00 17.78 ? 168 GLU X N   1 
ATOM   1366 C CA  . GLU A 1 168 ? -6.665  -18.266 8.938   1.00 18.91 ? 168 GLU X CA  1 
ATOM   1367 C C   . GLU A 1 168 ? -5.650  -18.278 7.787   1.00 17.87 ? 168 GLU X C   1 
ATOM   1368 O O   . GLU A 1 168 ? -5.619  -17.355 6.947   1.00 15.76 ? 168 GLU X O   1 
ATOM   1369 C CB  . GLU A 1 168 ? -7.914  -19.041 8.521   1.00 20.19 ? 168 GLU X CB  1 
ATOM   1370 C CG  . GLU A 1 168 ? -8.937  -19.284 9.647   1.00 25.18 ? 168 GLU X CG  1 
ATOM   1371 C CD  . GLU A 1 168 ? -10.004 -18.203 9.704   1.00 32.55 ? 168 GLU X CD  1 
ATOM   1372 O OE1 . GLU A 1 168 ? -9.893  -17.187 8.966   1.00 32.10 ? 168 GLU X OE1 1 
ATOM   1373 O OE2 . GLU A 1 168 ? -10.972 -18.377 10.485  1.00 35.27 ? 168 GLU X OE2 1 
ATOM   1374 N N   . VAL A 1 169 ? -4.814  -19.320 7.755   1.00 16.88 ? 169 VAL X N   1 
ATOM   1375 C CA  . VAL A 1 169 ? -3.925  -19.503 6.607   1.00 17.21 ? 169 VAL X CA  1 
ATOM   1376 C C   . VAL A 1 169 ? -4.749  -19.749 5.327   1.00 16.08 ? 169 VAL X C   1 
ATOM   1377 O O   . VAL A 1 169 ? -5.738  -20.495 5.336   1.00 14.83 ? 169 VAL X O   1 
ATOM   1378 C CB  . VAL A 1 169 ? -2.855  -20.600 6.814   1.00 16.35 ? 169 VAL X CB  1 
ATOM   1379 C CG1 . VAL A 1 169 ? -1.927  -20.668 5.589   1.00 16.98 ? 169 VAL X CG1 1 
ATOM   1380 C CG2 . VAL A 1 169 ? -2.040  -20.320 8.068   1.00 18.55 ? 169 VAL X CG2 1 
ATOM   1381 N N   . GLN A 1 170 ? -4.325  -19.103 4.244   1.00 15.18 ? 170 GLN X N   1 
ATOM   1382 C CA  . GLN A 1 170 ? -4.983  -19.209 2.961   1.00 14.40 ? 170 GLN X CA  1 
ATOM   1383 C C   . GLN A 1 170 ? -4.055  -19.940 2.030   1.00 15.46 ? 170 GLN X C   1 
ATOM   1384 O O   . GLN A 1 170 ? -2.845  -20.015 2.263   1.00 15.19 ? 170 GLN X O   1 
ATOM   1385 C CB  . GLN A 1 170 ? -5.195  -17.802 2.358   1.00 14.69 ? 170 GLN X CB  1 
ATOM   1386 C CG  . GLN A 1 170 ? -5.792  -16.816 3.329   1.00 14.19 ? 170 GLN X CG  1 
ATOM   1387 C CD  . GLN A 1 170 ? -7.224  -17.219 3.645   1.00 18.31 ? 170 GLN X CD  1 
ATOM   1388 O OE1 . GLN A 1 170 ? -8.000  -17.463 2.731   1.00 17.30 ? 170 GLN X OE1 1 
ATOM   1389 N NE2 . GLN A 1 170 ? -7.567  -17.326 4.938   1.00 13.50 ? 170 GLN X NE2 1 
ATOM   1390 N N   . GLU A 1 171 ? -4.587  -20.429 0.919   1.00 15.05 ? 171 GLU X N   1 
ATOM   1391 C CA  . GLU A 1 171 ? -3.679  -20.972 -0.063  1.00 16.00 ? 171 GLU X CA  1 
ATOM   1392 C C   . GLU A 1 171 ? -4.223  -20.787 -1.480  1.00 14.90 ? 171 GLU X C   1 
ATOM   1393 O O   . GLU A 1 171 ? -5.416  -20.891 -1.693  1.00 15.00 ? 171 GLU X O   1 
ATOM   1394 C CB  . GLU A 1 171 ? -3.469  -22.458 0.255   1.00 16.32 ? 171 GLU X CB  1 
ATOM   1395 C CG  . GLU A 1 171 ? -2.429  -23.159 -0.602  1.00 19.70 ? 171 GLU X CG  1 
ATOM   1396 C CD  . GLU A 1 171 ? -2.570  -24.657 -0.415  1.00 26.41 ? 171 GLU X CD  1 
ATOM   1397 O OE1 . GLU A 1 171 ? -2.508  -25.090 0.752   1.00 26.31 ? 171 GLU X OE1 1 
ATOM   1398 O OE2 . GLU A 1 171 ? -2.826  -25.372 -1.415  1.00 30.05 ? 171 GLU X OE2 1 
ATOM   1399 N N   . GLU A 1 172 ? -3.342  -20.491 -2.420  1.00 15.01 ? 172 GLU X N   1 
ATOM   1400 C CA  . GLU A 1 172 ? -3.722  -20.368 -3.823  1.00 16.08 ? 172 GLU X CA  1 
ATOM   1401 C C   . GLU A 1 172 ? -2.581  -20.895 -4.720  1.00 16.49 ? 172 GLU X C   1 
ATOM   1402 O O   . GLU A 1 172 ? -1.423  -20.501 -4.583  1.00 15.50 ? 172 GLU X O   1 
ATOM   1403 C CB  . GLU A 1 172 ? -4.056  -18.914 -4.178  1.00 16.37 ? 172 GLU X CB  1 
ATOM   1404 C CG  . GLU A 1 172 ? -4.548  -18.760 -5.593  1.00 18.63 ? 172 GLU X CG  1 
ATOM   1405 C CD  . GLU A 1 172 ? -4.748  -17.323 -6.019  1.00 19.48 ? 172 GLU X CD  1 
ATOM   1406 O OE1 . GLU A 1 172 ? -4.659  -16.414 -5.160  1.00 18.98 ? 172 GLU X OE1 1 
ATOM   1407 O OE2 . GLU A 1 172 ? -4.989  -17.133 -7.226  1.00 17.64 ? 172 GLU X OE2 1 
ATOM   1408 N N   . LYS A 1 173 ? -2.933  -21.803 -5.629  1.00 17.62 ? 173 LYS X N   1 
ATOM   1409 C CA  . LYS A 1 173 ? -1.968  -22.382 -6.559  1.00 19.19 ? 173 LYS X CA  1 
ATOM   1410 C C   . LYS A 1 173 ? -0.781  -22.967 -5.804  1.00 18.73 ? 173 LYS X C   1 
ATOM   1411 O O   . LYS A 1 173 ? 0.365   -22.749 -6.214  1.00 19.13 ? 173 LYS X O   1 
ATOM   1412 C CB  . LYS A 1 173 ? -1.446  -21.338 -7.579  1.00 19.44 ? 173 LYS X CB  1 
ATOM   1413 C CG  . LYS A 1 173 ? -2.507  -20.774 -8.479  1.00 23.68 ? 173 LYS X CG  1 
ATOM   1414 C CD  . LYS A 1 173 ? -1.953  -19.524 -9.157  1.00 25.15 ? 173 LYS X CD  1 
ATOM   1415 C CE  . LYS A 1 173 ? -3.086  -18.698 -9.680  1.00 26.30 ? 173 LYS X CE  1 
ATOM   1416 N NZ  . LYS A 1 173 ? -2.590  -17.700 -10.644 1.00 25.98 ? 173 LYS X NZ  1 
ATOM   1417 N N   . GLY A 1 174 ? -1.085  -23.669 -4.705  1.00 18.21 ? 174 GLY X N   1 
ATOM   1418 C CA  . GLY A 1 174 ? -0.104  -24.325 -3.876  1.00 18.42 ? 174 GLY X CA  1 
ATOM   1419 C C   . GLY A 1 174 ? 0.780   -23.398 -3.073  1.00 18.45 ? 174 GLY X C   1 
ATOM   1420 O O   . GLY A 1 174 ? 1.741   -23.863 -2.458  1.00 18.41 ? 174 GLY X O   1 
ATOM   1421 N N   . ILE A 1 175 ? 0.451   -22.098 -3.063  1.00 17.44 ? 175 ILE X N   1 
ATOM   1422 C CA  . ILE A 1 175 ? 1.220   -21.077 -2.310  1.00 16.88 ? 175 ILE X CA  1 
ATOM   1423 C C   . ILE A 1 175 ? 0.431   -20.627 -1.079  1.00 16.11 ? 175 ILE X C   1 
ATOM   1424 O O   . ILE A 1 175 ? -0.658  -20.061 -1.211  1.00 14.57 ? 175 ILE X O   1 
ATOM   1425 C CB  . ILE A 1 175 ? 1.619   -19.859 -3.214  1.00 17.44 ? 175 ILE X CB  1 
ATOM   1426 C CG1 . ILE A 1 175 ? 2.553   -20.334 -4.348  1.00 18.38 ? 175 ILE X CG1 1 
ATOM   1427 C CG2 . ILE A 1 175 ? 2.273   -18.733 -2.370  1.00 18.85 ? 175 ILE X CG2 1 
ATOM   1428 C CD1 . ILE A 1 175 ? 2.619   -19.407 -5.578  1.00 17.15 ? 175 ILE X CD1 1 
ATOM   1429 N N   . LYS A 1 176 ? 0.983   -20.878 0.114   1.00 15.06 ? 176 LYS X N   1 
ATOM   1430 C CA  . LYS A 1 176 ? 0.299   -20.537 1.366   1.00 15.29 ? 176 LYS X CA  1 
ATOM   1431 C C   . LYS A 1 176 ? 0.591   -19.096 1.783   1.00 14.70 ? 176 LYS X C   1 
ATOM   1432 O O   . LYS A 1 176 ? 1.687   -18.589 1.530   1.00 13.54 ? 176 LYS X O   1 
ATOM   1433 C CB  . LYS A 1 176 ? 0.680   -21.508 2.492   1.00 15.67 ? 176 LYS X CB  1 
ATOM   1434 C CG  . LYS A 1 176 ? 0.116   -22.914 2.289   1.00 16.84 ? 176 LYS X CG  1 
ATOM   1435 C CD  . LYS A 1 176 ? 0.408   -23.830 3.470   1.00 17.17 ? 176 LYS X CD  1 
ATOM   1436 C CE  . LYS A 1 176 ? -0.241  -25.235 3.278   1.00 18.99 ? 176 LYS X CE  1 
ATOM   1437 N NZ  . LYS A 1 176 ? 0.545   -26.002 2.297   1.00 22.29 ? 176 LYS X NZ  1 
ATOM   1438 N N   . TYR A 1 177 ? -0.410  -18.428 2.381   1.00 14.02 ? 177 TYR X N   1 
ATOM   1439 C CA  . TYR A 1 177 ? -0.210  -17.044 2.841   1.00 14.12 ? 177 TYR X CA  1 
ATOM   1440 C C   . TYR A 1 177 ? -1.219  -16.684 3.915   1.00 13.78 ? 177 TYR X C   1 
ATOM   1441 O O   . TYR A 1 177 ? -2.199  -17.394 4.101   1.00 14.40 ? 177 TYR X O   1 
ATOM   1442 C CB  . TYR A 1 177 ? -0.245  -16.059 1.644   1.00 13.47 ? 177 TYR X CB  1 
ATOM   1443 C CG  . TYR A 1 177 ? -1.541  -16.073 0.862   1.00 16.05 ? 177 TYR X CG  1 
ATOM   1444 C CD1 . TYR A 1 177 ? -2.579  -15.166 1.175   1.00 15.16 ? 177 TYR X CD1 1 
ATOM   1445 C CD2 . TYR A 1 177 ? -1.752  -16.998 -0.167  1.00 14.01 ? 177 TYR X CD2 1 
ATOM   1446 C CE1 . TYR A 1 177 ? -3.782  -15.202 0.496   1.00 14.66 ? 177 TYR X CE1 1 
ATOM   1447 C CE2 . TYR A 1 177 ? -2.952  -17.033 -0.852  1.00 16.59 ? 177 TYR X CE2 1 
ATOM   1448 C CZ  . TYR A 1 177 ? -3.959  -16.118 -0.518  1.00 16.08 ? 177 TYR X CZ  1 
ATOM   1449 O OH  . TYR A 1 177 ? -5.154  -16.132 -1.167  1.00 17.67 ? 177 TYR X OH  1 
ATOM   1450 N N   . LYS A 1 178 ? -0.975  -15.584 4.635   1.00 14.62 ? 178 LYS X N   1 
ATOM   1451 C CA  . LYS A 1 178 ? -1.862  -15.151 5.711   1.00 14.06 ? 178 LYS X CA  1 
ATOM   1452 C C   . LYS A 1 178 ? -1.748  -13.617 5.877   1.00 13.13 ? 178 LYS X C   1 
ATOM   1453 O O   . LYS A 1 178 ? -0.718  -13.008 5.566   1.00 12.09 ? 178 LYS X O   1 
ATOM   1454 C CB  . LYS A 1 178 ? -1.612  -15.926 7.062   1.00 14.87 ? 178 LYS X CB  1 
ATOM   1455 C CG  . LYS A 1 178 ? -0.265  -15.664 7.744   1.00 16.08 ? 178 LYS X CG  1 
ATOM   1456 C CD  . LYS A 1 178 ? -0.072  -16.537 9.018   1.00 16.19 ? 178 LYS X CD  1 
ATOM   1457 C CE  . LYS A 1 178 ? 1.103   -16.057 9.903   1.00 22.25 ? 178 LYS X CE  1 
ATOM   1458 N NZ  . LYS A 1 178 ? 2.385   -15.922 9.134   1.00 27.46 ? 178 LYS X NZ  1 
ATOM   1459 N N   . PHE A 1 179 ? -2.810  -13.038 6.415   1.00 12.14 ? 179 PHE X N   1 
ATOM   1460 C CA  . PHE A 1 179 ? -2.943  -11.600 6.551   1.00 11.87 ? 179 PHE X CA  1 
ATOM   1461 C C   . PHE A 1 179 ? -2.605  -11.186 7.951   1.00 12.51 ? 179 PHE X C   1 
ATOM   1462 O O   . PHE A 1 179 ? -3.129  -11.774 8.904   1.00 14.55 ? 179 PHE X O   1 
ATOM   1463 C CB  . PHE A 1 179 ? -4.384  -11.180 6.209   1.00 10.60 ? 179 PHE X CB  1 
ATOM   1464 C CG  . PHE A 1 179 ? -4.834  -11.628 4.869   1.00 10.60 ? 179 PHE X CG  1 
ATOM   1465 C CD1 . PHE A 1 179 ? -5.942  -12.455 4.733   1.00 8.53  ? 179 PHE X CD1 1 
ATOM   1466 C CD2 . PHE A 1 179 ? -4.140  -11.218 3.723   1.00 10.26 ? 179 PHE X CD2 1 
ATOM   1467 C CE1 . PHE A 1 179 ? -6.371  -12.860 3.432   1.00 11.47 ? 179 PHE X CE1 1 
ATOM   1468 C CE2 . PHE A 1 179 ? -4.528  -11.614 2.461   1.00 11.24 ? 179 PHE X CE2 1 
ATOM   1469 C CZ  . PHE A 1 179 ? -5.656  -12.461 2.307   1.00 9.41  ? 179 PHE X CZ  1 
ATOM   1470 N N   . GLU A 1 180 ? -1.730  -10.199 8.082   1.00 12.47 ? 180 GLU X N   1 
ATOM   1471 C CA  . GLU A 1 180 ? -1.365  -9.681  9.397   1.00 13.33 ? 180 GLU X CA  1 
ATOM   1472 C C   . GLU A 1 180 ? -1.547  -8.183  9.418   1.00 13.50 ? 180 GLU X C   1 
ATOM   1473 O O   . GLU A 1 180 ? -1.406  -7.527  8.381   1.00 12.18 ? 180 GLU X O   1 
ATOM   1474 C CB  . GLU A 1 180 ? 0.097   -9.995  9.722   1.00 12.47 ? 180 GLU X CB  1 
ATOM   1475 C CG  . GLU A 1 180 ? 0.443   -11.442 10.002  1.00 13.24 ? 180 GLU X CG  1 
ATOM   1476 C CD  . GLU A 1 180 ? 1.934   -11.656 10.281  1.00 14.73 ? 180 GLU X CD  1 
ATOM   1477 O OE1 . GLU A 1 180 ? 2.281   -12.761 10.741  1.00 19.28 ? 180 GLU X OE1 1 
ATOM   1478 O OE2 . GLU A 1 180 ? 2.769   -10.760 10.020  1.00 16.28 ? 180 GLU X OE2 1 
ATOM   1479 N N   . VAL A 1 181 ? -1.816  -7.644  10.610  1.00 13.10 ? 181 VAL X N   1 
ATOM   1480 C CA  . VAL A 1 181 ? -1.925  -6.199  10.790  1.00 12.59 ? 181 VAL X CA  1 
ATOM   1481 C C   . VAL A 1 181 ? -1.063  -5.745  11.981  1.00 13.32 ? 181 VAL X C   1 
ATOM   1482 O O   . VAL A 1 181 ? -1.279  -6.196  13.108  1.00 12.18 ? 181 VAL X O   1 
ATOM   1483 C CB  . VAL A 1 181 ? -3.395  -5.722  11.019  1.00 13.07 ? 181 VAL X CB  1 
ATOM   1484 C CG1 . VAL A 1 181 ? -3.444  -4.185  11.026  1.00 13.08 ? 181 VAL X CG1 1 
ATOM   1485 C CG2 . VAL A 1 181 ? -4.376  -6.267  9.935   1.00 11.70 ? 181 VAL X CG2 1 
ATOM   1486 N N   . TYR A 1 182 ? -0.142  -4.820  11.722  1.00 13.28 ? 182 TYR X N   1 
ATOM   1487 C CA  . TYR A 1 182 ? 0.709   -4.198  12.760  1.00 12.61 ? 182 TYR X CA  1 
ATOM   1488 C C   . TYR A 1 182 ? 0.316   -2.752  12.966  1.00 13.73 ? 182 TYR X C   1 
ATOM   1489 O O   . TYR A 1 182 ? -0.204  -2.089  12.046  1.00 12.58 ? 182 TYR X O   1 
ATOM   1490 C CB  . TYR A 1 182 ? 2.183   -4.240  12.331  1.00 12.22 ? 182 TYR X CB  1 
ATOM   1491 C CG  . TYR A 1 182 ? 2.735   -5.623  12.152  1.00 11.97 ? 182 TYR X CG  1 
ATOM   1492 C CD1 . TYR A 1 182 ? 2.469   -6.380  10.981  1.00 10.41 ? 182 TYR X CD1 1 
ATOM   1493 C CD2 . TYR A 1 182 ? 3.523   -6.206  13.145  1.00 12.05 ? 182 TYR X CD2 1 
ATOM   1494 C CE1 . TYR A 1 182 ? 2.985   -7.689  10.827  1.00 10.31 ? 182 TYR X CE1 1 
ATOM   1495 C CE2 . TYR A 1 182 ? 4.071   -7.521  12.982  1.00 11.41 ? 182 TYR X CE2 1 
ATOM   1496 C CZ  . TYR A 1 182 ? 3.770   -8.261  11.834  1.00 11.23 ? 182 TYR X CZ  1 
ATOM   1497 O OH  . TYR A 1 182 ? 4.294   -9.563  11.680  1.00 10.62 ? 182 TYR X OH  1 
ATOM   1498 N N   . GLU A 1 183 ? 0.579   -2.237  14.168  1.00 14.06 ? 183 GLU X N   1 
ATOM   1499 C CA  . GLU A 1 183 ? 0.189   -0.889  14.510  1.00 16.17 ? 183 GLU X CA  1 
ATOM   1500 C C   . GLU A 1 183 ? 1.214   -0.185  15.376  1.00 16.94 ? 183 GLU X C   1 
ATOM   1501 O O   . GLU A 1 183 ? 1.684   -0.737  16.374  1.00 17.31 ? 183 GLU X O   1 
ATOM   1502 C CB  . GLU A 1 183 ? -1.155  -0.896  15.246  1.00 17.14 ? 183 GLU X CB  1 
ATOM   1503 C CG  . GLU A 1 183 ? -1.670  0.511   15.562  1.00 17.64 ? 183 GLU X CG  1 
ATOM   1504 C CD  . GLU A 1 183 ? -3.141  0.511   15.927  1.00 21.71 ? 183 GLU X CD  1 
ATOM   1505 O OE1 . GLU A 1 183 ? -3.918  1.104   15.164  1.00 22.56 ? 183 GLU X OE1 1 
ATOM   1506 O OE2 . GLU A 1 183 ? -3.522  -0.114  16.941  1.00 22.46 ? 183 GLU X OE2 1 
ATOM   1507 N N   . LYS A 1 184 ? 1.537   1.034   14.990  1.00 19.31 ? 184 LYS X N   1 
ATOM   1508 C CA  . LYS A 1 184 ? 2.385   1.937   15.782  1.00 22.40 ? 184 LYS X CA  1 
ATOM   1509 C C   . LYS A 1 184 ? 1.608   3.245   15.968  1.00 23.37 ? 184 LYS X C   1 
ATOM   1510 O O   . LYS A 1 184 ? 1.335   3.957   15.019  1.00 22.70 ? 184 LYS X O   1 
ATOM   1511 C CB  . LYS A 1 184 ? 3.712   2.198   15.069  1.00 22.37 ? 184 LYS X CB  1 
ATOM   1512 C CG  . LYS A 1 184 ? 4.534   3.359   15.613  1.00 24.64 ? 184 LYS X CG  1 
ATOM   1513 C CD  . LYS A 1 184 ? 5.557   3.787   14.590  1.00 26.48 ? 184 LYS X CD  1 
ATOM   1514 C CE  . LYS A 1 184 ? 5.082   4.912   13.684  1.00 27.14 ? 184 LYS X CE  1 
ATOM   1515 N NZ  . LYS A 1 184 ? 4.897   6.215   14.412  1.00 27.31 ? 184 LYS X NZ  1 
ATOM   1516 N N   . LYS A 1 185 ? 1.231   3.524   17.205  1.00 26.30 ? 185 LYS X N   1 
ATOM   1517 C CA  . LYS A 1 185 ? 0.463   4.721   17.532  1.00 29.42 ? 185 LYS X CA  1 
ATOM   1518 C C   . LYS A 1 185 ? 1.357   5.968   17.669  1.00 30.95 ? 185 LYS X C   1 
ATOM   1519 O O   . LYS A 1 185 ? 2.563   5.851   17.559  1.00 30.36 ? 185 LYS X O   1 
ATOM   1520 C CB  . LYS A 1 185 ? -0.313  4.442   18.818  1.00 30.44 ? 185 LYS X CB  1 
ATOM   1521 C CG  . LYS A 1 185 ? -1.521  3.493   18.629  1.00 32.99 ? 185 LYS X CG  1 
ATOM   1522 C CD  . LYS A 1 185 ? -2.858  4.222   18.718  1.00 38.83 ? 185 LYS X CD  1 
ATOM   1523 C CE  . LYS A 1 185 ? -3.064  5.311   17.644  1.00 40.92 ? 185 LYS X CE  1 
ATOM   1524 N NZ  . LYS A 1 185 ? -2.295  6.600   17.853  1.00 41.90 ? 185 LYS X NZ  1 
ATOM   1525 N N   . ASP A 1 186 ? 0.758   7.154   17.816  1.00 33.68 ? 186 ASP X N   1 
ATOM   1526 C CA  . ASP A 1 186 ? 1.382   8.329   18.537  1.00 37.27 ? 186 ASP X CA  1 
ATOM   1527 C C   . ASP A 1 186 ? 2.206   9.357   17.733  1.00 38.11 ? 186 ASP X C   1 
ATOM   1528 O O   . ASP A 1 186 ? 1.748   10.478  17.400  1.00 38.00 ? 186 ASP X O   1 
ATOM   1529 C CB  . ASP A 1 186 ? 2.064   7.894   19.869  1.00 37.47 ? 186 ASP X CB  1 
ATOM   1530 C CG  . ASP A 1 186 ? 3.329   8.733   20.252  1.00 42.65 ? 186 ASP X CG  1 
ATOM   1531 O OD1 . ASP A 1 186 ? 3.318   9.407   21.331  1.00 46.32 ? 186 ASP X OD1 1 
ATOM   1532 O OD2 . ASP A 1 186 ? 4.358   8.683   19.516  1.00 45.06 ? 186 ASP X OD2 1 
ATOM   1533 O OXT . ASP A 1 186 ? 3.371   9.097   17.422  1.00 39.28 ? 186 ASP X OXT 1 
HETATM 1534 P PA  . NDP B 2 .   ? 8.758   2.589   -6.445  1.00 14.42 ? 187 NDP X PA  1 
HETATM 1535 O O1A . NDP B 2 .   ? 7.394   2.191   -6.845  1.00 15.83 ? 187 NDP X O1A 1 
HETATM 1536 O O2A . NDP B 2 .   ? 9.019   2.967   -5.012  1.00 11.64 ? 187 NDP X O2A 1 
HETATM 1537 O O5B . NDP B 2 .   ? 9.222   3.698   -7.441  1.00 15.52 ? 187 NDP X O5B 1 
HETATM 1538 C C5B . NDP B 2 .   ? 10.502  4.275   -7.308  1.00 12.24 ? 187 NDP X C5B 1 
HETATM 1539 C C4B . NDP B 2 .   ? 10.335  5.620   -7.907  1.00 12.54 ? 187 NDP X C4B 1 
HETATM 1540 O O4B . NDP B 2 .   ? 9.153   6.338   -7.323  1.00 10.58 ? 187 NDP X O4B 1 
HETATM 1541 C C3B . NDP B 2 .   ? 11.491  6.623   -7.749  1.00 15.70 ? 187 NDP X C3B 1 
HETATM 1542 O O3B . NDP B 2 .   ? 12.469  6.352   -8.721  1.00 14.38 ? 187 NDP X O3B 1 
HETATM 1543 C C2B . NDP B 2 .   ? 10.449  7.546   -8.319  1.00 16.04 ? 187 NDP X C2B 1 
HETATM 1544 O O2B . NDP B 2 .   ? 10.710  8.723   -8.921  1.00 16.70 ? 187 NDP X O2B 1 
HETATM 1545 C C1B . NDP B 2 .   ? 9.482   7.710   -7.147  1.00 14.07 ? 187 NDP X C1B 1 
HETATM 1546 N N9A . NDP B 2 .   ? 9.656   7.996   -5.656  1.00 14.60 ? 187 NDP X N9A 1 
HETATM 1547 C C8A . NDP B 2 .   ? 9.794   7.093   -4.657  1.00 17.28 ? 187 NDP X C8A 1 
HETATM 1548 N N7A . NDP B 2 .   ? 9.860   7.694   -3.470  1.00 15.55 ? 187 NDP X N7A 1 
HETATM 1549 C C5A . NDP B 2 .   ? 9.729   9.009   -3.692  1.00 16.13 ? 187 NDP X C5A 1 
HETATM 1550 C C6A . NDP B 2 .   ? 9.745   10.147  -2.874  1.00 17.78 ? 187 NDP X C6A 1 
HETATM 1551 N N6A . NDP B 2 .   ? 9.878   10.054  -1.546  1.00 17.19 ? 187 NDP X N6A 1 
HETATM 1552 N N1A . NDP B 2 .   ? 9.599   11.367  -3.431  1.00 14.34 ? 187 NDP X N1A 1 
HETATM 1553 C C2A . NDP B 2 .   ? 9.466   11.473  -4.742  1.00 15.24 ? 187 NDP X C2A 1 
HETATM 1554 N N3A . NDP B 2 .   ? 9.468   10.419  -5.540  1.00 11.78 ? 187 NDP X N3A 1 
HETATM 1555 C C4A . NDP B 2 .   ? 9.599   9.189   -5.061  1.00 12.64 ? 187 NDP X C4A 1 
HETATM 1556 O O3  . NDP B 2 .   ? 9.889   1.513   -6.884  1.00 16.07 ? 187 NDP X O3  1 
HETATM 1557 P PN  . NDP B 2 .   ? 10.263  0.029   -6.397  1.00 23.25 ? 187 NDP X PN  1 
HETATM 1558 O O1N . NDP B 2 .   ? 10.671  0.035   -4.981  1.00 22.78 ? 187 NDP X O1N 1 
HETATM 1559 O O2N . NDP B 2 .   ? 11.195  -0.438  -7.436  1.00 23.70 ? 187 NDP X O2N 1 
HETATM 1560 O O5D . NDP B 2 .   ? 8.880   -0.806  -6.493  1.00 22.32 ? 187 NDP X O5D 1 
HETATM 1561 C C5D . NDP B 2 .   ? 8.483   -1.391  -7.764  1.00 22.48 ? 187 NDP X C5D 1 
HETATM 1562 C C4D . NDP B 2 .   ? 8.650   -2.919  -7.600  1.00 22.03 ? 187 NDP X C4D 1 
HETATM 1563 O O4D . NDP B 2 .   ? 7.940   -3.380  -6.388  1.00 19.67 ? 187 NDP X O4D 1 
HETATM 1564 C C3D . NDP B 2 .   ? 8.044   -3.670  -8.786  1.00 22.14 ? 187 NDP X C3D 1 
HETATM 1565 O O3D . NDP B 2 .   ? 8.783   -4.892  -8.896  1.00 20.89 ? 187 NDP X O3D 1 
HETATM 1566 C C2D . NDP B 2 .   ? 6.613   -3.932  -8.297  1.00 23.24 ? 187 NDP X C2D 1 
HETATM 1567 O O2D . NDP B 2 .   ? 6.026   -5.074  -8.966  1.00 26.44 ? 187 NDP X O2D 1 
HETATM 1568 C C1D . NDP B 2 .   ? 6.876   -4.255  -6.810  1.00 20.98 ? 187 NDP X C1D 1 
HETATM 1569 N N1N . NDP B 2 .   ? 5.789   -3.940  -5.844  1.00 19.59 ? 187 NDP X N1N 1 
HETATM 1570 C C2N . NDP B 2 .   ? 5.404   -4.986  -4.968  1.00 19.74 ? 187 NDP X C2N 1 
HETATM 1571 C C3N . NDP B 2 .   ? 4.408   -4.758  -4.019  1.00 17.80 ? 187 NDP X C3N 1 
HETATM 1572 C C7N . NDP B 2 .   ? 3.997   -5.875  -3.065  1.00 16.69 ? 187 NDP X C7N 1 
HETATM 1573 O O7N . NDP B 2 .   ? 3.221   -5.618  -2.166  1.00 15.86 ? 187 NDP X O7N 1 
HETATM 1574 N N7N . NDP B 2 .   ? 4.495   -7.101  -3.265  1.00 18.80 ? 187 NDP X N7N 1 
HETATM 1575 C C4N . NDP B 2 .   ? 3.798   -3.477  -3.941  1.00 18.54 ? 187 NDP X C4N 1 
HETATM 1576 C C5N . NDP B 2 .   ? 4.184   -2.428  -4.803  1.00 14.63 ? 187 NDP X C5N 1 
HETATM 1577 C C6N . NDP B 2 .   ? 5.197   -2.642  -5.745  1.00 16.65 ? 187 NDP X C6N 1 
HETATM 1578 P P2B . NDP B 2 .   ? 11.317  9.086   -10.328 1.00 15.31 ? 187 NDP X P2B 1 
HETATM 1579 O O1X . NDP B 2 .   ? 11.719  10.455  -9.702  1.00 11.83 ? 187 NDP X O1X 1 
HETATM 1580 O O2X . NDP B 2 .   ? 10.242  9.314   -11.386 1.00 13.58 ? 187 NDP X O2X 1 
HETATM 1581 O O3X . NDP B 2 .   ? 12.499  8.240   -10.683 1.00 14.80 ? 187 NDP X O3X 1 
HETATM 1582 C C1  . GOL C 3 .   ? 0.969   -4.143  -1.874  1.00 35.91 ? 188 GOL X C1  1 
HETATM 1583 O O1  . GOL C 3 .   ? 0.824   -2.978  -2.542  1.00 34.15 ? 188 GOL X O1  1 
HETATM 1584 C C2  . GOL C 3 .   ? -0.136  -5.057  -2.260  1.00 37.67 ? 188 GOL X C2  1 
HETATM 1585 O O2  . GOL C 3 .   ? 0.039   -5.627  -3.544  1.00 40.16 ? 188 GOL X O2  1 
HETATM 1586 C C3  . GOL C 3 .   ? -0.520  -6.043  -1.181  1.00 36.22 ? 188 GOL X C3  1 
HETATM 1587 O O3  . GOL C 3 .   ? -0.745  -7.131  -1.998  1.00 33.73 ? 188 GOL X O3  1 
HETATM 1588 C C1  . GOL D 3 .   ? -5.131  -10.950 11.256  1.00 34.62 ? 189 GOL X C1  1 
HETATM 1589 O O1  . GOL D 3 .   ? -6.524  -10.972 11.511  1.00 35.91 ? 189 GOL X O1  1 
HETATM 1590 C C2  . GOL D 3 .   ? -4.520  -10.442 12.547  1.00 34.95 ? 189 GOL X C2  1 
HETATM 1591 O O2  . GOL D 3 .   ? -4.850  -9.085  12.751  1.00 37.46 ? 189 GOL X O2  1 
HETATM 1592 C C3  . GOL D 3 .   ? -3.018  -10.488 12.575  1.00 32.41 ? 189 GOL X C3  1 
HETATM 1593 O O3  . GOL D 3 .   ? -2.724  -9.139  12.719  1.00 26.19 ? 189 GOL X O3  1 
HETATM 1594 O O   . HOH E 4 .   ? 4.783   18.172  -5.017  1.00 10.73 ? 190 HOH X O   1 
HETATM 1595 O O   . HOH E 4 .   ? -2.782  -7.695  5.839   1.00 7.79  ? 191 HOH X O   1 
HETATM 1596 O O   . HOH E 4 .   ? -0.132  6.493   -17.016 1.00 16.25 ? 192 HOH X O   1 
HETATM 1597 O O   . HOH E 4 .   ? -1.656  -7.365  3.242   1.00 13.77 ? 193 HOH X O   1 
HETATM 1598 O O   . HOH E 4 .   ? -12.611 4.179   -2.034  1.00 13.92 ? 194 HOH X O   1 
HETATM 1599 O O   . HOH E 4 .   ? 8.459   23.098  -2.342  1.00 9.97  ? 195 HOH X O   1 
HETATM 1600 O O   . HOH E 4 .   ? -1.759  -18.926 -12.611 1.00 22.37 ? 196 HOH X O   1 
HETATM 1601 O O   . HOH E 4 .   ? -0.944  16.939  -9.561  1.00 12.61 ? 197 HOH X O   1 
HETATM 1602 O O   . HOH E 4 .   ? -5.660  -22.671 -6.338  1.00 20.18 ? 198 HOH X O   1 
HETATM 1603 O O   . HOH E 4 .   ? -5.048  -14.718 7.272   1.00 15.12 ? 199 HOH X O   1 
HETATM 1604 O O   . HOH E 4 .   ? -10.817 -0.817  4.176   1.00 11.22 ? 200 HOH X O   1 
HETATM 1605 O O   . HOH E 4 .   ? 6.175   -14.482 4.653   1.00 15.91 ? 201 HOH X O   1 
HETATM 1606 O O   . HOH E 4 .   ? -14.917 -7.454  11.713  1.00 16.11 ? 202 HOH X O   1 
HETATM 1607 O O   . HOH E 4 .   ? -12.041 -7.584  -3.807  1.00 13.79 ? 203 HOH X O   1 
HETATM 1608 O O   . HOH E 4 .   ? 8.499   3.168   -14.632 1.00 21.01 ? 204 HOH X O   1 
HETATM 1609 O O   . HOH E 4 .   ? 7.918   16.006  -9.970  1.00 19.11 ? 205 HOH X O   1 
HETATM 1610 O O   . HOH E 4 .   ? -6.079  6.846   6.917   1.00 15.89 ? 206 HOH X O   1 
HETATM 1611 O O   . HOH E 4 .   ? -4.360  -15.513 -12.597 1.00 21.38 ? 207 HOH X O   1 
HETATM 1612 O O   . HOH E 4 .   ? -9.778  -1.157  6.683   1.00 21.09 ? 208 HOH X O   1 
HETATM 1613 O O   . HOH E 4 .   ? 14.008  10.322  -8.166  1.00 19.17 ? 209 HOH X O   1 
HETATM 1614 O O   . HOH E 4 .   ? -7.272  -15.381 0.223   1.00 17.08 ? 210 HOH X O   1 
HETATM 1615 O O   . HOH E 4 .   ? -8.569  16.588  4.073   1.00 23.92 ? 211 HOH X O   1 
HETATM 1616 O O   . HOH E 4 .   ? -8.277  -13.000 -0.208  1.00 18.52 ? 212 HOH X O   1 
HETATM 1617 O O   . HOH E 4 .   ? -18.011 1.889   8.112   1.00 16.01 ? 213 HOH X O   1 
HETATM 1618 O O   . HOH E 4 .   ? 7.692   -12.529 5.462   1.00 16.15 ? 214 HOH X O   1 
HETATM 1619 O O   . HOH E 4 .   ? 9.428   -9.350  9.335   1.00 22.96 ? 215 HOH X O   1 
HETATM 1620 O O   . HOH E 4 .   ? -14.349 -6.991  14.450  1.00 15.68 ? 216 HOH X O   1 
HETATM 1621 O O   . HOH E 4 .   ? 11.481  2.653   -3.891  1.00 25.99 ? 217 HOH X O   1 
HETATM 1622 O O   . HOH E 4 .   ? -6.125  2.567   -18.124 1.00 28.41 ? 218 HOH X O   1 
HETATM 1623 O O   . HOH E 4 .   ? 14.599  -2.826  -1.815  1.00 22.56 ? 219 HOH X O   1 
HETATM 1624 O O   . HOH E 4 .   ? 0.669   -2.086  -19.245 1.00 22.24 ? 220 HOH X O   1 
HETATM 1625 O O   . HOH E 4 .   ? 11.055  7.462   -0.612  1.00 24.22 ? 221 HOH X O   1 
HETATM 1626 O O   . HOH E 4 .   ? 0.791   0.454   19.129  1.00 35.83 ? 222 HOH X O   1 
HETATM 1627 O O   . HOH E 4 .   ? -0.732  18.494  -6.817  1.00 27.24 ? 223 HOH X O   1 
HETATM 1628 O O   . HOH E 4 .   ? -2.942  -14.231 10.187  1.00 25.36 ? 224 HOH X O   1 
HETATM 1629 O O   . HOH E 4 .   ? -5.431  -21.415 9.496   1.00 22.60 ? 225 HOH X O   1 
HETATM 1630 O O   . HOH E 4 .   ? 2.055   -24.449 -7.328  1.00 22.84 ? 226 HOH X O   1 
HETATM 1631 O O   . HOH E 4 .   ? -7.233  4.870   8.671   1.00 26.30 ? 227 HOH X O   1 
HETATM 1632 O O   . HOH E 4 .   ? -17.008 0.129   5.921   1.00 22.77 ? 228 HOH X O   1 
HETATM 1633 O O   . HOH E 4 .   ? 9.676   12.242  0.476   1.00 19.80 ? 229 HOH X O   1 
HETATM 1634 O O   . HOH E 4 .   ? -7.864  -10.545 -8.374  1.00 24.63 ? 230 HOH X O   1 
HETATM 1635 O O   . HOH E 4 .   ? -3.611  -24.305 -3.776  1.00 25.43 ? 231 HOH X O   1 
HETATM 1636 O O   . HOH E 4 .   ? 11.751  16.452  -15.510 1.00 28.17 ? 232 HOH X O   1 
HETATM 1637 O O   . HOH E 4 .   ? -4.883  8.502   14.432  1.00 34.02 ? 233 HOH X O   1 
HETATM 1638 O O   . HOH E 4 .   ? 12.696  2.825   6.856   1.00 25.52 ? 234 HOH X O   1 
HETATM 1639 O O   . HOH E 4 .   ? 12.206  4.214   10.628  1.00 38.15 ? 235 HOH X O   1 
HETATM 1640 O O   . HOH E 4 .   ? 10.707  -11.669 9.043   1.00 31.16 ? 236 HOH X O   1 
HETATM 1641 O O   . HOH E 4 .   ? 3.500   -22.138 0.300   1.00 23.90 ? 237 HOH X O   1 
HETATM 1642 O O   . HOH E 4 .   ? 11.814  -17.938 -6.873  1.00 30.65 ? 238 HOH X O   1 
HETATM 1643 O O   . HOH E 4 .   ? 1.461   19.669  -1.161  1.00 17.59 ? 239 HOH X O   1 
HETATM 1644 O O   . HOH E 4 .   ? 5.922   14.591  -17.161 1.00 28.01 ? 240 HOH X O   1 
HETATM 1645 O O   . HOH E 4 .   ? -11.453 -2.959  8.106   1.00 23.92 ? 241 HOH X O   1 
HETATM 1646 O O   . HOH E 4 .   ? 4.629   2.569   18.638  1.00 37.04 ? 242 HOH X O   1 
HETATM 1647 O O   . HOH E 4 .   ? -6.667  -18.231 -1.759  1.00 20.67 ? 243 HOH X O   1 
HETATM 1648 O O   . HOH E 4 .   ? -13.873 11.576  -3.483  1.00 24.58 ? 244 HOH X O   1 
HETATM 1649 O O   . HOH E 4 .   ? -0.286  -11.379 -7.096  1.00 22.09 ? 245 HOH X O   1 
HETATM 1650 O O   . HOH E 4 .   ? -13.455 19.906  -2.622  1.00 22.13 ? 246 HOH X O   1 
HETATM 1651 O O   . HOH E 4 .   ? 11.056  -7.532  9.651   1.00 25.18 ? 247 HOH X O   1 
HETATM 1652 O O   . HOH E 4 .   ? -5.675  10.077  -22.558 1.00 40.58 ? 248 HOH X O   1 
HETATM 1653 O O   . HOH E 4 .   ? -5.396  -17.072 -10.164 1.00 38.65 ? 249 HOH X O   1 
HETATM 1654 O O   . HOH E 4 .   ? 15.879  -13.300 -3.784  1.00 29.66 ? 250 HOH X O   1 
HETATM 1655 O O   . HOH E 4 .   ? 7.856   0.399   -13.497 1.00 22.18 ? 251 HOH X O   1 
HETATM 1656 O O   . HOH E 4 .   ? -9.151  1.736   -14.035 1.00 25.34 ? 252 HOH X O   1 
HETATM 1657 O O   . HOH E 4 .   ? -14.273 -4.682  3.903   1.00 22.55 ? 253 HOH X O   1 
HETATM 1658 O O   . HOH E 4 .   ? -25.403 2.426   1.922   1.00 26.64 ? 254 HOH X O   1 
HETATM 1659 O O   . HOH E 4 .   ? -7.773  23.365  -4.505  1.00 12.30 ? 255 HOH X O   1 
HETATM 1660 O O   . HOH E 4 .   ? 1.663   19.384  -13.244 1.00 28.13 ? 256 HOH X O   1 
HETATM 1661 O O   . HOH E 4 .   ? 14.652  6.553   4.758   1.00 34.04 ? 257 HOH X O   1 
HETATM 1662 O O   . HOH E 4 .   ? -4.866  23.819  -0.545  1.00 17.16 ? 258 HOH X O   1 
HETATM 1663 O O   . HOH E 4 .   ? -16.829 -4.175  3.912   1.00 28.26 ? 259 HOH X O   1 
HETATM 1664 O O   . HOH E 4 .   ? -9.310  0.269   8.668   1.00 38.65 ? 260 HOH X O   1 
HETATM 1665 O O   . HOH E 4 .   ? -7.445  -20.862 1.130   1.00 21.59 ? 261 HOH X O   1 
HETATM 1666 O O   . HOH E 4 .   ? -7.523  15.296  -9.806  1.00 26.77 ? 262 HOH X O   1 
HETATM 1667 O O   . HOH E 4 .   ? 11.222  4.797   15.472  1.00 36.85 ? 263 HOH X O   1 
HETATM 1668 O O   . HOH E 4 .   ? -4.839  -16.880 -15.929 1.00 21.63 ? 264 HOH X O   1 
HETATM 1669 O O   . HOH E 4 .   ? 1.230   8.660   -18.653 1.00 28.66 ? 265 HOH X O   1 
HETATM 1670 O O   . HOH E 4 .   ? 10.844  -14.682 -8.744  1.00 26.95 ? 266 HOH X O   1 
HETATM 1671 O O   . HOH E 4 .   ? 1.081   18.185  -10.904 1.00 21.90 ? 267 HOH X O   1 
HETATM 1672 O O   . HOH E 4 .   ? 15.285  -2.142  6.706   1.00 29.81 ? 268 HOH X O   1 
HETATM 1673 O O   . HOH E 4 .   ? -11.840 -2.074  -6.238  1.00 22.26 ? 269 HOH X O   1 
HETATM 1674 O O   . HOH E 4 .   ? 10.173  1.615   11.282  1.00 32.96 ? 270 HOH X O   1 
HETATM 1675 O O   . HOH E 4 .   ? -1.857  -9.986  -9.026  1.00 28.75 ? 271 HOH X O   1 
HETATM 1676 O O   . HOH E 4 .   ? -9.748  -17.404 -15.133 1.00 35.06 ? 272 HOH X O   1 
# 
loop_
_pdbx_poly_seq_scheme.asym_id 
_pdbx_poly_seq_scheme.entity_id 
_pdbx_poly_seq_scheme.seq_id 
_pdbx_poly_seq_scheme.mon_id 
_pdbx_poly_seq_scheme.ndb_seq_num 
_pdbx_poly_seq_scheme.pdb_seq_num 
_pdbx_poly_seq_scheme.auth_seq_num 
_pdbx_poly_seq_scheme.pdb_mon_id 
_pdbx_poly_seq_scheme.auth_mon_id 
_pdbx_poly_seq_scheme.pdb_strand_id 
_pdbx_poly_seq_scheme.pdb_ins_code 
_pdbx_poly_seq_scheme.hetero 
A 1 1   VAL 1   1   1   VAL VAL X . n 
A 1 2   ARG 2   2   2   ARG ARG X . n 
A 1 3   PRO 3   3   3   PRO PRO X . n 
A 1 4   LEU 4   4   4   LEU LEU X . n 
A 1 5   ASN 5   5   5   ASN ASN X . n 
A 1 6   CYS 6   6   6   CYS CYS X . n 
A 1 7   ILE 7   7   7   ILE ILE X . n 
A 1 8   VAL 8   8   8   VAL VAL X . n 
A 1 9   ALA 9   9   9   ALA ALA X . n 
A 1 10  VAL 10  10  10  VAL VAL X . n 
A 1 11  SER 11  11  11  SER SER X . n 
A 1 12  GLN 12  12  12  GLN GLN X . n 
A 1 13  ASN 13  13  13  ASN ASN X . n 
A 1 14  MET 14  14  14  MET MET X . n 
A 1 15  GLY 15  15  15  GLY GLY X . n 
A 1 16  ILE 16  16  16  ILE ILE X . n 
A 1 17  GLY 17  17  17  GLY GLY X . n 
A 1 18  LYS 18  18  18  LYS LYS X . n 
A 1 19  ASN 19  19  19  ASN ASN X . n 
A 1 20  GLY 20  20  20  GLY GLY X . n 
A 1 21  ASP 21  21  21  ASP ASP X . n 
A 1 22  LEU 22  22  22  LEU LEU X . n 
A 1 23  PRO 23  23  23  PRO PRO X . n 
A 1 24  TRP 24  24  24  TRP TRP X . n 
A 1 25  PRO 25  25  25  PRO PRO X . n 
A 1 26  PRO 26  26  26  PRO PRO X . n 
A 1 27  LEU 27  27  27  LEU LEU X . n 
A 1 28  ARG 28  28  28  ARG ARG X . n 
A 1 29  ASN 29  29  29  ASN ASN X . n 
A 1 30  GLU 30  30  30  GLU GLU X . n 
A 1 31  PHE 31  31  31  PHE PHE X . n 
A 1 32  LYS 32  32  32  LYS LYS X . n 
A 1 33  TYR 33  33  33  TYR TYR X . n 
A 1 34  PHE 34  34  34  PHE PHE X . n 
A 1 35  GLN 35  35  35  GLN GLN X . n 
A 1 36  ARG 36  36  36  ARG ARG X . n 
A 1 37  MET 37  37  37  MET MET X . n 
A 1 38  THR 38  38  38  THR THR X . n 
A 1 39  THR 39  39  39  THR THR X . n 
A 1 40  THR 40  40  40  THR THR X . n 
A 1 41  SER 41  41  41  SER SER X . n 
A 1 42  SER 42  42  42  SER SER X . n 
A 1 43  VAL 43  43  43  VAL VAL X . n 
A 1 44  GLU 44  44  44  GLU GLU X . n 
A 1 45  GLY 45  45  45  GLY GLY X . n 
A 1 46  LYS 46  46  46  LYS LYS X . n 
A 1 47  GLN 47  47  47  GLN GLN X . n 
A 1 48  ASN 48  48  48  ASN ASN X . n 
A 1 49  LEU 49  49  49  LEU LEU X . n 
A 1 50  VAL 50  50  50  VAL VAL X . n 
A 1 51  ILE 51  51  51  ILE ILE X . n 
A 1 52  MET 52  52  52  MET MET X . n 
A 1 53  GLY 53  53  53  GLY GLY X . n 
A 1 54  ARG 54  54  54  ARG ARG X . n 
A 1 55  LYS 55  55  55  LYS LYS X . n 
A 1 56  THR 56  56  56  THR THR X . n 
A 1 57  TRP 57  57  57  TRP TRP X . n 
A 1 58  PHE 58  58  58  PHE PHE X . n 
A 1 59  SER 59  59  59  SER SER X . n 
A 1 60  ILE 60  60  60  ILE ILE X . n 
A 1 61  PRO 61  61  61  PRO PRO X . n 
A 1 62  GLU 62  62  62  GLU GLU X . n 
A 1 63  LYS 63  63  63  LYS LYS X . n 
A 1 64  ASN 64  64  64  ASN ASN X . n 
A 1 65  ARG 65  65  65  ARG ARG X . n 
A 1 66  PRO 66  66  66  PRO PRO X . n 
A 1 67  LEU 67  67  67  LEU LEU X . n 
A 1 68  LYS 68  68  68  LYS LYS X . n 
A 1 69  ASP 69  69  69  ASP ASP X . n 
A 1 70  ARG 70  70  70  ARG ARG X . n 
A 1 71  ILE 71  71  71  ILE ILE X . n 
A 1 72  ASN 72  72  72  ASN ASN X . n 
A 1 73  ILE 73  73  73  ILE ILE X . n 
A 1 74  VAL 74  74  74  VAL VAL X . n 
A 1 75  LEU 75  75  75  LEU LEU X . n 
A 1 76  SER 76  76  76  SER SER X . n 
A 1 77  ARG 77  77  77  ARG ARG X . n 
A 1 78  GLU 78  78  78  GLU GLU X . n 
A 1 79  LEU 79  79  79  LEU LEU X . n 
A 1 80  LYS 80  80  80  LYS LYS X . n 
A 1 81  GLU 81  81  81  GLU GLU X . n 
A 1 82  PRO 82  82  82  PRO PRO X . n 
A 1 83  PRO 83  83  83  PRO PRO X . n 
A 1 84  ARG 84  84  84  ARG ARG X . n 
A 1 85  GLY 85  85  85  GLY GLY X . n 
A 1 86  ALA 86  86  86  ALA ALA X . n 
A 1 87  HIS 87  87  87  HIS HIS X . n 
A 1 88  PHE 88  88  88  PHE PHE X . n 
A 1 89  LEU 89  89  89  LEU LEU X . n 
A 1 90  ALA 90  90  90  ALA ALA X . n 
A 1 91  LYS 91  91  91  LYS LYS X . n 
A 1 92  SER 92  92  92  SER SER X . n 
A 1 93  LEU 93  93  93  LEU LEU X . n 
A 1 94  ASP 94  94  94  ASP ASP X . n 
A 1 95  ASP 95  95  95  ASP ASP X . n 
A 1 96  ALA 96  96  96  ALA ALA X . n 
A 1 97  LEU 97  97  97  LEU LEU X . n 
A 1 98  ARG 98  98  98  ARG ARG X . n 
A 1 99  LEU 99  99  99  LEU LEU X . n 
A 1 100 ILE 100 100 100 ILE ILE X . n 
A 1 101 GLU 101 101 101 GLU GLU X . n 
A 1 102 GLN 102 102 102 GLN GLN X . n 
A 1 103 PRO 103 103 103 PRO PRO X . n 
A 1 104 GLU 104 104 104 GLU GLU X . n 
A 1 105 LEU 105 105 105 LEU LEU X . n 
A 1 106 ALA 106 106 106 ALA ALA X . n 
A 1 107 SER 107 107 107 SER SER X . n 
A 1 108 LYS 108 108 108 LYS LYS X . n 
A 1 109 VAL 109 109 109 VAL VAL X . n 
A 1 110 ASP 110 110 110 ASP ASP X . n 
A 1 111 MET 111 111 111 MET MET X . n 
A 1 112 VAL 112 112 112 VAL VAL X . n 
A 1 113 TRP 113 113 113 TRP TRP X . n 
A 1 114 ILE 114 114 114 ILE ILE X . n 
A 1 115 VAL 115 115 115 VAL VAL X . n 
A 1 116 GLY 116 116 116 GLY GLY X . n 
A 1 117 GLY 117 117 117 GLY GLY X . n 
A 1 118 SER 118 118 118 SER SER X . n 
A 1 119 SER 119 119 119 SER SER X . n 
A 1 120 VAL 120 120 120 VAL VAL X . n 
A 1 121 TYR 121 121 121 TYR TYR X . n 
A 1 122 GLN 122 122 122 GLN GLN X . n 
A 1 123 GLU 123 123 123 GLU GLU X . n 
A 1 124 ALA 124 124 124 ALA ALA X . n 
A 1 125 MET 125 125 125 MET MET X . n 
A 1 126 ASN 126 126 126 ASN ASN X . n 
A 1 127 GLN 127 127 127 GLN GLN X . n 
A 1 128 PRO 128 128 128 PRO PRO X . n 
A 1 129 GLY 129 129 129 GLY GLY X . n 
A 1 130 HIS 130 130 130 HIS HIS X . n 
A 1 131 LEU 131 131 131 LEU LEU X . n 
A 1 132 ARG 132 132 132 ARG ARG X . n 
A 1 133 LEU 133 133 133 LEU LEU X . n 
A 1 134 PHE 134 134 134 PHE PHE X . n 
A 1 135 VAL 135 135 135 VAL VAL X . n 
A 1 136 THR 136 136 136 THR THR X . n 
A 1 137 ARG 137 137 137 ARG ARG X . n 
A 1 138 ILE 138 138 138 ILE ILE X . n 
A 1 139 MET 139 139 139 MET MET X . n 
A 1 140 GLN 140 140 140 GLN GLN X . n 
A 1 141 GLU 141 141 141 GLU GLU X . n 
A 1 142 PHE 142 142 142 PHE PHE X . n 
A 1 143 GLU 143 143 143 GLU GLU X . n 
A 1 144 SER 144 144 144 SER SER X . n 
A 1 145 ASP 145 145 145 ASP ASP X . n 
A 1 146 THR 146 146 146 THR THR X . n 
A 1 147 PHE 147 147 147 PHE PHE X . n 
A 1 148 PHE 148 148 148 PHE PHE X . n 
A 1 149 PRO 149 149 149 PRO PRO X . n 
A 1 150 GLU 150 150 150 GLU GLU X . n 
A 1 151 ILE 151 151 151 ILE ILE X . n 
A 1 152 ASP 152 152 152 ASP ASP X . n 
A 1 153 LEU 153 153 153 LEU LEU X . n 
A 1 154 GLY 154 154 154 GLY GLY X . n 
A 1 155 LYS 155 155 155 LYS LYS X . n 
A 1 156 TYR 156 156 156 TYR TYR X . n 
A 1 157 LYS 157 157 157 LYS LYS X . n 
A 1 158 LEU 158 158 158 LEU LEU X . n 
A 1 159 LEU 159 159 159 LEU LEU X . n 
A 1 160 PRO 160 160 160 PRO PRO X . n 
A 1 161 GLU 161 161 161 GLU GLU X . n 
A 1 162 TYR 162 162 162 TYR TYR X . n 
A 1 163 PRO 163 163 163 PRO PRO X . n 
A 1 164 GLY 164 164 164 GLY GLY X . n 
A 1 165 VAL 165 165 165 VAL VAL X . n 
A 1 166 LEU 166 166 166 LEU LEU X . n 
A 1 167 SER 167 167 167 SER SER X . n 
A 1 168 GLU 168 168 168 GLU GLU X . n 
A 1 169 VAL 169 169 169 VAL VAL X . n 
A 1 170 GLN 170 170 170 GLN GLN X . n 
A 1 171 GLU 171 171 171 GLU GLU X . n 
A 1 172 GLU 172 172 172 GLU GLU X . n 
A 1 173 LYS 173 173 173 LYS LYS X . n 
A 1 174 GLY 174 174 174 GLY GLY X . n 
A 1 175 ILE 175 175 175 ILE ILE X . n 
A 1 176 LYS 176 176 176 LYS LYS X . n 
A 1 177 TYR 177 177 177 TYR TYR X . n 
A 1 178 LYS 178 178 178 LYS LYS X . n 
A 1 179 PHE 179 179 179 PHE PHE X . n 
A 1 180 GLU 180 180 180 GLU GLU X . n 
A 1 181 VAL 181 181 181 VAL VAL X . n 
A 1 182 TYR 182 182 182 TYR TYR X . n 
A 1 183 GLU 183 183 183 GLU GLU X . n 
A 1 184 LYS 184 184 184 LYS LYS X . n 
A 1 185 LYS 185 185 185 LYS LYS X . n 
A 1 186 ASP 186 186 186 ASP ASP X . n 
# 
loop_
_pdbx_nonpoly_scheme.asym_id 
_pdbx_nonpoly_scheme.entity_id 
_pdbx_nonpoly_scheme.mon_id 
_pdbx_nonpoly_scheme.ndb_seq_num 
_pdbx_nonpoly_scheme.pdb_seq_num 
_pdbx_nonpoly_scheme.auth_seq_num 
_pdbx_nonpoly_scheme.pdb_mon_id 
_pdbx_nonpoly_scheme.auth_mon_id 
_pdbx_nonpoly_scheme.pdb_strand_id 
_pdbx_nonpoly_scheme.pdb_ins_code 
B 2 NDP 1  187 1  NDP NDP X . 
C 3 GOL 1  188 1  GOL GOL X . 
D 3 GOL 1  189 1  GOL GOL X . 
E 4 HOH 1  190 1  HOH HOH X . 
E 4 HOH 2  191 2  HOH HOH X . 
E 4 HOH 3  192 3  HOH HOH X . 
E 4 HOH 4  193 4  HOH HOH X . 
E 4 HOH 5  194 5  HOH HOH X . 
E 4 HOH 6  195 7  HOH HOH X . 
E 4 HOH 7  196 8  HOH HOH X . 
E 4 HOH 8  197 9  HOH HOH X . 
E 4 HOH 9  198 10 HOH HOH X . 
E 4 HOH 10 199 11 HOH HOH X . 
E 4 HOH 11 200 12 HOH HOH X . 
E 4 HOH 12 201 13 HOH HOH X . 
E 4 HOH 13 202 14 HOH HOH X . 
E 4 HOH 14 203 15 HOH HOH X . 
E 4 HOH 15 204 16 HOH HOH X . 
E 4 HOH 16 205 17 HOH HOH X . 
E 4 HOH 17 206 18 HOH HOH X . 
E 4 HOH 18 207 19 HOH HOH X . 
E 4 HOH 19 208 20 HOH HOH X . 
E 4 HOH 20 209 21 HOH HOH X . 
E 4 HOH 21 210 22 HOH HOH X . 
E 4 HOH 22 211 23 HOH HOH X . 
E 4 HOH 23 212 24 HOH HOH X . 
E 4 HOH 24 213 25 HOH HOH X . 
E 4 HOH 25 214 26 HOH HOH X . 
E 4 HOH 26 215 27 HOH HOH X . 
E 4 HOH 27 216 28 HOH HOH X . 
E 4 HOH 28 217 29 HOH HOH X . 
E 4 HOH 29 218 30 HOH HOH X . 
E 4 HOH 30 219 31 HOH HOH X . 
E 4 HOH 31 220 32 HOH HOH X . 
E 4 HOH 32 221 33 HOH HOH X . 
E 4 HOH 33 222 34 HOH HOH X . 
E 4 HOH 34 223 35 HOH HOH X . 
E 4 HOH 35 224 36 HOH HOH X . 
E 4 HOH 36 225 37 HOH HOH X . 
E 4 HOH 37 226 38 HOH HOH X . 
E 4 HOH 38 227 39 HOH HOH X . 
E 4 HOH 39 228 40 HOH HOH X . 
E 4 HOH 40 229 41 HOH HOH X . 
E 4 HOH 41 230 42 HOH HOH X . 
E 4 HOH 42 231 43 HOH HOH X . 
E 4 HOH 43 232 44 HOH HOH X . 
E 4 HOH 44 233 45 HOH HOH X . 
E 4 HOH 45 234 46 HOH HOH X . 
E 4 HOH 46 235 47 HOH HOH X . 
E 4 HOH 47 236 48 HOH HOH X . 
E 4 HOH 48 237 50 HOH HOH X . 
E 4 HOH 49 238 51 HOH HOH X . 
E 4 HOH 50 239 53 HOH HOH X . 
E 4 HOH 51 240 54 HOH HOH X . 
E 4 HOH 52 241 55 HOH HOH X . 
E 4 HOH 53 242 57 HOH HOH X . 
E 4 HOH 54 243 58 HOH HOH X . 
E 4 HOH 55 244 59 HOH HOH X . 
E 4 HOH 56 245 60 HOH HOH X . 
E 4 HOH 57 246 61 HOH HOH X . 
E 4 HOH 58 247 62 HOH HOH X . 
E 4 HOH 59 248 63 HOH HOH X . 
E 4 HOH 60 249 64 HOH HOH X . 
E 4 HOH 61 250 65 HOH HOH X . 
E 4 HOH 62 251 66 HOH HOH X . 
E 4 HOH 63 252 67 HOH HOH X . 
E 4 HOH 64 253 68 HOH HOH X . 
E 4 HOH 65 254 69 HOH HOH X . 
E 4 HOH 66 255 70 HOH HOH X . 
E 4 HOH 67 256 71 HOH HOH X . 
E 4 HOH 68 257 72 HOH HOH X . 
E 4 HOH 69 258 73 HOH HOH X . 
E 4 HOH 70 259 74 HOH HOH X . 
E 4 HOH 71 260 75 HOH HOH X . 
E 4 HOH 72 261 76 HOH HOH X . 
E 4 HOH 73 262 77 HOH HOH X . 
E 4 HOH 74 263 78 HOH HOH X . 
E 4 HOH 75 264 79 HOH HOH X . 
E 4 HOH 76 265 80 HOH HOH X . 
E 4 HOH 77 266 81 HOH HOH X . 
E 4 HOH 78 267 82 HOH HOH X . 
E 4 HOH 79 268 83 HOH HOH X . 
E 4 HOH 80 269 84 HOH HOH X . 
E 4 HOH 81 270 85 HOH HOH X . 
E 4 HOH 82 271 86 HOH HOH X . 
E 4 HOH 83 272 87 HOH HOH X . 
# 
_pdbx_struct_assembly.id                   1 
_pdbx_struct_assembly.details              author_and_software_defined_assembly 
_pdbx_struct_assembly.method_details       PISA 
_pdbx_struct_assembly.oligomeric_details   monomeric 
_pdbx_struct_assembly.oligomeric_count     1 
# 
_pdbx_struct_assembly_gen.assembly_id       1 
_pdbx_struct_assembly_gen.oper_expression   1 
_pdbx_struct_assembly_gen.asym_id_list      A,B,C,D,E 
# 
_pdbx_struct_oper_list.id                   1 
_pdbx_struct_oper_list.type                 'identity operation' 
_pdbx_struct_oper_list.name                 1_555 
_pdbx_struct_oper_list.symmetry_operation   x,y,z 
_pdbx_struct_oper_list.matrix[1][1]         1.0000000000 
_pdbx_struct_oper_list.matrix[1][2]         0.0000000000 
_pdbx_struct_oper_list.matrix[1][3]         0.0000000000 
_pdbx_struct_oper_list.vector[1]            0.0000000000 
_pdbx_struct_oper_list.matrix[2][1]         0.0000000000 
_pdbx_struct_oper_list.matrix[2][2]         1.0000000000 
_pdbx_struct_oper_list.matrix[2][3]         0.0000000000 
_pdbx_struct_oper_list.vector[2]            0.0000000000 
_pdbx_struct_oper_list.matrix[3][1]         0.0000000000 
_pdbx_struct_oper_list.matrix[3][2]         0.0000000000 
_pdbx_struct_oper_list.matrix[3][3]         1.0000000000 
_pdbx_struct_oper_list.vector[3]            0.0000000000 
# 
loop_
_pdbx_audit_revision_history.ordinal 
_pdbx_audit_revision_history.data_content_type 
_pdbx_audit_revision_history.major_revision 
_pdbx_audit_revision_history.minor_revision 
_pdbx_audit_revision_history.revision_date 
1 'Structure model' 1 0 2008-09-23 
2 'Structure model' 1 1 2011-07-13 
3 'Structure model' 1 2 2013-11-20 
4 'Structure model' 1 3 2018-01-24 
5 'Structure model' 1 4 2023-08-30 
# 
_pdbx_audit_revision_details.ordinal             1 
_pdbx_audit_revision_details.revision_ordinal    1 
_pdbx_audit_revision_details.data_content_type   'Structure model' 
_pdbx_audit_revision_details.provider            repository 
_pdbx_audit_revision_details.type                'Initial release' 
_pdbx_audit_revision_details.description         ? 
_pdbx_audit_revision_details.details             ? 
# 
loop_
_pdbx_audit_revision_group.ordinal 
_pdbx_audit_revision_group.revision_ordinal 
_pdbx_audit_revision_group.data_content_type 
_pdbx_audit_revision_group.group 
1 2 'Structure model' 'Non-polymer description'   
2 2 'Structure model' 'Version format compliance' 
3 3 'Structure model' 'Non-polymer description'   
4 4 'Structure model' 'Structure summary'         
5 5 'Structure model' 'Data collection'           
6 5 'Structure model' 'Database references'       
7 5 'Structure model' 'Derived calculations'      
8 5 'Structure model' 'Refinement description'    
# 
loop_
_pdbx_audit_revision_category.ordinal 
_pdbx_audit_revision_category.revision_ordinal 
_pdbx_audit_revision_category.data_content_type 
_pdbx_audit_revision_category.category 
1 4 'Structure model' audit_author                  
2 5 'Structure model' chem_comp_atom                
3 5 'Structure model' chem_comp_bond                
4 5 'Structure model' database_2                    
5 5 'Structure model' pdbx_initial_refinement_model 
6 5 'Structure model' struct_site                   
# 
loop_
_pdbx_audit_revision_item.ordinal 
_pdbx_audit_revision_item.revision_ordinal 
_pdbx_audit_revision_item.data_content_type 
_pdbx_audit_revision_item.item 
1 4 'Structure model' '_audit_author.name'                  
2 5 'Structure model' '_database_2.pdbx_DOI'                
3 5 'Structure model' '_database_2.pdbx_database_accession' 
4 5 'Structure model' '_struct_site.pdbx_auth_asym_id'      
5 5 'Structure model' '_struct_site.pdbx_auth_comp_id'      
6 5 'Structure model' '_struct_site.pdbx_auth_seq_id'       
# 
loop_
_software.name 
_software.classification 
_software.version 
_software.citation_id 
_software.pdbx_ordinal 
REFMAC       refinement        5.2.0019 ? 1 
CrystalClear 'data collection' .        ? 2 
HKL-2000     'data reduction'  .        ? 3 
SCALEPACK    'data scaling'    .        ? 4 
CNS          phasing           .        ? 5 
# 
_pdbx_validate_rmsd_bond.id                        1 
_pdbx_validate_rmsd_bond.PDB_model_num             1 
_pdbx_validate_rmsd_bond.auth_atom_id_1            CG 
_pdbx_validate_rmsd_bond.auth_asym_id_1            X 
_pdbx_validate_rmsd_bond.auth_comp_id_1            ARG 
_pdbx_validate_rmsd_bond.auth_seq_id_1             54 
_pdbx_validate_rmsd_bond.PDB_ins_code_1            ? 
_pdbx_validate_rmsd_bond.label_alt_id_1            B 
_pdbx_validate_rmsd_bond.auth_atom_id_2            CD 
_pdbx_validate_rmsd_bond.auth_asym_id_2            X 
_pdbx_validate_rmsd_bond.auth_comp_id_2            ARG 
_pdbx_validate_rmsd_bond.auth_seq_id_2             54 
_pdbx_validate_rmsd_bond.PDB_ins_code_2            ? 
_pdbx_validate_rmsd_bond.label_alt_id_2            B 
_pdbx_validate_rmsd_bond.bond_value                1.345 
_pdbx_validate_rmsd_bond.bond_target_value         1.515 
_pdbx_validate_rmsd_bond.bond_deviation            -0.170 
_pdbx_validate_rmsd_bond.bond_standard_deviation   0.025 
_pdbx_validate_rmsd_bond.linker_flag               N 
# 
loop_
_pdbx_validate_rmsd_angle.id 
_pdbx_validate_rmsd_angle.PDB_model_num 
_pdbx_validate_rmsd_angle.auth_atom_id_1 
_pdbx_validate_rmsd_angle.auth_asym_id_1 
_pdbx_validate_rmsd_angle.auth_comp_id_1 
_pdbx_validate_rmsd_angle.auth_seq_id_1 
_pdbx_validate_rmsd_angle.PDB_ins_code_1 
_pdbx_validate_rmsd_angle.label_alt_id_1 
_pdbx_validate_rmsd_angle.auth_atom_id_2 
_pdbx_validate_rmsd_angle.auth_asym_id_2 
_pdbx_validate_rmsd_angle.auth_comp_id_2 
_pdbx_validate_rmsd_angle.auth_seq_id_2 
_pdbx_validate_rmsd_angle.PDB_ins_code_2 
_pdbx_validate_rmsd_angle.label_alt_id_2 
_pdbx_validate_rmsd_angle.auth_atom_id_3 
_pdbx_validate_rmsd_angle.auth_asym_id_3 
_pdbx_validate_rmsd_angle.auth_comp_id_3 
_pdbx_validate_rmsd_angle.auth_seq_id_3 
_pdbx_validate_rmsd_angle.PDB_ins_code_3 
_pdbx_validate_rmsd_angle.label_alt_id_3 
_pdbx_validate_rmsd_angle.angle_value 
_pdbx_validate_rmsd_angle.angle_target_value 
_pdbx_validate_rmsd_angle.angle_deviation 
_pdbx_validate_rmsd_angle.angle_standard_deviation 
_pdbx_validate_rmsd_angle.linker_flag 
1 1 NE X ARG 54 ? A CZ X ARG 54 ? A NH1 X ARG 54 ? A 124.12 120.30 3.82  0.50 N 
2 1 NE X ARG 54 ? B CZ X ARG 54 ? B NH1 X ARG 54 ? B 116.31 120.30 -3.99 0.50 N 
3 1 NE X ARG 54 ? A CZ X ARG 54 ? A NH2 X ARG 54 ? A 115.40 120.30 -4.90 0.50 N 
4 1 CA X LEU 89 ? ? CB X LEU 89 ? ? CG  X LEU 89 ? ? 129.49 115.30 14.19 2.30 N 
# 
loop_
_pdbx_validate_torsion.id 
_pdbx_validate_torsion.PDB_model_num 
_pdbx_validate_torsion.auth_comp_id 
_pdbx_validate_torsion.auth_asym_id 
_pdbx_validate_torsion.auth_seq_id 
_pdbx_validate_torsion.PDB_ins_code 
_pdbx_validate_torsion.label_alt_id 
_pdbx_validate_torsion.phi 
_pdbx_validate_torsion.psi 
1 1 ARG X 2   ? ? -147.50 -50.67 
2 1 ASP X 110 ? ? -102.04 -97.25 
# 
_pdbx_validate_peptide_omega.id               1 
_pdbx_validate_peptide_omega.PDB_model_num    1 
_pdbx_validate_peptide_omega.auth_comp_id_1   GLY 
_pdbx_validate_peptide_omega.auth_asym_id_1   X 
_pdbx_validate_peptide_omega.auth_seq_id_1    116 
_pdbx_validate_peptide_omega.PDB_ins_code_1   ? 
_pdbx_validate_peptide_omega.label_alt_id_1   ? 
_pdbx_validate_peptide_omega.auth_comp_id_2   GLY 
_pdbx_validate_peptide_omega.auth_asym_id_2   X 
_pdbx_validate_peptide_omega.auth_seq_id_2    117 
_pdbx_validate_peptide_omega.PDB_ins_code_2   ? 
_pdbx_validate_peptide_omega.label_alt_id_2   ? 
_pdbx_validate_peptide_omega.omega            -120.03 
# 
_pdbx_validate_chiral.id              1 
_pdbx_validate_chiral.PDB_model_num   1 
_pdbx_validate_chiral.auth_atom_id    C2B 
_pdbx_validate_chiral.label_alt_id    ? 
_pdbx_validate_chiral.auth_asym_id    X 
_pdbx_validate_chiral.auth_comp_id    NDP 
_pdbx_validate_chiral.auth_seq_id     187 
_pdbx_validate_chiral.PDB_ins_code    ? 
_pdbx_validate_chiral.details         'WRONG HAND' 
_pdbx_validate_chiral.omega           . 
# 
loop_
_chem_comp_atom.comp_id 
_chem_comp_atom.atom_id 
_chem_comp_atom.type_symbol 
_chem_comp_atom.pdbx_aromatic_flag 
_chem_comp_atom.pdbx_stereo_config 
_chem_comp_atom.pdbx_ordinal 
ALA N    N N N 1   
ALA CA   C N S 2   
ALA C    C N N 3   
ALA O    O N N 4   
ALA CB   C N N 5   
ALA OXT  O N N 6   
ALA H    H N N 7   
ALA H2   H N N 8   
ALA HA   H N N 9   
ALA HB1  H N N 10  
ALA HB2  H N N 11  
ALA HB3  H N N 12  
ALA HXT  H N N 13  
ARG N    N N N 14  
ARG CA   C N S 15  
ARG C    C N N 16  
ARG O    O N N 17  
ARG CB   C N N 18  
ARG CG   C N N 19  
ARG CD   C N N 20  
ARG NE   N N N 21  
ARG CZ   C N N 22  
ARG NH1  N N N 23  
ARG NH2  N N N 24  
ARG OXT  O N N 25  
ARG H    H N N 26  
ARG H2   H N N 27  
ARG HA   H N N 28  
ARG HB2  H N N 29  
ARG HB3  H N N 30  
ARG HG2  H N N 31  
ARG HG3  H N N 32  
ARG HD2  H N N 33  
ARG HD3  H N N 34  
ARG HE   H N N 35  
ARG HH11 H N N 36  
ARG HH12 H N N 37  
ARG HH21 H N N 38  
ARG HH22 H N N 39  
ARG HXT  H N N 40  
ASN N    N N N 41  
ASN CA   C N S 42  
ASN C    C N N 43  
ASN O    O N N 44  
ASN CB   C N N 45  
ASN CG   C N N 46  
ASN OD1  O N N 47  
ASN ND2  N N N 48  
ASN OXT  O N N 49  
ASN H    H N N 50  
ASN H2   H N N 51  
ASN HA   H N N 52  
ASN HB2  H N N 53  
ASN HB3  H N N 54  
ASN HD21 H N N 55  
ASN HD22 H N N 56  
ASN HXT  H N N 57  
ASP N    N N N 58  
ASP CA   C N S 59  
ASP C    C N N 60  
ASP O    O N N 61  
ASP CB   C N N 62  
ASP CG   C N N 63  
ASP OD1  O N N 64  
ASP OD2  O N N 65  
ASP OXT  O N N 66  
ASP H    H N N 67  
ASP H2   H N N 68  
ASP HA   H N N 69  
ASP HB2  H N N 70  
ASP HB3  H N N 71  
ASP HD2  H N N 72  
ASP HXT  H N N 73  
CYS N    N N N 74  
CYS CA   C N R 75  
CYS C    C N N 76  
CYS O    O N N 77  
CYS CB   C N N 78  
CYS SG   S N N 79  
CYS OXT  O N N 80  
CYS H    H N N 81  
CYS H2   H N N 82  
CYS HA   H N N 83  
CYS HB2  H N N 84  
CYS HB3  H N N 85  
CYS HG   H N N 86  
CYS HXT  H N N 87  
GLN N    N N N 88  
GLN CA   C N S 89  
GLN C    C N N 90  
GLN O    O N N 91  
GLN CB   C N N 92  
GLN CG   C N N 93  
GLN CD   C N N 94  
GLN OE1  O N N 95  
GLN NE2  N N N 96  
GLN OXT  O N N 97  
GLN H    H N N 98  
GLN H2   H N N 99  
GLN HA   H N N 100 
GLN HB2  H N N 101 
GLN HB3  H N N 102 
GLN HG2  H N N 103 
GLN HG3  H N N 104 
GLN HE21 H N N 105 
GLN HE22 H N N 106 
GLN HXT  H N N 107 
GLU N    N N N 108 
GLU CA   C N S 109 
GLU C    C N N 110 
GLU O    O N N 111 
GLU CB   C N N 112 
GLU CG   C N N 113 
GLU CD   C N N 114 
GLU OE1  O N N 115 
GLU OE2  O N N 116 
GLU OXT  O N N 117 
GLU H    H N N 118 
GLU H2   H N N 119 
GLU HA   H N N 120 
GLU HB2  H N N 121 
GLU HB3  H N N 122 
GLU HG2  H N N 123 
GLU HG3  H N N 124 
GLU HE2  H N N 125 
GLU HXT  H N N 126 
GLY N    N N N 127 
GLY CA   C N N 128 
GLY C    C N N 129 
GLY O    O N N 130 
GLY OXT  O N N 131 
GLY H    H N N 132 
GLY H2   H N N 133 
GLY HA2  H N N 134 
GLY HA3  H N N 135 
GLY HXT  H N N 136 
GOL C1   C N N 137 
GOL O1   O N N 138 
GOL C2   C N N 139 
GOL O2   O N N 140 
GOL C3   C N N 141 
GOL O3   O N N 142 
GOL H11  H N N 143 
GOL H12  H N N 144 
GOL HO1  H N N 145 
GOL H2   H N N 146 
GOL HO2  H N N 147 
GOL H31  H N N 148 
GOL H32  H N N 149 
GOL HO3  H N N 150 
HIS N    N N N 151 
HIS CA   C N S 152 
HIS C    C N N 153 
HIS O    O N N 154 
HIS CB   C N N 155 
HIS CG   C Y N 156 
HIS ND1  N Y N 157 
HIS CD2  C Y N 158 
HIS CE1  C Y N 159 
HIS NE2  N Y N 160 
HIS OXT  O N N 161 
HIS H    H N N 162 
HIS H2   H N N 163 
HIS HA   H N N 164 
HIS HB2  H N N 165 
HIS HB3  H N N 166 
HIS HD1  H N N 167 
HIS HD2  H N N 168 
HIS HE1  H N N 169 
HIS HE2  H N N 170 
HIS HXT  H N N 171 
HOH O    O N N 172 
HOH H1   H N N 173 
HOH H2   H N N 174 
ILE N    N N N 175 
ILE CA   C N S 176 
ILE C    C N N 177 
ILE O    O N N 178 
ILE CB   C N S 179 
ILE CG1  C N N 180 
ILE CG2  C N N 181 
ILE CD1  C N N 182 
ILE OXT  O N N 183 
ILE H    H N N 184 
ILE H2   H N N 185 
ILE HA   H N N 186 
ILE HB   H N N 187 
ILE HG12 H N N 188 
ILE HG13 H N N 189 
ILE HG21 H N N 190 
ILE HG22 H N N 191 
ILE HG23 H N N 192 
ILE HD11 H N N 193 
ILE HD12 H N N 194 
ILE HD13 H N N 195 
ILE HXT  H N N 196 
LEU N    N N N 197 
LEU CA   C N S 198 
LEU C    C N N 199 
LEU O    O N N 200 
LEU CB   C N N 201 
LEU CG   C N N 202 
LEU CD1  C N N 203 
LEU CD2  C N N 204 
LEU OXT  O N N 205 
LEU H    H N N 206 
LEU H2   H N N 207 
LEU HA   H N N 208 
LEU HB2  H N N 209 
LEU HB3  H N N 210 
LEU HG   H N N 211 
LEU HD11 H N N 212 
LEU HD12 H N N 213 
LEU HD13 H N N 214 
LEU HD21 H N N 215 
LEU HD22 H N N 216 
LEU HD23 H N N 217 
LEU HXT  H N N 218 
LYS N    N N N 219 
LYS CA   C N S 220 
LYS C    C N N 221 
LYS O    O N N 222 
LYS CB   C N N 223 
LYS CG   C N N 224 
LYS CD   C N N 225 
LYS CE   C N N 226 
LYS NZ   N N N 227 
LYS OXT  O N N 228 
LYS H    H N N 229 
LYS H2   H N N 230 
LYS HA   H N N 231 
LYS HB2  H N N 232 
LYS HB3  H N N 233 
LYS HG2  H N N 234 
LYS HG3  H N N 235 
LYS HD2  H N N 236 
LYS HD3  H N N 237 
LYS HE2  H N N 238 
LYS HE3  H N N 239 
LYS HZ1  H N N 240 
LYS HZ2  H N N 241 
LYS HZ3  H N N 242 
LYS HXT  H N N 243 
MET N    N N N 244 
MET CA   C N S 245 
MET C    C N N 246 
MET O    O N N 247 
MET CB   C N N 248 
MET CG   C N N 249 
MET SD   S N N 250 
MET CE   C N N 251 
MET OXT  O N N 252 
MET H    H N N 253 
MET H2   H N N 254 
MET HA   H N N 255 
MET HB2  H N N 256 
MET HB3  H N N 257 
MET HG2  H N N 258 
MET HG3  H N N 259 
MET HE1  H N N 260 
MET HE2  H N N 261 
MET HE3  H N N 262 
MET HXT  H N N 263 
NDP PA   P N S 264 
NDP O1A  O N N 265 
NDP O2A  O N N 266 
NDP O5B  O N N 267 
NDP C5B  C N N 268 
NDP C4B  C N R 269 
NDP O4B  O N N 270 
NDP C3B  C N R 271 
NDP O3B  O N N 272 
NDP C2B  C N R 273 
NDP O2B  O N N 274 
NDP C1B  C N R 275 
NDP N9A  N Y N 276 
NDP C8A  C Y N 277 
NDP N7A  N Y N 278 
NDP C5A  C Y N 279 
NDP C6A  C Y N 280 
NDP N6A  N N N 281 
NDP N1A  N Y N 282 
NDP C2A  C Y N 283 
NDP N3A  N Y N 284 
NDP C4A  C Y N 285 
NDP O3   O N N 286 
NDP PN   P N S 287 
NDP O1N  O N N 288 
NDP O2N  O N N 289 
NDP O5D  O N N 290 
NDP C5D  C N N 291 
NDP C4D  C N R 292 
NDP O4D  O N N 293 
NDP C3D  C N S 294 
NDP O3D  O N N 295 
NDP C2D  C N R 296 
NDP O2D  O N N 297 
NDP C1D  C N R 298 
NDP N1N  N N N 299 
NDP C2N  C N N 300 
NDP C3N  C N N 301 
NDP C7N  C N N 302 
NDP O7N  O N N 303 
NDP N7N  N N N 304 
NDP C4N  C N N 305 
NDP C5N  C N N 306 
NDP C6N  C N N 307 
NDP P2B  P N N 308 
NDP O1X  O N N 309 
NDP O2X  O N N 310 
NDP O3X  O N N 311 
NDP HOA2 H N N 312 
NDP H51A H N N 313 
NDP H52A H N N 314 
NDP H4B  H N N 315 
NDP H3B  H N N 316 
NDP HO3A H N N 317 
NDP H2B  H N N 318 
NDP H1B  H N N 319 
NDP H8A  H N N 320 
NDP H61A H N N 321 
NDP H62A H N N 322 
NDP H2A  H N N 323 
NDP H21N H N N 324 
NDP H51N H N N 325 
NDP H52N H N N 326 
NDP H4D  H N N 327 
NDP H3D  H N N 328 
NDP HO3N H N N 329 
NDP H2D  H N N 330 
NDP HO2N H N N 331 
NDP H1D  H N N 332 
NDP H2N  H N N 333 
NDP H71N H N N 334 
NDP H72N H N N 335 
NDP H41N H N N 336 
NDP H42N H N N 337 
NDP H5N  H N N 338 
NDP H6N  H N N 339 
NDP HOP2 H N N 340 
NDP HOP3 H N N 341 
PHE N    N N N 342 
PHE CA   C N S 343 
PHE C    C N N 344 
PHE O    O N N 345 
PHE CB   C N N 346 
PHE CG   C Y N 347 
PHE CD1  C Y N 348 
PHE CD2  C Y N 349 
PHE CE1  C Y N 350 
PHE CE2  C Y N 351 
PHE CZ   C Y N 352 
PHE OXT  O N N 353 
PHE H    H N N 354 
PHE H2   H N N 355 
PHE HA   H N N 356 
PHE HB2  H N N 357 
PHE HB3  H N N 358 
PHE HD1  H N N 359 
PHE HD2  H N N 360 
PHE HE1  H N N 361 
PHE HE2  H N N 362 
PHE HZ   H N N 363 
PHE HXT  H N N 364 
PRO N    N N N 365 
PRO CA   C N S 366 
PRO C    C N N 367 
PRO O    O N N 368 
PRO CB   C N N 369 
PRO CG   C N N 370 
PRO CD   C N N 371 
PRO OXT  O N N 372 
PRO H    H N N 373 
PRO HA   H N N 374 
PRO HB2  H N N 375 
PRO HB3  H N N 376 
PRO HG2  H N N 377 
PRO HG3  H N N 378 
PRO HD2  H N N 379 
PRO HD3  H N N 380 
PRO HXT  H N N 381 
SER N    N N N 382 
SER CA   C N S 383 
SER C    C N N 384 
SER O    O N N 385 
SER CB   C N N 386 
SER OG   O N N 387 
SER OXT  O N N 388 
SER H    H N N 389 
SER H2   H N N 390 
SER HA   H N N 391 
SER HB2  H N N 392 
SER HB3  H N N 393 
SER HG   H N N 394 
SER HXT  H N N 395 
THR N    N N N 396 
THR CA   C N S 397 
THR C    C N N 398 
THR O    O N N 399 
THR CB   C N R 400 
THR OG1  O N N 401 
THR CG2  C N N 402 
THR OXT  O N N 403 
THR H    H N N 404 
THR H2   H N N 405 
THR HA   H N N 406 
THR HB   H N N 407 
THR HG1  H N N 408 
THR HG21 H N N 409 
THR HG22 H N N 410 
THR HG23 H N N 411 
THR HXT  H N N 412 
TRP N    N N N 413 
TRP CA   C N S 414 
TRP C    C N N 415 
TRP O    O N N 416 
TRP CB   C N N 417 
TRP CG   C Y N 418 
TRP CD1  C Y N 419 
TRP CD2  C Y N 420 
TRP NE1  N Y N 421 
TRP CE2  C Y N 422 
TRP CE3  C Y N 423 
TRP CZ2  C Y N 424 
TRP CZ3  C Y N 425 
TRP CH2  C Y N 426 
TRP OXT  O N N 427 
TRP H    H N N 428 
TRP H2   H N N 429 
TRP HA   H N N 430 
TRP HB2  H N N 431 
TRP HB3  H N N 432 
TRP HD1  H N N 433 
TRP HE1  H N N 434 
TRP HE3  H N N 435 
TRP HZ2  H N N 436 
TRP HZ3  H N N 437 
TRP HH2  H N N 438 
TRP HXT  H N N 439 
TYR N    N N N 440 
TYR CA   C N S 441 
TYR C    C N N 442 
TYR O    O N N 443 
TYR CB   C N N 444 
TYR CG   C Y N 445 
TYR CD1  C Y N 446 
TYR CD2  C Y N 447 
TYR CE1  C Y N 448 
TYR CE2  C Y N 449 
TYR CZ   C Y N 450 
TYR OH   O N N 451 
TYR OXT  O N N 452 
TYR H    H N N 453 
TYR H2   H N N 454 
TYR HA   H N N 455 
TYR HB2  H N N 456 
TYR HB3  H N N 457 
TYR HD1  H N N 458 
TYR HD2  H N N 459 
TYR HE1  H N N 460 
TYR HE2  H N N 461 
TYR HH   H N N 462 
TYR HXT  H N N 463 
VAL N    N N N 464 
VAL CA   C N S 465 
VAL C    C N N 466 
VAL O    O N N 467 
VAL CB   C N N 468 
VAL CG1  C N N 469 
VAL CG2  C N N 470 
VAL OXT  O N N 471 
VAL H    H N N 472 
VAL H2   H N N 473 
VAL HA   H N N 474 
VAL HB   H N N 475 
VAL HG11 H N N 476 
VAL HG12 H N N 477 
VAL HG13 H N N 478 
VAL HG21 H N N 479 
VAL HG22 H N N 480 
VAL HG23 H N N 481 
VAL HXT  H N N 482 
# 
loop_
_chem_comp_bond.comp_id 
_chem_comp_bond.atom_id_1 
_chem_comp_bond.atom_id_2 
_chem_comp_bond.value_order 
_chem_comp_bond.pdbx_aromatic_flag 
_chem_comp_bond.pdbx_stereo_config 
_chem_comp_bond.pdbx_ordinal 
ALA N   CA   sing N N 1   
ALA N   H    sing N N 2   
ALA N   H2   sing N N 3   
ALA CA  C    sing N N 4   
ALA CA  CB   sing N N 5   
ALA CA  HA   sing N N 6   
ALA C   O    doub N N 7   
ALA C   OXT  sing N N 8   
ALA CB  HB1  sing N N 9   
ALA CB  HB2  sing N N 10  
ALA CB  HB3  sing N N 11  
ALA OXT HXT  sing N N 12  
ARG N   CA   sing N N 13  
ARG N   H    sing N N 14  
ARG N   H2   sing N N 15  
ARG CA  C    sing N N 16  
ARG CA  CB   sing N N 17  
ARG CA  HA   sing N N 18  
ARG C   O    doub N N 19  
ARG C   OXT  sing N N 20  
ARG CB  CG   sing N N 21  
ARG CB  HB2  sing N N 22  
ARG CB  HB3  sing N N 23  
ARG CG  CD   sing N N 24  
ARG CG  HG2  sing N N 25  
ARG CG  HG3  sing N N 26  
ARG CD  NE   sing N N 27  
ARG CD  HD2  sing N N 28  
ARG CD  HD3  sing N N 29  
ARG NE  CZ   sing N N 30  
ARG NE  HE   sing N N 31  
ARG CZ  NH1  sing N N 32  
ARG CZ  NH2  doub N N 33  
ARG NH1 HH11 sing N N 34  
ARG NH1 HH12 sing N N 35  
ARG NH2 HH21 sing N N 36  
ARG NH2 HH22 sing N N 37  
ARG OXT HXT  sing N N 38  
ASN N   CA   sing N N 39  
ASN N   H    sing N N 40  
ASN N   H2   sing N N 41  
ASN CA  C    sing N N 42  
ASN CA  CB   sing N N 43  
ASN CA  HA   sing N N 44  
ASN C   O    doub N N 45  
ASN C   OXT  sing N N 46  
ASN CB  CG   sing N N 47  
ASN CB  HB2  sing N N 48  
ASN CB  HB3  sing N N 49  
ASN CG  OD1  doub N N 50  
ASN CG  ND2  sing N N 51  
ASN ND2 HD21 sing N N 52  
ASN ND2 HD22 sing N N 53  
ASN OXT HXT  sing N N 54  
ASP N   CA   sing N N 55  
ASP N   H    sing N N 56  
ASP N   H2   sing N N 57  
ASP CA  C    sing N N 58  
ASP CA  CB   sing N N 59  
ASP CA  HA   sing N N 60  
ASP C   O    doub N N 61  
ASP C   OXT  sing N N 62  
ASP CB  CG   sing N N 63  
ASP CB  HB2  sing N N 64  
ASP CB  HB3  sing N N 65  
ASP CG  OD1  doub N N 66  
ASP CG  OD2  sing N N 67  
ASP OD2 HD2  sing N N 68  
ASP OXT HXT  sing N N 69  
CYS N   CA   sing N N 70  
CYS N   H    sing N N 71  
CYS N   H2   sing N N 72  
CYS CA  C    sing N N 73  
CYS CA  CB   sing N N 74  
CYS CA  HA   sing N N 75  
CYS C   O    doub N N 76  
CYS C   OXT  sing N N 77  
CYS CB  SG   sing N N 78  
CYS CB  HB2  sing N N 79  
CYS CB  HB3  sing N N 80  
CYS SG  HG   sing N N 81  
CYS OXT HXT  sing N N 82  
GLN N   CA   sing N N 83  
GLN N   H    sing N N 84  
GLN N   H2   sing N N 85  
GLN CA  C    sing N N 86  
GLN CA  CB   sing N N 87  
GLN CA  HA   sing N N 88  
GLN C   O    doub N N 89  
GLN C   OXT  sing N N 90  
GLN CB  CG   sing N N 91  
GLN CB  HB2  sing N N 92  
GLN CB  HB3  sing N N 93  
GLN CG  CD   sing N N 94  
GLN CG  HG2  sing N N 95  
GLN CG  HG3  sing N N 96  
GLN CD  OE1  doub N N 97  
GLN CD  NE2  sing N N 98  
GLN NE2 HE21 sing N N 99  
GLN NE2 HE22 sing N N 100 
GLN OXT HXT  sing N N 101 
GLU N   CA   sing N N 102 
GLU N   H    sing N N 103 
GLU N   H2   sing N N 104 
GLU CA  C    sing N N 105 
GLU CA  CB   sing N N 106 
GLU CA  HA   sing N N 107 
GLU C   O    doub N N 108 
GLU C   OXT  sing N N 109 
GLU CB  CG   sing N N 110 
GLU CB  HB2  sing N N 111 
GLU CB  HB3  sing N N 112 
GLU CG  CD   sing N N 113 
GLU CG  HG2  sing N N 114 
GLU CG  HG3  sing N N 115 
GLU CD  OE1  doub N N 116 
GLU CD  OE2  sing N N 117 
GLU OE2 HE2  sing N N 118 
GLU OXT HXT  sing N N 119 
GLY N   CA   sing N N 120 
GLY N   H    sing N N 121 
GLY N   H2   sing N N 122 
GLY CA  C    sing N N 123 
GLY CA  HA2  sing N N 124 
GLY CA  HA3  sing N N 125 
GLY C   O    doub N N 126 
GLY C   OXT  sing N N 127 
GLY OXT HXT  sing N N 128 
GOL C1  O1   sing N N 129 
GOL C1  C2   sing N N 130 
GOL C1  H11  sing N N 131 
GOL C1  H12  sing N N 132 
GOL O1  HO1  sing N N 133 
GOL C2  O2   sing N N 134 
GOL C2  C3   sing N N 135 
GOL C2  H2   sing N N 136 
GOL O2  HO2  sing N N 137 
GOL C3  O3   sing N N 138 
GOL C3  H31  sing N N 139 
GOL C3  H32  sing N N 140 
GOL O3  HO3  sing N N 141 
HIS N   CA   sing N N 142 
HIS N   H    sing N N 143 
HIS N   H2   sing N N 144 
HIS CA  C    sing N N 145 
HIS CA  CB   sing N N 146 
HIS CA  HA   sing N N 147 
HIS C   O    doub N N 148 
HIS C   OXT  sing N N 149 
HIS CB  CG   sing N N 150 
HIS CB  HB2  sing N N 151 
HIS CB  HB3  sing N N 152 
HIS CG  ND1  sing Y N 153 
HIS CG  CD2  doub Y N 154 
HIS ND1 CE1  doub Y N 155 
HIS ND1 HD1  sing N N 156 
HIS CD2 NE2  sing Y N 157 
HIS CD2 HD2  sing N N 158 
HIS CE1 NE2  sing Y N 159 
HIS CE1 HE1  sing N N 160 
HIS NE2 HE2  sing N N 161 
HIS OXT HXT  sing N N 162 
HOH O   H1   sing N N 163 
HOH O   H2   sing N N 164 
ILE N   CA   sing N N 165 
ILE N   H    sing N N 166 
ILE N   H2   sing N N 167 
ILE CA  C    sing N N 168 
ILE CA  CB   sing N N 169 
ILE CA  HA   sing N N 170 
ILE C   O    doub N N 171 
ILE C   OXT  sing N N 172 
ILE CB  CG1  sing N N 173 
ILE CB  CG2  sing N N 174 
ILE CB  HB   sing N N 175 
ILE CG1 CD1  sing N N 176 
ILE CG1 HG12 sing N N 177 
ILE CG1 HG13 sing N N 178 
ILE CG2 HG21 sing N N 179 
ILE CG2 HG22 sing N N 180 
ILE CG2 HG23 sing N N 181 
ILE CD1 HD11 sing N N 182 
ILE CD1 HD12 sing N N 183 
ILE CD1 HD13 sing N N 184 
ILE OXT HXT  sing N N 185 
LEU N   CA   sing N N 186 
LEU N   H    sing N N 187 
LEU N   H2   sing N N 188 
LEU CA  C    sing N N 189 
LEU CA  CB   sing N N 190 
LEU CA  HA   sing N N 191 
LEU C   O    doub N N 192 
LEU C   OXT  sing N N 193 
LEU CB  CG   sing N N 194 
LEU CB  HB2  sing N N 195 
LEU CB  HB3  sing N N 196 
LEU CG  CD1  sing N N 197 
LEU CG  CD2  sing N N 198 
LEU CG  HG   sing N N 199 
LEU CD1 HD11 sing N N 200 
LEU CD1 HD12 sing N N 201 
LEU CD1 HD13 sing N N 202 
LEU CD2 HD21 sing N N 203 
LEU CD2 HD22 sing N N 204 
LEU CD2 HD23 sing N N 205 
LEU OXT HXT  sing N N 206 
LYS N   CA   sing N N 207 
LYS N   H    sing N N 208 
LYS N   H2   sing N N 209 
LYS CA  C    sing N N 210 
LYS CA  CB   sing N N 211 
LYS CA  HA   sing N N 212 
LYS C   O    doub N N 213 
LYS C   OXT  sing N N 214 
LYS CB  CG   sing N N 215 
LYS CB  HB2  sing N N 216 
LYS CB  HB3  sing N N 217 
LYS CG  CD   sing N N 218 
LYS CG  HG2  sing N N 219 
LYS CG  HG3  sing N N 220 
LYS CD  CE   sing N N 221 
LYS CD  HD2  sing N N 222 
LYS CD  HD3  sing N N 223 
LYS CE  NZ   sing N N 224 
LYS CE  HE2  sing N N 225 
LYS CE  HE3  sing N N 226 
LYS NZ  HZ1  sing N N 227 
LYS NZ  HZ2  sing N N 228 
LYS NZ  HZ3  sing N N 229 
LYS OXT HXT  sing N N 230 
MET N   CA   sing N N 231 
MET N   H    sing N N 232 
MET N   H2   sing N N 233 
MET CA  C    sing N N 234 
MET CA  CB   sing N N 235 
MET CA  HA   sing N N 236 
MET C   O    doub N N 237 
MET C   OXT  sing N N 238 
MET CB  CG   sing N N 239 
MET CB  HB2  sing N N 240 
MET CB  HB3  sing N N 241 
MET CG  SD   sing N N 242 
MET CG  HG2  sing N N 243 
MET CG  HG3  sing N N 244 
MET SD  CE   sing N N 245 
MET CE  HE1  sing N N 246 
MET CE  HE2  sing N N 247 
MET CE  HE3  sing N N 248 
MET OXT HXT  sing N N 249 
NDP PA  O1A  doub N N 250 
NDP PA  O2A  sing N N 251 
NDP PA  O5B  sing N N 252 
NDP PA  O3   sing N N 253 
NDP O2A HOA2 sing N N 254 
NDP O5B C5B  sing N N 255 
NDP C5B C4B  sing N N 256 
NDP C5B H51A sing N N 257 
NDP C5B H52A sing N N 258 
NDP C4B O4B  sing N N 259 
NDP C4B C3B  sing N N 260 
NDP C4B H4B  sing N N 261 
NDP O4B C1B  sing N N 262 
NDP C3B O3B  sing N N 263 
NDP C3B C2B  sing N N 264 
NDP C3B H3B  sing N N 265 
NDP O3B HO3A sing N N 266 
NDP C2B O2B  sing N N 267 
NDP C2B C1B  sing N N 268 
NDP C2B H2B  sing N N 269 
NDP O2B P2B  sing N N 270 
NDP C1B N9A  sing N N 271 
NDP C1B H1B  sing N N 272 
NDP N9A C8A  sing Y N 273 
NDP N9A C4A  sing Y N 274 
NDP C8A N7A  doub Y N 275 
NDP C8A H8A  sing N N 276 
NDP N7A C5A  sing Y N 277 
NDP C5A C6A  sing Y N 278 
NDP C5A C4A  doub Y N 279 
NDP C6A N6A  sing N N 280 
NDP C6A N1A  doub Y N 281 
NDP N6A H61A sing N N 282 
NDP N6A H62A sing N N 283 
NDP N1A C2A  sing Y N 284 
NDP C2A N3A  doub Y N 285 
NDP C2A H2A  sing N N 286 
NDP N3A C4A  sing Y N 287 
NDP O3  PN   sing N N 288 
NDP PN  O1N  doub N N 289 
NDP PN  O2N  sing N N 290 
NDP PN  O5D  sing N N 291 
NDP O2N H21N sing N N 292 
NDP O5D C5D  sing N N 293 
NDP C5D C4D  sing N N 294 
NDP C5D H51N sing N N 295 
NDP C5D H52N sing N N 296 
NDP C4D O4D  sing N N 297 
NDP C4D C3D  sing N N 298 
NDP C4D H4D  sing N N 299 
NDP O4D C1D  sing N N 300 
NDP C3D O3D  sing N N 301 
NDP C3D C2D  sing N N 302 
NDP C3D H3D  sing N N 303 
NDP O3D HO3N sing N N 304 
NDP C2D O2D  sing N N 305 
NDP C2D C1D  sing N N 306 
NDP C2D H2D  sing N N 307 
NDP O2D HO2N sing N N 308 
NDP C1D N1N  sing N N 309 
NDP C1D H1D  sing N N 310 
NDP N1N C2N  sing N N 311 
NDP N1N C6N  sing N N 312 
NDP C2N C3N  doub N N 313 
NDP C2N H2N  sing N N 314 
NDP C3N C7N  sing N N 315 
NDP C3N C4N  sing N N 316 
NDP C7N O7N  doub N N 317 
NDP C7N N7N  sing N N 318 
NDP N7N H71N sing N N 319 
NDP N7N H72N sing N N 320 
NDP C4N C5N  sing N N 321 
NDP C4N H41N sing N N 322 
NDP C4N H42N sing N N 323 
NDP C5N C6N  doub N N 324 
NDP C5N H5N  sing N N 325 
NDP C6N H6N  sing N N 326 
NDP P2B O1X  doub N N 327 
NDP P2B O2X  sing N N 328 
NDP P2B O3X  sing N N 329 
NDP O2X HOP2 sing N N 330 
NDP O3X HOP3 sing N N 331 
PHE N   CA   sing N N 332 
PHE N   H    sing N N 333 
PHE N   H2   sing N N 334 
PHE CA  C    sing N N 335 
PHE CA  CB   sing N N 336 
PHE CA  HA   sing N N 337 
PHE C   O    doub N N 338 
PHE C   OXT  sing N N 339 
PHE CB  CG   sing N N 340 
PHE CB  HB2  sing N N 341 
PHE CB  HB3  sing N N 342 
PHE CG  CD1  doub Y N 343 
PHE CG  CD2  sing Y N 344 
PHE CD1 CE1  sing Y N 345 
PHE CD1 HD1  sing N N 346 
PHE CD2 CE2  doub Y N 347 
PHE CD2 HD2  sing N N 348 
PHE CE1 CZ   doub Y N 349 
PHE CE1 HE1  sing N N 350 
PHE CE2 CZ   sing Y N 351 
PHE CE2 HE2  sing N N 352 
PHE CZ  HZ   sing N N 353 
PHE OXT HXT  sing N N 354 
PRO N   CA   sing N N 355 
PRO N   CD   sing N N 356 
PRO N   H    sing N N 357 
PRO CA  C    sing N N 358 
PRO CA  CB   sing N N 359 
PRO CA  HA   sing N N 360 
PRO C   O    doub N N 361 
PRO C   OXT  sing N N 362 
PRO CB  CG   sing N N 363 
PRO CB  HB2  sing N N 364 
PRO CB  HB3  sing N N 365 
PRO CG  CD   sing N N 366 
PRO CG  HG2  sing N N 367 
PRO CG  HG3  sing N N 368 
PRO CD  HD2  sing N N 369 
PRO CD  HD3  sing N N 370 
PRO OXT HXT  sing N N 371 
SER N   CA   sing N N 372 
SER N   H    sing N N 373 
SER N   H2   sing N N 374 
SER CA  C    sing N N 375 
SER CA  CB   sing N N 376 
SER CA  HA   sing N N 377 
SER C   O    doub N N 378 
SER C   OXT  sing N N 379 
SER CB  OG   sing N N 380 
SER CB  HB2  sing N N 381 
SER CB  HB3  sing N N 382 
SER OG  HG   sing N N 383 
SER OXT HXT  sing N N 384 
THR N   CA   sing N N 385 
THR N   H    sing N N 386 
THR N   H2   sing N N 387 
THR CA  C    sing N N 388 
THR CA  CB   sing N N 389 
THR CA  HA   sing N N 390 
THR C   O    doub N N 391 
THR C   OXT  sing N N 392 
THR CB  OG1  sing N N 393 
THR CB  CG2  sing N N 394 
THR CB  HB   sing N N 395 
THR OG1 HG1  sing N N 396 
THR CG2 HG21 sing N N 397 
THR CG2 HG22 sing N N 398 
THR CG2 HG23 sing N N 399 
THR OXT HXT  sing N N 400 
TRP N   CA   sing N N 401 
TRP N   H    sing N N 402 
TRP N   H2   sing N N 403 
TRP CA  C    sing N N 404 
TRP CA  CB   sing N N 405 
TRP CA  HA   sing N N 406 
TRP C   O    doub N N 407 
TRP C   OXT  sing N N 408 
TRP CB  CG   sing N N 409 
TRP CB  HB2  sing N N 410 
TRP CB  HB3  sing N N 411 
TRP CG  CD1  doub Y N 412 
TRP CG  CD2  sing Y N 413 
TRP CD1 NE1  sing Y N 414 
TRP CD1 HD1  sing N N 415 
TRP CD2 CE2  doub Y N 416 
TRP CD2 CE3  sing Y N 417 
TRP NE1 CE2  sing Y N 418 
TRP NE1 HE1  sing N N 419 
TRP CE2 CZ2  sing Y N 420 
TRP CE3 CZ3  doub Y N 421 
TRP CE3 HE3  sing N N 422 
TRP CZ2 CH2  doub Y N 423 
TRP CZ2 HZ2  sing N N 424 
TRP CZ3 CH2  sing Y N 425 
TRP CZ3 HZ3  sing N N 426 
TRP CH2 HH2  sing N N 427 
TRP OXT HXT  sing N N 428 
TYR N   CA   sing N N 429 
TYR N   H    sing N N 430 
TYR N   H2   sing N N 431 
TYR CA  C    sing N N 432 
TYR CA  CB   sing N N 433 
TYR CA  HA   sing N N 434 
TYR C   O    doub N N 435 
TYR C   OXT  sing N N 436 
TYR CB  CG   sing N N 437 
TYR CB  HB2  sing N N 438 
TYR CB  HB3  sing N N 439 
TYR CG  CD1  doub Y N 440 
TYR CG  CD2  sing Y N 441 
TYR CD1 CE1  sing Y N 442 
TYR CD1 HD1  sing N N 443 
TYR CD2 CE2  doub Y N 444 
TYR CD2 HD2  sing N N 445 
TYR CE1 CZ   doub Y N 446 
TYR CE1 HE1  sing N N 447 
TYR CE2 CZ   sing Y N 448 
TYR CE2 HE2  sing N N 449 
TYR CZ  OH   sing N N 450 
TYR OH  HH   sing N N 451 
TYR OXT HXT  sing N N 452 
VAL N   CA   sing N N 453 
VAL N   H    sing N N 454 
VAL N   H2   sing N N 455 
VAL CA  C    sing N N 456 
VAL CA  CB   sing N N 457 
VAL CA  HA   sing N N 458 
VAL C   O    doub N N 459 
VAL C   OXT  sing N N 460 
VAL CB  CG1  sing N N 461 
VAL CB  CG2  sing N N 462 
VAL CB  HB   sing N N 463 
VAL CG1 HG11 sing N N 464 
VAL CG1 HG12 sing N N 465 
VAL CG1 HG13 sing N N 466 
VAL CG2 HG21 sing N N 467 
VAL CG2 HG22 sing N N 468 
VAL CG2 HG23 sing N N 469 
VAL OXT HXT  sing N N 470 
# 
loop_
_pdbx_entity_nonpoly.entity_id 
_pdbx_entity_nonpoly.name 
_pdbx_entity_nonpoly.comp_id 
2 'NADPH DIHYDRO-NICOTINAMIDE-ADENINE-DINUCLEOTIDE PHOSPHATE' NDP 
3 GLYCEROL                                                    GOL 
4 water                                                       HOH 
# 
_pdbx_initial_refinement_model.id               1 
_pdbx_initial_refinement_model.entity_id_list   ? 
_pdbx_initial_refinement_model.type             'experimental model' 
_pdbx_initial_refinement_model.source_name      PDB 
_pdbx_initial_refinement_model.accession_code   2FZJ 
_pdbx_initial_refinement_model.details          ? 
# 
